data_2GHF
#
_entry.id   2GHF
#
_cell.length_a   1.000
_cell.length_b   1.000
_cell.length_c   1.000
_cell.angle_alpha   90.00
_cell.angle_beta   90.00
_cell.angle_gamma   90.00
#
_symmetry.space_group_name_H-M   'P 1'
#
loop_
_entity.id
_entity.type
_entity.pdbx_description
1 polymer 'Zinc fingers and homeoboxes protein 1'
2 non-polymer 'ZINC ION'
#
_entity_poly.entity_id   1
_entity_poly.type   'polypeptide(L)'
_entity_poly.pdbx_seq_one_letter_code
;MAHHHHHHNQQNKKVEGGYECKYCTFQTPDLNMFTFHVDSEHPNVVLNSSYVCVECNFLTKRYDALSEHNLKYHPGEENF
KLTMVKRNNQTIFEQTINDLTF
;
_entity_poly.pdbx_strand_id   A
#
loop_
_chem_comp.id
_chem_comp.type
_chem_comp.name
_chem_comp.formula
ZN non-polymer 'ZINC ION' 'Zn 2'
#
# COMPACT_ATOMS: atom_id res chain seq x y z
N MET A 1 22.88 -12.53 17.82
CA MET A 1 22.59 -13.82 17.20
C MET A 1 22.95 -13.72 15.73
N ALA A 2 23.42 -14.80 15.12
CA ALA A 2 23.77 -14.81 13.71
C ALA A 2 22.52 -14.82 12.85
N HIS A 3 21.47 -15.44 13.43
CA HIS A 3 20.12 -15.58 12.88
C HIS A 3 19.96 -16.82 12.05
N HIS A 4 18.86 -17.47 12.26
CA HIS A 4 18.50 -18.68 11.57
C HIS A 4 17.32 -18.37 10.69
N HIS A 5 17.59 -18.09 9.44
CA HIS A 5 16.54 -17.76 8.52
C HIS A 5 15.76 -19.02 8.15
N HIS A 6 14.50 -18.98 8.42
CA HIS A 6 13.58 -20.05 8.13
C HIS A 6 12.19 -19.50 8.30
N HIS A 7 11.96 -18.94 9.45
CA HIS A 7 10.67 -18.39 9.79
C HIS A 7 10.54 -16.99 9.27
N HIS A 8 10.11 -16.93 8.05
CA HIS A 8 9.96 -15.74 7.25
C HIS A 8 9.28 -16.17 5.97
N ASN A 9 9.64 -17.38 5.55
CA ASN A 9 9.04 -18.00 4.36
C ASN A 9 7.55 -18.14 4.57
N GLN A 10 6.80 -17.46 3.72
CA GLN A 10 5.32 -17.46 3.72
C GLN A 10 4.71 -16.71 4.91
N GLN A 11 5.56 -16.18 5.77
CA GLN A 11 5.11 -15.32 6.84
C GLN A 11 4.90 -13.95 6.24
N ASN A 12 5.83 -13.61 5.40
CA ASN A 12 5.87 -12.34 4.74
C ASN A 12 5.61 -12.54 3.26
N LYS A 13 4.46 -12.08 2.80
CA LYS A 13 4.10 -12.12 1.38
C LYS A 13 4.74 -10.91 0.67
N LYS A 14 5.18 -9.95 1.50
CA LYS A 14 5.84 -8.73 1.08
C LYS A 14 4.90 -7.82 0.29
N VAL A 15 4.92 -7.99 -0.96
CA VAL A 15 4.11 -7.37 -1.90
C VAL A 15 4.63 -7.91 -3.22
N GLU A 16 3.76 -8.29 -4.08
CA GLU A 16 4.20 -8.88 -5.31
C GLU A 16 3.68 -8.14 -6.51
N GLY A 17 2.39 -8.00 -6.62
CA GLY A 17 1.84 -7.29 -7.71
C GLY A 17 0.44 -6.91 -7.46
N GLY A 18 0.30 -5.78 -6.88
CA GLY A 18 -1.00 -5.23 -6.63
C GLY A 18 -1.06 -4.43 -5.37
N TYR A 19 -2.21 -4.26 -4.86
CA TYR A 19 -2.40 -3.46 -3.69
C TYR A 19 -2.66 -4.34 -2.51
N GLU A 20 -1.69 -4.38 -1.62
CA GLU A 20 -1.81 -5.11 -0.40
C GLU A 20 -2.27 -4.14 0.65
N CYS A 21 -3.39 -4.42 1.27
CA CYS A 21 -3.85 -3.59 2.35
C CYS A 21 -2.94 -3.74 3.57
N LYS A 22 -2.90 -2.72 4.38
CA LYS A 22 -2.23 -2.77 5.66
C LYS A 22 -2.94 -3.77 6.61
N TYR A 23 -4.24 -3.84 6.46
CA TYR A 23 -5.11 -4.50 7.42
C TYR A 23 -5.47 -5.91 7.00
N CYS A 24 -5.08 -6.29 5.83
CA CYS A 24 -5.36 -7.62 5.37
C CYS A 24 -4.17 -8.14 4.60
N THR A 25 -4.06 -9.43 4.47
CA THR A 25 -2.96 -10.02 3.76
C THR A 25 -3.39 -10.47 2.37
N PHE A 26 -4.48 -9.90 1.91
CA PHE A 26 -5.01 -10.14 0.60
C PHE A 26 -4.62 -8.99 -0.31
N GLN A 27 -4.33 -9.29 -1.54
CA GLN A 27 -3.84 -8.31 -2.47
C GLN A 27 -4.51 -8.45 -3.83
N THR A 28 -4.79 -7.33 -4.44
CA THR A 28 -5.32 -7.30 -5.75
C THR A 28 -4.75 -6.09 -6.51
N PRO A 29 -4.20 -6.30 -7.69
CA PRO A 29 -3.74 -5.22 -8.57
C PRO A 29 -4.91 -4.44 -9.20
N ASP A 30 -6.10 -4.89 -8.95
CA ASP A 30 -7.27 -4.21 -9.42
C ASP A 30 -7.71 -3.25 -8.39
N LEU A 31 -7.56 -1.99 -8.68
CA LEU A 31 -7.95 -0.92 -7.79
C LEU A 31 -9.41 -1.08 -7.40
N ASN A 32 -10.26 -1.44 -8.36
CA ASN A 32 -11.66 -1.58 -8.10
C ASN A 32 -11.87 -2.65 -7.06
N MET A 33 -11.20 -3.77 -7.23
CA MET A 33 -11.35 -4.89 -6.30
C MET A 33 -10.72 -4.54 -4.98
N PHE A 34 -9.68 -3.73 -5.04
CA PHE A 34 -9.02 -3.28 -3.85
C PHE A 34 -9.97 -2.42 -3.04
N THR A 35 -10.49 -1.38 -3.65
CA THR A 35 -11.34 -0.47 -2.94
C THR A 35 -12.68 -1.11 -2.61
N PHE A 36 -13.09 -2.09 -3.42
CA PHE A 36 -14.31 -2.82 -3.17
C PHE A 36 -14.16 -3.64 -1.90
N HIS A 37 -13.13 -4.46 -1.82
CA HIS A 37 -12.96 -5.31 -0.65
C HIS A 37 -12.64 -4.44 0.57
N VAL A 38 -12.00 -3.31 0.32
CA VAL A 38 -11.70 -2.36 1.37
C VAL A 38 -12.98 -1.80 1.91
N ASP A 39 -13.81 -1.25 1.04
CA ASP A 39 -15.07 -0.62 1.45
C ASP A 39 -15.98 -1.64 2.13
N SER A 40 -15.82 -2.86 1.72
CA SER A 40 -16.60 -3.94 2.24
C SER A 40 -16.09 -4.37 3.62
N GLU A 41 -14.79 -4.60 3.76
CA GLU A 41 -14.26 -5.21 4.97
C GLU A 41 -13.58 -4.21 5.92
N HIS A 42 -12.97 -3.22 5.36
CA HIS A 42 -12.25 -2.22 6.12
C HIS A 42 -12.51 -0.80 5.59
N PRO A 43 -13.79 -0.34 5.58
CA PRO A 43 -14.18 0.96 5.01
C PRO A 43 -13.57 2.15 5.77
N ASN A 44 -13.46 2.02 7.07
CA ASN A 44 -12.85 3.07 7.86
C ASN A 44 -11.80 2.47 8.74
N VAL A 45 -10.60 2.72 8.40
CA VAL A 45 -9.49 2.22 9.13
C VAL A 45 -8.69 3.31 9.75
N VAL A 46 -8.51 3.19 11.04
CA VAL A 46 -7.74 4.11 11.80
C VAL A 46 -6.82 3.33 12.74
N LEU A 47 -5.53 3.67 12.80
CA LEU A 47 -4.65 2.95 13.68
C LEU A 47 -3.51 3.83 14.24
N ASN A 48 -2.33 3.81 13.61
CA ASN A 48 -1.18 4.58 14.14
C ASN A 48 -0.38 5.27 13.04
N SER A 49 0.51 4.55 12.37
CA SER A 49 1.31 5.13 11.31
C SER A 49 1.67 4.08 10.28
N SER A 50 1.54 4.41 9.01
CA SER A 50 1.75 3.53 7.91
C SER A 50 1.97 4.36 6.67
N TYR A 51 2.28 3.70 5.58
CA TYR A 51 2.52 4.34 4.33
C TYR A 51 1.48 3.93 3.31
N VAL A 52 1.08 4.89 2.54
CA VAL A 52 0.12 4.70 1.48
C VAL A 52 0.65 5.34 0.20
N CYS A 53 0.44 4.71 -0.90
CA CYS A 53 0.79 5.30 -2.17
C CYS A 53 -0.32 6.22 -2.51
N VAL A 54 -0.12 7.52 -2.38
CA VAL A 54 -1.16 8.53 -2.68
C VAL A 54 -1.65 8.37 -4.08
N GLU A 55 -0.74 7.94 -4.92
CA GLU A 55 -0.99 7.77 -6.32
C GLU A 55 -2.08 6.74 -6.52
N CYS A 56 -1.98 5.67 -5.76
CA CYS A 56 -2.92 4.55 -5.89
C CYS A 56 -3.95 4.55 -4.77
N ASN A 57 -3.70 5.38 -3.77
CA ASN A 57 -4.47 5.44 -2.53
C ASN A 57 -4.58 4.04 -1.89
N PHE A 58 -3.43 3.43 -1.63
CA PHE A 58 -3.41 2.07 -1.08
C PHE A 58 -2.46 2.02 0.10
N LEU A 59 -2.96 1.58 1.21
CA LEU A 59 -2.21 1.48 2.44
C LEU A 59 -1.70 0.09 2.58
N THR A 60 -0.47 -0.04 2.95
CA THR A 60 0.16 -1.32 3.10
C THR A 60 0.78 -1.40 4.48
N LYS A 61 1.14 -2.58 4.90
CA LYS A 61 1.63 -2.81 6.24
C LYS A 61 3.14 -2.61 6.32
N ARG A 62 3.75 -2.29 5.21
CA ARG A 62 5.18 -2.11 5.15
C ARG A 62 5.53 -0.96 4.23
N TYR A 63 6.53 -0.19 4.62
CA TYR A 63 7.00 0.98 3.85
C TYR A 63 7.62 0.51 2.52
N ASP A 64 8.03 -0.74 2.54
CA ASP A 64 8.72 -1.42 1.45
C ASP A 64 7.89 -1.47 0.20
N ALA A 65 6.62 -1.73 0.36
CA ALA A 65 5.72 -1.90 -0.78
C ALA A 65 5.60 -0.61 -1.59
N LEU A 66 5.88 0.50 -0.94
CA LEU A 66 5.90 1.82 -1.57
C LEU A 66 7.22 2.05 -2.27
N SER A 67 8.24 1.46 -1.73
CA SER A 67 9.57 1.57 -2.26
C SER A 67 9.73 0.74 -3.52
N GLU A 68 9.26 -0.45 -3.49
CA GLU A 68 9.30 -1.28 -4.68
C GLU A 68 8.25 -0.81 -5.68
N HIS A 69 7.28 -0.07 -5.18
CA HIS A 69 6.17 0.43 -5.97
C HIS A 69 6.65 1.16 -7.24
N ASN A 70 7.42 2.18 -7.14
CA ASN A 70 7.97 2.92 -8.32
C ASN A 70 9.00 2.09 -9.07
N LEU A 71 9.46 1.07 -8.44
CA LEU A 71 10.39 0.18 -9.04
C LEU A 71 9.66 -0.70 -10.07
N LYS A 72 8.60 -1.35 -9.63
CA LYS A 72 7.85 -2.27 -10.48
C LYS A 72 6.46 -1.77 -10.89
N TYR A 73 5.77 -1.18 -9.97
CA TYR A 73 4.37 -0.72 -10.13
C TYR A 73 4.31 0.60 -10.90
N HIS A 74 5.09 1.59 -10.46
CA HIS A 74 5.21 2.85 -11.22
C HIS A 74 6.65 3.01 -11.74
N PRO A 75 7.06 2.20 -12.71
CA PRO A 75 8.44 2.20 -13.19
C PRO A 75 8.80 3.40 -14.06
N GLY A 76 10.08 3.75 -14.01
CA GLY A 76 10.59 4.85 -14.79
C GLY A 76 11.72 5.53 -14.07
N GLU A 77 11.50 5.81 -12.80
CA GLU A 77 12.47 6.48 -11.97
C GLU A 77 12.22 6.08 -10.53
N GLU A 78 13.05 6.51 -9.63
CA GLU A 78 12.84 6.20 -8.25
C GLU A 78 13.01 7.43 -7.41
N ASN A 79 11.90 8.12 -7.19
CA ASN A 79 11.84 9.33 -6.41
C ASN A 79 10.47 9.49 -5.80
N PHE A 80 10.33 9.02 -4.62
CA PHE A 80 9.10 9.13 -3.89
C PHE A 80 9.25 10.18 -2.80
N LYS A 81 8.19 10.88 -2.52
CA LYS A 81 8.17 11.89 -1.49
C LYS A 81 7.22 11.39 -0.40
N LEU A 82 7.27 11.99 0.76
CA LEU A 82 6.40 11.57 1.82
C LEU A 82 5.63 12.79 2.33
N THR A 83 4.36 12.61 2.58
CA THR A 83 3.51 13.64 3.06
C THR A 83 2.46 13.00 3.96
N MET A 84 2.22 13.48 5.15
CA MET A 84 1.21 12.81 5.92
C MET A 84 -0.05 13.59 5.81
N VAL A 85 -0.96 13.08 5.07
CA VAL A 85 -2.29 13.62 5.00
C VAL A 85 -3.25 12.48 4.77
N LYS A 86 -3.99 12.09 5.72
CA LYS A 86 -4.98 11.08 5.50
C LYS A 86 -6.19 11.46 6.27
N ARG A 87 -7.23 11.82 5.61
CA ARG A 87 -8.39 12.27 6.29
C ARG A 87 -9.46 11.22 6.25
N ASN A 88 -10.40 11.31 7.19
CA ASN A 88 -11.49 10.32 7.40
C ASN A 88 -10.91 9.04 8.05
N ASN A 89 -9.78 8.62 7.57
CA ASN A 89 -9.02 7.50 8.09
C ASN A 89 -8.10 8.04 9.20
N GLN A 90 -6.96 7.40 9.39
CA GLN A 90 -5.98 7.83 10.38
C GLN A 90 -4.99 8.71 9.69
N THR A 91 -4.08 9.28 10.42
CA THR A 91 -3.05 10.06 9.80
C THR A 91 -1.85 9.17 9.55
N ILE A 92 -1.63 8.93 8.31
CA ILE A 92 -0.63 8.05 7.77
C ILE A 92 0.12 8.74 6.66
N PHE A 93 1.31 8.33 6.40
CA PHE A 93 2.16 9.03 5.50
C PHE A 93 1.88 8.53 4.11
N GLU A 94 1.51 9.43 3.28
CA GLU A 94 1.23 9.16 1.94
C GLU A 94 2.50 9.41 1.17
N GLN A 95 2.79 8.56 0.26
CA GLN A 95 4.00 8.66 -0.46
C GLN A 95 3.68 8.92 -1.92
N THR A 96 4.03 10.10 -2.41
CA THR A 96 3.73 10.49 -3.79
C THR A 96 5.00 10.59 -4.58
N ILE A 97 4.87 10.50 -5.85
CA ILE A 97 5.99 10.59 -6.72
C ILE A 97 6.01 11.97 -7.32
N ASN A 98 7.14 12.39 -7.74
CA ASN A 98 7.30 13.68 -8.37
C ASN A 98 7.29 13.54 -9.89
N ASP A 99 6.96 12.36 -10.39
CA ASP A 99 7.10 12.11 -11.83
C ASP A 99 6.17 11.01 -12.32
N LEU A 100 6.22 9.87 -11.65
CA LEU A 100 5.48 8.65 -12.04
C LEU A 100 4.01 8.75 -11.60
N THR A 101 3.64 9.95 -11.25
CA THR A 101 2.34 10.36 -10.80
C THR A 101 1.34 10.43 -11.97
N PHE A 102 1.86 10.45 -13.17
CA PHE A 102 1.04 10.54 -14.37
C PHE A 102 0.85 9.16 -14.98
ZN ZN B . -7.59 -5.51 1.93
ZN ZN C . 0.99 3.76 -6.64
N MET A 1 7.52 -29.64 -10.42
CA MET A 1 7.13 -30.46 -9.26
C MET A 1 6.27 -29.62 -8.35
N ALA A 2 5.72 -30.22 -7.32
CA ALA A 2 4.92 -29.50 -6.36
C ALA A 2 5.82 -28.81 -5.34
N HIS A 3 5.35 -27.77 -4.74
CA HIS A 3 6.17 -27.08 -3.74
C HIS A 3 5.78 -27.52 -2.35
N HIS A 4 6.71 -27.42 -1.44
CA HIS A 4 6.47 -27.85 -0.07
C HIS A 4 6.15 -26.65 0.76
N HIS A 5 4.92 -26.54 1.14
CA HIS A 5 4.43 -25.41 1.86
C HIS A 5 4.21 -25.77 3.32
N HIS A 6 5.19 -25.50 4.13
CA HIS A 6 5.12 -25.77 5.55
C HIS A 6 4.81 -24.46 6.22
N HIS A 7 3.65 -24.35 6.78
CA HIS A 7 3.23 -23.07 7.32
C HIS A 7 2.76 -23.14 8.76
N HIS A 8 3.61 -22.68 9.64
CA HIS A 8 3.29 -22.55 11.04
C HIS A 8 2.91 -21.10 11.29
N ASN A 9 3.57 -20.21 10.57
CA ASN A 9 3.28 -18.79 10.64
C ASN A 9 2.32 -18.46 9.53
N GLN A 10 1.81 -17.26 9.51
CA GLN A 10 0.94 -16.84 8.43
C GLN A 10 1.83 -16.32 7.35
N GLN A 11 1.88 -17.00 6.21
CA GLN A 11 2.74 -16.55 5.15
C GLN A 11 2.12 -15.35 4.47
N ASN A 12 2.75 -14.23 4.63
CA ASN A 12 2.27 -13.04 4.00
C ASN A 12 2.82 -13.03 2.58
N LYS A 13 1.94 -12.85 1.63
CA LYS A 13 2.30 -12.89 0.22
C LYS A 13 3.23 -11.74 -0.15
N LYS A 14 3.03 -10.60 0.52
CA LYS A 14 3.81 -9.38 0.33
C LYS A 14 3.45 -8.74 -1.04
N VAL A 15 3.63 -7.44 -1.13
CA VAL A 15 3.33 -6.72 -2.34
C VAL A 15 4.15 -7.29 -3.54
N GLU A 16 3.47 -7.78 -4.52
CA GLU A 16 4.14 -8.27 -5.71
C GLU A 16 3.58 -7.59 -6.96
N GLY A 17 2.27 -7.52 -7.01
CA GLY A 17 1.59 -6.89 -8.08
C GLY A 17 0.19 -6.66 -7.69
N GLY A 18 -0.07 -5.47 -7.29
CA GLY A 18 -1.38 -5.08 -6.88
C GLY A 18 -1.36 -4.30 -5.61
N TYR A 19 -2.48 -4.20 -4.97
CA TYR A 19 -2.60 -3.40 -3.78
C TYR A 19 -2.80 -4.28 -2.58
N GLU A 20 -1.82 -4.24 -1.71
CA GLU A 20 -1.84 -4.98 -0.48
C GLU A 20 -2.29 -4.04 0.59
N CYS A 21 -3.39 -4.34 1.24
CA CYS A 21 -3.88 -3.53 2.35
C CYS A 21 -2.93 -3.53 3.54
N LYS A 22 -2.99 -2.46 4.29
CA LYS A 22 -2.31 -2.36 5.53
C LYS A 22 -2.93 -3.30 6.58
N TYR A 23 -4.22 -3.45 6.52
CA TYR A 23 -4.96 -4.13 7.55
C TYR A 23 -5.43 -5.52 7.12
N CYS A 24 -4.98 -5.97 5.96
CA CYS A 24 -5.29 -7.31 5.52
C CYS A 24 -4.26 -7.69 4.48
N THR A 25 -3.87 -8.93 4.48
CA THR A 25 -2.89 -9.41 3.53
C THR A 25 -3.59 -9.90 2.23
N PHE A 26 -4.78 -9.36 1.99
CA PHE A 26 -5.51 -9.64 0.80
C PHE A 26 -5.12 -8.60 -0.23
N GLN A 27 -4.40 -9.03 -1.23
CA GLN A 27 -3.94 -8.15 -2.26
C GLN A 27 -4.67 -8.40 -3.55
N THR A 28 -5.01 -7.33 -4.19
CA THR A 28 -5.62 -7.37 -5.47
C THR A 28 -5.13 -6.17 -6.28
N PRO A 29 -4.72 -6.40 -7.52
CA PRO A 29 -4.36 -5.33 -8.46
C PRO A 29 -5.57 -4.58 -9.01
N ASP A 30 -6.73 -4.99 -8.59
CA ASP A 30 -7.93 -4.33 -9.03
C ASP A 30 -8.24 -3.30 -8.01
N LEU A 31 -8.19 -2.05 -8.39
CA LEU A 31 -8.48 -0.98 -7.49
C LEU A 31 -9.93 -1.13 -7.01
N ASN A 32 -10.82 -1.48 -7.91
CA ASN A 32 -12.21 -1.62 -7.60
C ASN A 32 -12.38 -2.68 -6.54
N MET A 33 -11.71 -3.81 -6.71
CA MET A 33 -11.81 -4.91 -5.74
C MET A 33 -11.10 -4.52 -4.48
N PHE A 34 -10.02 -3.77 -4.64
CA PHE A 34 -9.26 -3.28 -3.50
C PHE A 34 -10.13 -2.42 -2.59
N THR A 35 -10.74 -1.41 -3.14
CA THR A 35 -11.55 -0.51 -2.33
C THR A 35 -12.88 -1.17 -1.94
N PHE A 36 -13.34 -2.10 -2.75
CA PHE A 36 -14.56 -2.84 -2.46
C PHE A 36 -14.38 -3.71 -1.24
N HIS A 37 -13.33 -4.53 -1.25
CA HIS A 37 -13.10 -5.43 -0.14
C HIS A 37 -12.78 -4.62 1.11
N VAL A 38 -12.19 -3.45 0.92
CA VAL A 38 -11.92 -2.55 2.02
C VAL A 38 -13.22 -2.13 2.64
N ASP A 39 -14.09 -1.54 1.85
CA ASP A 39 -15.39 -1.02 2.36
C ASP A 39 -16.24 -2.17 2.94
N SER A 40 -16.01 -3.34 2.41
CA SER A 40 -16.74 -4.52 2.80
C SER A 40 -16.20 -5.09 4.13
N GLU A 41 -14.89 -5.20 4.25
CA GLU A 41 -14.31 -5.89 5.42
C GLU A 41 -13.74 -4.93 6.46
N HIS A 42 -13.15 -3.87 6.00
CA HIS A 42 -12.47 -2.92 6.85
C HIS A 42 -12.76 -1.48 6.39
N PRO A 43 -14.05 -1.05 6.42
CA PRO A 43 -14.42 0.30 5.99
C PRO A 43 -13.90 1.33 6.97
N ASN A 44 -14.00 1.00 8.22
CA ASN A 44 -13.55 1.81 9.30
C ASN A 44 -12.57 1.01 10.09
N VAL A 45 -11.36 1.43 10.09
CA VAL A 45 -10.33 0.75 10.77
C VAL A 45 -9.40 1.75 11.46
N VAL A 46 -9.21 1.59 12.73
CA VAL A 46 -8.35 2.47 13.48
C VAL A 46 -6.91 2.03 13.28
N LEU A 47 -6.07 2.95 12.97
CA LEU A 47 -4.69 2.65 12.69
C LEU A 47 -3.83 3.79 13.20
N ASN A 48 -2.61 3.48 13.61
CA ASN A 48 -1.69 4.50 14.10
C ASN A 48 -1.03 5.21 12.93
N SER A 49 -0.18 4.53 12.21
CA SER A 49 0.55 5.10 11.10
C SER A 49 0.87 4.01 10.09
N SER A 50 1.07 4.42 8.84
CA SER A 50 1.39 3.54 7.76
C SER A 50 1.69 4.40 6.55
N TYR A 51 2.08 3.77 5.46
CA TYR A 51 2.41 4.46 4.24
C TYR A 51 1.42 4.08 3.16
N VAL A 52 1.10 5.04 2.34
CA VAL A 52 0.20 4.86 1.25
C VAL A 52 0.80 5.48 -0.02
N CYS A 53 0.63 4.84 -1.13
CA CYS A 53 1.02 5.42 -2.38
C CYS A 53 -0.11 6.31 -2.76
N VAL A 54 0.07 7.60 -2.59
CA VAL A 54 -0.96 8.61 -2.90
C VAL A 54 -1.42 8.47 -4.32
N GLU A 55 -0.50 8.06 -5.15
CA GLU A 55 -0.72 7.90 -6.57
C GLU A 55 -1.79 6.86 -6.80
N CYS A 56 -1.69 5.78 -6.07
CA CYS A 56 -2.60 4.65 -6.24
C CYS A 56 -3.70 4.68 -5.18
N ASN A 57 -3.45 5.45 -4.14
CA ASN A 57 -4.26 5.48 -2.94
C ASN A 57 -4.38 4.10 -2.31
N PHE A 58 -3.24 3.51 -1.98
CA PHE A 58 -3.24 2.18 -1.43
C PHE A 58 -2.34 2.12 -0.22
N LEU A 59 -2.90 1.70 0.88
CA LEU A 59 -2.18 1.58 2.14
C LEU A 59 -1.71 0.20 2.27
N THR A 60 -0.47 0.03 2.61
CA THR A 60 0.11 -1.28 2.63
C THR A 60 0.57 -1.67 4.01
N LYS A 61 0.65 -2.99 4.21
CA LYS A 61 1.06 -3.65 5.42
C LYS A 61 2.49 -3.25 5.82
N ARG A 62 3.22 -2.77 4.86
CA ARG A 62 4.62 -2.51 5.03
C ARG A 62 4.99 -1.14 4.44
N TYR A 63 6.24 -0.76 4.61
CA TYR A 63 6.72 0.53 4.11
C TYR A 63 7.56 0.33 2.84
N ASP A 64 8.05 -0.87 2.66
CA ASP A 64 8.89 -1.23 1.53
C ASP A 64 8.11 -1.36 0.25
N ALA A 65 6.84 -1.65 0.36
CA ALA A 65 5.94 -1.79 -0.79
C ALA A 65 5.87 -0.49 -1.57
N LEU A 66 6.11 0.60 -0.89
CA LEU A 66 6.13 1.92 -1.48
C LEU A 66 7.46 2.19 -2.13
N SER A 67 8.46 1.59 -1.58
CA SER A 67 9.82 1.74 -2.04
C SER A 67 10.03 0.94 -3.31
N GLU A 68 9.55 -0.26 -3.30
CA GLU A 68 9.66 -1.11 -4.47
C GLU A 68 8.62 -0.69 -5.50
N HIS A 69 7.62 0.02 -5.05
CA HIS A 69 6.52 0.49 -5.87
C HIS A 69 7.02 1.17 -7.16
N ASN A 70 7.82 2.17 -7.08
CA ASN A 70 8.40 2.86 -8.28
C ASN A 70 9.40 1.97 -8.99
N LEU A 71 9.85 0.97 -8.32
CA LEU A 71 10.76 0.03 -8.90
C LEU A 71 10.00 -0.87 -9.89
N LYS A 72 8.94 -1.47 -9.43
CA LYS A 72 8.17 -2.42 -10.23
C LYS A 72 6.81 -1.92 -10.71
N TYR A 73 6.14 -1.21 -9.86
CA TYR A 73 4.78 -0.70 -10.11
C TYR A 73 4.83 0.59 -10.92
N HIS A 74 5.59 1.57 -10.45
CA HIS A 74 5.76 2.85 -11.21
C HIS A 74 7.21 3.02 -11.69
N PRO A 75 7.68 2.22 -12.65
CA PRO A 75 9.09 2.24 -13.11
C PRO A 75 9.46 3.47 -13.94
N GLY A 76 10.69 3.92 -13.77
CA GLY A 76 11.19 5.05 -14.52
C GLY A 76 12.33 5.77 -13.80
N GLU A 77 12.21 5.85 -12.47
CA GLU A 77 13.22 6.53 -11.63
C GLU A 77 12.95 6.18 -10.18
N GLU A 78 13.82 6.62 -9.29
CA GLU A 78 13.62 6.41 -7.88
C GLU A 78 13.57 7.74 -7.18
N ASN A 79 12.37 8.27 -7.01
CA ASN A 79 12.18 9.56 -6.34
C ASN A 79 10.80 9.61 -5.77
N PHE A 80 10.69 9.23 -4.54
CA PHE A 80 9.46 9.30 -3.82
C PHE A 80 9.55 10.35 -2.74
N LYS A 81 8.46 11.02 -2.53
CA LYS A 81 8.37 12.08 -1.55
C LYS A 81 7.44 11.63 -0.43
N LEU A 82 7.45 12.32 0.68
CA LEU A 82 6.65 11.92 1.81
C LEU A 82 5.78 13.07 2.26
N THR A 83 4.51 12.86 2.23
CA THR A 83 3.56 13.86 2.61
C THR A 83 2.51 13.20 3.50
N MET A 84 2.41 13.58 4.74
CA MET A 84 1.44 12.90 5.54
C MET A 84 0.20 13.72 5.56
N VAL A 85 -0.77 13.24 4.82
CA VAL A 85 -2.08 13.80 4.81
C VAL A 85 -3.09 12.70 4.52
N LYS A 86 -3.85 12.28 5.45
CA LYS A 86 -4.85 11.31 5.11
C LYS A 86 -6.11 11.66 5.80
N ARG A 87 -7.09 12.03 5.05
CA ARG A 87 -8.33 12.47 5.61
C ARG A 87 -9.44 11.55 5.17
N ASN A 88 -10.40 11.33 6.05
CA ASN A 88 -11.58 10.44 5.83
C ASN A 88 -11.14 8.97 5.92
N ASN A 89 -10.02 8.76 6.58
CA ASN A 89 -9.48 7.41 6.77
C ASN A 89 -8.85 7.32 8.16
N GLN A 90 -7.61 7.77 8.25
CA GLN A 90 -6.82 7.84 9.45
C GLN A 90 -5.63 8.66 9.08
N THR A 91 -4.80 9.04 9.99
CA THR A 91 -3.67 9.85 9.65
C THR A 91 -2.42 8.96 9.42
N ILE A 92 -2.04 8.88 8.16
CA ILE A 92 -0.99 8.04 7.65
C ILE A 92 -0.14 8.81 6.63
N PHE A 93 1.08 8.40 6.43
CA PHE A 93 2.01 9.13 5.59
C PHE A 93 1.85 8.66 4.15
N GLU A 94 1.63 9.60 3.26
CA GLU A 94 1.44 9.31 1.89
C GLU A 94 2.76 9.50 1.17
N GLN A 95 3.04 8.67 0.22
CA GLN A 95 4.28 8.73 -0.50
C GLN A 95 3.98 8.94 -1.97
N THR A 96 4.35 10.10 -2.51
CA THR A 96 4.06 10.45 -3.89
C THR A 96 5.32 10.55 -4.70
N ILE A 97 5.19 10.53 -5.98
CA ILE A 97 6.32 10.64 -6.86
C ILE A 97 6.24 11.99 -7.54
N ASN A 98 7.37 12.48 -7.95
CA ASN A 98 7.46 13.75 -8.63
C ASN A 98 7.53 13.56 -10.14
N ASP A 99 7.29 12.34 -10.61
CA ASP A 99 7.45 12.06 -12.03
C ASP A 99 6.62 10.86 -12.44
N LEU A 100 6.80 9.77 -11.72
CA LEU A 100 6.12 8.50 -12.02
C LEU A 100 4.69 8.53 -11.48
N THR A 101 4.24 9.74 -11.20
CA THR A 101 2.95 10.11 -10.66
C THR A 101 1.76 9.57 -11.51
N PHE A 102 2.04 9.15 -12.72
CA PHE A 102 1.03 8.59 -13.62
C PHE A 102 0.55 7.22 -13.12
ZN ZN B . -7.70 -5.36 2.19
ZN ZN C . 1.38 3.82 -6.77
N MET A 1 10.17 -13.58 23.99
CA MET A 1 9.16 -14.25 24.81
C MET A 1 9.42 -15.73 24.82
N ALA A 2 8.92 -16.41 25.83
CA ALA A 2 9.08 -17.85 25.98
C ALA A 2 7.72 -18.52 25.84
N HIS A 3 6.85 -17.88 25.10
CA HIS A 3 5.50 -18.36 24.90
C HIS A 3 5.30 -18.73 23.45
N HIS A 4 4.68 -19.84 23.22
CA HIS A 4 4.41 -20.29 21.89
C HIS A 4 3.10 -19.68 21.40
N HIS A 5 3.19 -18.43 20.99
CA HIS A 5 2.06 -17.69 20.49
C HIS A 5 1.83 -18.13 19.04
N HIS A 6 0.60 -18.12 18.59
CA HIS A 6 0.31 -18.52 17.24
C HIS A 6 0.84 -17.46 16.29
N HIS A 7 1.73 -17.87 15.42
CA HIS A 7 2.35 -16.96 14.48
C HIS A 7 1.43 -16.63 13.33
N HIS A 8 1.75 -15.59 12.61
CA HIS A 8 0.96 -15.15 11.48
C HIS A 8 1.19 -16.04 10.26
N ASN A 9 0.44 -15.77 9.21
CA ASN A 9 0.54 -16.51 7.95
C ASN A 9 1.91 -16.25 7.33
N GLN A 10 2.57 -17.31 6.84
CA GLN A 10 3.90 -17.23 6.24
C GLN A 10 3.94 -16.13 5.21
N GLN A 11 4.76 -15.15 5.43
CA GLN A 11 4.80 -14.03 4.58
C GLN A 11 6.07 -14.04 3.75
N ASN A 12 5.96 -14.56 2.57
CA ASN A 12 7.06 -14.59 1.62
C ASN A 12 6.86 -13.56 0.53
N LYS A 13 5.62 -13.35 0.13
CA LYS A 13 5.33 -12.44 -0.96
C LYS A 13 5.56 -10.97 -0.62
N LYS A 14 5.08 -10.55 0.57
CA LYS A 14 5.18 -9.18 1.13
C LYS A 14 4.42 -8.09 0.35
N VAL A 15 4.56 -8.12 -0.93
CA VAL A 15 3.86 -7.32 -1.86
C VAL A 15 4.33 -7.78 -3.26
N GLU A 16 3.42 -8.20 -4.10
CA GLU A 16 3.84 -8.72 -5.39
C GLU A 16 3.67 -7.69 -6.49
N GLY A 17 2.47 -7.55 -6.99
CA GLY A 17 2.24 -6.54 -7.98
C GLY A 17 0.91 -5.87 -7.85
N GLY A 18 0.23 -6.18 -6.79
CA GLY A 18 -1.03 -5.57 -6.58
C GLY A 18 -1.06 -4.72 -5.35
N TYR A 19 -2.22 -4.48 -4.85
CA TYR A 19 -2.39 -3.64 -3.70
C TYR A 19 -2.77 -4.47 -2.54
N GLU A 20 -1.93 -4.44 -1.55
CA GLU A 20 -2.19 -5.09 -0.32
C GLU A 20 -2.83 -4.05 0.57
N CYS A 21 -3.73 -4.47 1.35
CA CYS A 21 -4.27 -3.63 2.38
C CYS A 21 -3.43 -3.83 3.66
N LYS A 22 -3.08 -2.75 4.31
CA LYS A 22 -2.34 -2.79 5.59
C LYS A 22 -3.14 -3.59 6.65
N TYR A 23 -4.42 -3.71 6.44
CA TYR A 23 -5.31 -4.36 7.36
C TYR A 23 -5.83 -5.69 6.83
N CYS A 24 -5.32 -6.14 5.70
CA CYS A 24 -5.69 -7.43 5.16
C CYS A 24 -4.69 -7.85 4.10
N THR A 25 -3.92 -8.89 4.36
CA THR A 25 -3.00 -9.39 3.37
C THR A 25 -3.75 -10.24 2.35
N PHE A 26 -4.59 -9.56 1.65
CA PHE A 26 -5.36 -10.03 0.56
C PHE A 26 -5.16 -8.97 -0.48
N GLN A 27 -4.40 -9.30 -1.43
CA GLN A 27 -3.94 -8.36 -2.37
C GLN A 27 -4.62 -8.52 -3.69
N THR A 28 -4.88 -7.42 -4.32
CA THR A 28 -5.44 -7.42 -5.61
C THR A 28 -4.81 -6.28 -6.40
N PRO A 29 -4.24 -6.58 -7.55
CA PRO A 29 -3.67 -5.57 -8.47
C PRO A 29 -4.71 -4.72 -9.14
N ASP A 30 -5.95 -4.95 -8.83
CA ASP A 30 -7.02 -4.16 -9.36
C ASP A 30 -7.32 -3.10 -8.38
N LEU A 31 -7.19 -1.86 -8.78
CA LEU A 31 -7.48 -0.77 -7.92
C LEU A 31 -8.95 -0.79 -7.56
N ASN A 32 -9.80 -1.05 -8.52
CA ASN A 32 -11.22 -1.08 -8.29
C ASN A 32 -11.53 -2.12 -7.26
N MET A 33 -10.99 -3.32 -7.45
CA MET A 33 -11.26 -4.42 -6.52
C MET A 33 -10.64 -4.11 -5.20
N PHE A 34 -9.52 -3.42 -5.24
CA PHE A 34 -8.89 -3.00 -4.02
C PHE A 34 -9.79 -2.05 -3.23
N THR A 35 -10.21 -0.97 -3.86
CA THR A 35 -11.02 0.01 -3.16
C THR A 35 -12.42 -0.52 -2.89
N PHE A 36 -12.86 -1.44 -3.73
CA PHE A 36 -14.15 -2.05 -3.58
C PHE A 36 -14.22 -2.85 -2.31
N HIS A 37 -13.30 -3.80 -2.16
CA HIS A 37 -13.33 -4.65 -0.99
C HIS A 37 -12.97 -3.84 0.26
N VAL A 38 -12.16 -2.81 0.07
CA VAL A 38 -11.76 -1.95 1.16
C VAL A 38 -12.95 -1.17 1.64
N ASP A 39 -13.57 -0.42 0.77
CA ASP A 39 -14.66 0.49 1.14
C ASP A 39 -15.89 -0.29 1.63
N SER A 40 -15.94 -1.56 1.28
CA SER A 40 -16.99 -2.43 1.72
C SER A 40 -16.66 -3.02 3.09
N GLU A 41 -15.47 -3.58 3.24
CA GLU A 41 -15.16 -4.34 4.44
C GLU A 41 -14.42 -3.53 5.48
N HIS A 42 -13.43 -2.80 5.05
CA HIS A 42 -12.59 -2.01 5.91
C HIS A 42 -12.39 -0.59 5.37
N PRO A 43 -13.48 0.22 5.30
CA PRO A 43 -13.42 1.58 4.76
C PRO A 43 -12.72 2.54 5.73
N ASN A 44 -12.72 2.17 6.98
CA ASN A 44 -12.11 2.95 8.03
C ASN A 44 -11.50 2.01 9.04
N VAL A 45 -10.22 2.13 9.23
CA VAL A 45 -9.49 1.34 10.18
C VAL A 45 -8.49 2.30 10.77
N VAL A 46 -8.19 2.21 12.04
CA VAL A 46 -7.31 3.18 12.62
C VAL A 46 -6.13 2.54 13.38
N LEU A 47 -4.94 2.96 13.02
CA LEU A 47 -3.72 2.52 13.67
C LEU A 47 -2.65 3.58 13.43
N ASN A 48 -1.65 3.61 14.30
CA ASN A 48 -0.61 4.68 14.37
C ASN A 48 0.03 5.14 13.04
N SER A 49 1.04 4.44 12.58
CA SER A 49 1.84 4.91 11.46
C SER A 49 1.96 3.87 10.34
N SER A 50 1.78 4.32 9.11
CA SER A 50 1.91 3.49 7.96
C SER A 50 2.13 4.39 6.76
N TYR A 51 2.44 3.78 5.65
CA TYR A 51 2.71 4.44 4.41
C TYR A 51 1.73 3.98 3.35
N VAL A 52 1.30 4.90 2.55
CA VAL A 52 0.36 4.63 1.50
C VAL A 52 0.83 5.30 0.18
N CYS A 53 0.59 4.65 -0.91
CA CYS A 53 0.90 5.24 -2.21
C CYS A 53 -0.27 6.07 -2.56
N VAL A 54 -0.17 7.38 -2.44
CA VAL A 54 -1.28 8.30 -2.74
C VAL A 54 -1.77 8.12 -4.15
N GLU A 55 -0.87 7.71 -5.01
CA GLU A 55 -1.16 7.52 -6.41
C GLU A 55 -2.18 6.39 -6.56
N CYS A 56 -2.03 5.39 -5.72
CA CYS A 56 -2.91 4.23 -5.75
C CYS A 56 -3.90 4.23 -4.58
N ASN A 57 -3.66 5.11 -3.62
CA ASN A 57 -4.39 5.17 -2.36
C ASN A 57 -4.42 3.80 -1.66
N PHE A 58 -3.23 3.20 -1.51
CA PHE A 58 -3.14 1.85 -0.98
C PHE A 58 -2.16 1.81 0.20
N LEU A 59 -2.65 1.35 1.33
CA LEU A 59 -1.86 1.26 2.55
C LEU A 59 -1.30 -0.12 2.67
N THR A 60 -0.05 -0.22 3.03
CA THR A 60 0.64 -1.53 3.10
C THR A 60 1.22 -1.80 4.47
N LYS A 61 1.36 -3.10 4.80
CA LYS A 61 1.90 -3.51 6.09
C LYS A 61 3.39 -3.22 6.19
N ARG A 62 4.05 -3.06 5.06
CA ARG A 62 5.46 -2.72 5.07
C ARG A 62 5.75 -1.53 4.20
N TYR A 63 6.65 -0.69 4.68
CA TYR A 63 7.08 0.53 4.00
C TYR A 63 7.74 0.20 2.65
N ASP A 64 8.26 -1.02 2.55
CA ASP A 64 8.92 -1.52 1.33
C ASP A 64 8.07 -1.31 0.14
N ALA A 65 6.81 -1.67 0.25
CA ALA A 65 5.91 -1.70 -0.89
C ALA A 65 5.78 -0.35 -1.58
N LEU A 66 6.10 0.72 -0.88
CA LEU A 66 6.09 2.07 -1.44
C LEU A 66 7.40 2.37 -2.15
N SER A 67 8.47 1.86 -1.59
CA SER A 67 9.81 2.06 -2.10
C SER A 67 10.02 1.24 -3.37
N GLU A 68 9.56 0.05 -3.31
CA GLU A 68 9.64 -0.84 -4.43
C GLU A 68 8.55 -0.49 -5.43
N HIS A 69 7.56 0.21 -4.96
CA HIS A 69 6.39 0.59 -5.78
C HIS A 69 6.81 1.22 -7.11
N ASN A 70 7.54 2.29 -7.09
CA ASN A 70 8.06 2.94 -8.33
C ASN A 70 9.10 2.08 -9.04
N LEU A 71 9.61 1.12 -8.35
CA LEU A 71 10.53 0.18 -8.91
C LEU A 71 9.78 -0.83 -9.80
N LYS A 72 8.76 -1.45 -9.24
CA LYS A 72 8.03 -2.51 -9.93
C LYS A 72 6.64 -2.10 -10.41
N TYR A 73 5.95 -1.38 -9.59
CA TYR A 73 4.56 -0.95 -9.84
C TYR A 73 4.53 0.26 -10.76
N HIS A 74 5.23 1.33 -10.36
CA HIS A 74 5.29 2.55 -11.18
C HIS A 74 6.73 2.78 -11.68
N PRO A 75 7.25 1.95 -12.61
CA PRO A 75 8.63 2.04 -13.08
C PRO A 75 8.90 3.20 -14.02
N GLY A 76 10.13 3.68 -14.02
CA GLY A 76 10.50 4.79 -14.88
C GLY A 76 11.57 5.66 -14.26
N GLU A 77 11.42 5.93 -12.99
CA GLU A 77 12.34 6.76 -12.22
C GLU A 77 12.17 6.36 -10.79
N GLU A 78 12.96 6.88 -9.90
CA GLU A 78 12.80 6.54 -8.53
C GLU A 78 12.90 7.78 -7.67
N ASN A 79 11.76 8.42 -7.42
CA ASN A 79 11.69 9.65 -6.64
C ASN A 79 10.31 9.79 -6.04
N PHE A 80 10.17 9.34 -4.83
CA PHE A 80 8.92 9.46 -4.11
C PHE A 80 9.01 10.60 -3.11
N LYS A 81 7.89 11.20 -2.82
CA LYS A 81 7.80 12.26 -1.87
C LYS A 81 6.88 11.78 -0.74
N LEU A 82 6.88 12.44 0.38
CA LEU A 82 6.04 12.03 1.47
C LEU A 82 5.19 13.20 1.93
N THR A 83 3.94 12.93 2.14
CA THR A 83 3.00 13.89 2.60
C THR A 83 2.05 13.18 3.54
N MET A 84 1.90 13.61 4.76
CA MET A 84 1.03 12.88 5.62
C MET A 84 -0.28 13.57 5.65
N VAL A 85 -1.23 12.98 4.96
CA VAL A 85 -2.60 13.40 4.95
C VAL A 85 -3.51 12.19 4.75
N LYS A 86 -4.20 11.75 5.72
CA LYS A 86 -5.10 10.64 5.47
C LYS A 86 -6.37 10.90 6.20
N ARG A 87 -7.42 11.04 5.50
CA ARG A 87 -8.64 11.43 6.11
C ARG A 87 -9.62 10.28 6.12
N ASN A 88 -10.44 10.24 7.18
CA ASN A 88 -11.50 9.21 7.39
C ASN A 88 -10.89 7.81 7.54
N ASN A 89 -9.69 7.77 8.06
CA ASN A 89 -8.98 6.50 8.31
C ASN A 89 -8.14 6.66 9.56
N GLN A 90 -6.95 7.15 9.36
CA GLN A 90 -5.99 7.45 10.37
C GLN A 90 -5.02 8.32 9.68
N THR A 91 -4.18 9.00 10.38
CA THR A 91 -3.21 9.79 9.73
C THR A 91 -1.90 9.02 9.55
N ILE A 92 -1.64 8.73 8.31
CA ILE A 92 -0.57 7.92 7.81
C ILE A 92 0.11 8.66 6.69
N PHE A 93 1.33 8.34 6.42
CA PHE A 93 2.13 9.12 5.50
C PHE A 93 1.91 8.60 4.11
N GLU A 94 1.48 9.49 3.25
CA GLU A 94 1.20 9.18 1.89
C GLU A 94 2.44 9.50 1.08
N GLN A 95 2.74 8.66 0.17
CA GLN A 95 3.92 8.80 -0.59
C GLN A 95 3.55 8.96 -2.06
N THR A 96 3.83 10.15 -2.61
CA THR A 96 3.47 10.49 -4.01
C THR A 96 4.72 10.62 -4.88
N ILE A 97 4.56 10.52 -6.17
CA ILE A 97 5.70 10.63 -7.08
C ILE A 97 5.61 11.96 -7.82
N ASN A 98 6.74 12.43 -8.27
CA ASN A 98 6.84 13.69 -9.00
C ASN A 98 6.95 13.45 -10.50
N ASP A 99 6.73 12.23 -10.92
CA ASP A 99 6.93 11.87 -12.33
C ASP A 99 6.00 10.74 -12.71
N LEU A 100 6.12 9.64 -12.00
CA LEU A 100 5.35 8.41 -12.22
C LEU A 100 3.95 8.56 -11.61
N THR A 101 3.57 9.79 -11.42
CA THR A 101 2.33 10.23 -10.86
C THR A 101 1.14 9.74 -11.72
N PHE A 102 1.38 9.60 -13.00
CA PHE A 102 0.35 9.17 -13.92
C PHE A 102 0.70 7.82 -14.49
ZN ZN B . -8.05 -5.42 1.74
ZN ZN C . 1.06 3.66 -6.67
N MET A 1 -3.63 -33.31 -7.72
CA MET A 1 -3.60 -34.75 -8.04
C MET A 1 -2.75 -35.05 -9.29
N ALA A 2 -3.12 -34.53 -10.45
CA ALA A 2 -2.40 -34.81 -11.66
C ALA A 2 -1.43 -33.69 -12.00
N HIS A 3 -1.94 -32.60 -12.58
CA HIS A 3 -1.05 -31.50 -12.94
C HIS A 3 -0.84 -30.56 -11.76
N HIS A 4 -1.86 -30.43 -10.93
CA HIS A 4 -1.74 -29.66 -9.72
C HIS A 4 -1.10 -30.52 -8.67
N HIS A 5 0.17 -30.35 -8.50
CA HIS A 5 0.89 -31.09 -7.49
C HIS A 5 1.93 -30.21 -6.82
N HIS A 6 2.51 -29.29 -7.57
CA HIS A 6 3.47 -28.38 -7.04
C HIS A 6 2.82 -27.04 -6.74
N HIS A 7 2.42 -26.86 -5.51
CA HIS A 7 1.92 -25.60 -5.06
C HIS A 7 2.85 -25.06 -4.01
N HIS A 8 3.66 -24.12 -4.40
CA HIS A 8 4.63 -23.53 -3.51
C HIS A 8 4.03 -22.27 -2.90
N ASN A 9 2.92 -21.83 -3.54
CA ASN A 9 2.20 -20.58 -3.23
C ASN A 9 2.91 -19.44 -3.90
N GLN A 10 2.25 -18.85 -4.87
CA GLN A 10 2.84 -17.78 -5.65
C GLN A 10 2.89 -16.52 -4.81
N GLN A 11 1.92 -16.39 -3.92
CA GLN A 11 1.79 -15.26 -3.03
C GLN A 11 2.94 -15.24 -2.05
N ASN A 12 3.80 -14.28 -2.18
CA ASN A 12 4.91 -14.10 -1.26
C ASN A 12 4.47 -13.39 0.00
N LYS A 13 5.42 -13.18 0.91
CA LYS A 13 5.17 -12.42 2.11
C LYS A 13 5.44 -10.95 1.85
N LYS A 14 5.89 -10.68 0.65
CA LYS A 14 6.16 -9.35 0.18
C LYS A 14 5.05 -8.88 -0.72
N VAL A 15 5.28 -7.82 -1.42
CA VAL A 15 4.29 -7.24 -2.24
C VAL A 15 4.50 -7.73 -3.68
N GLU A 16 3.44 -8.15 -4.32
CA GLU A 16 3.56 -8.79 -5.61
C GLU A 16 3.36 -7.83 -6.77
N GLY A 17 2.11 -7.54 -7.10
CA GLY A 17 1.87 -6.61 -8.18
C GLY A 17 0.59 -5.83 -8.03
N GLY A 18 -0.12 -6.07 -6.97
CA GLY A 18 -1.36 -5.40 -6.76
C GLY A 18 -1.34 -4.48 -5.57
N TYR A 19 -2.48 -4.31 -4.98
CA TYR A 19 -2.64 -3.45 -3.85
C TYR A 19 -2.94 -4.26 -2.66
N GLU A 20 -2.04 -4.18 -1.75
CA GLU A 20 -2.19 -4.80 -0.50
C GLU A 20 -2.87 -3.82 0.43
N CYS A 21 -3.58 -4.33 1.33
CA CYS A 21 -4.11 -3.54 2.42
C CYS A 21 -3.14 -3.60 3.61
N LYS A 22 -2.92 -2.47 4.21
CA LYS A 22 -2.18 -2.34 5.47
C LYS A 22 -2.88 -3.11 6.61
N TYR A 23 -4.13 -3.41 6.36
CA TYR A 23 -4.98 -4.05 7.31
C TYR A 23 -5.38 -5.46 6.87
N CYS A 24 -4.77 -5.96 5.80
CA CYS A 24 -4.99 -7.34 5.36
C CYS A 24 -4.02 -7.70 4.27
N THR A 25 -3.24 -8.74 4.46
CA THR A 25 -2.35 -9.16 3.40
C THR A 25 -3.12 -10.03 2.38
N PHE A 26 -4.06 -9.36 1.76
CA PHE A 26 -4.86 -9.85 0.70
C PHE A 26 -4.76 -8.80 -0.36
N GLN A 27 -4.11 -9.14 -1.40
CA GLN A 27 -3.76 -8.19 -2.39
C GLN A 27 -4.54 -8.38 -3.67
N THR A 28 -4.87 -7.28 -4.31
CA THR A 28 -5.52 -7.31 -5.57
C THR A 28 -5.07 -6.09 -6.41
N PRO A 29 -4.51 -6.34 -7.60
CA PRO A 29 -4.12 -5.28 -8.55
C PRO A 29 -5.30 -4.55 -9.18
N ASP A 30 -6.48 -5.01 -8.88
CA ASP A 30 -7.66 -4.37 -9.36
C ASP A 30 -8.07 -3.36 -8.32
N LEU A 31 -7.79 -2.09 -8.59
CA LEU A 31 -8.07 -0.98 -7.69
C LEU A 31 -9.50 -1.04 -7.21
N ASN A 32 -10.44 -1.26 -8.12
CA ASN A 32 -11.84 -1.34 -7.78
C ASN A 32 -12.06 -2.40 -6.75
N MET A 33 -11.47 -3.55 -6.96
CA MET A 33 -11.69 -4.67 -6.07
C MET A 33 -10.96 -4.44 -4.77
N PHE A 34 -9.88 -3.68 -4.86
CA PHE A 34 -9.12 -3.30 -3.69
C PHE A 34 -9.96 -2.41 -2.80
N THR A 35 -10.44 -1.33 -3.35
CA THR A 35 -11.20 -0.37 -2.58
C THR A 35 -12.58 -0.92 -2.22
N PHE A 36 -13.10 -1.80 -3.06
CA PHE A 36 -14.36 -2.45 -2.80
C PHE A 36 -14.25 -3.35 -1.60
N HIS A 37 -13.24 -4.22 -1.59
CA HIS A 37 -13.10 -5.12 -0.47
C HIS A 37 -12.73 -4.32 0.78
N VAL A 38 -12.07 -3.19 0.59
CA VAL A 38 -11.77 -2.31 1.68
C VAL A 38 -13.06 -1.76 2.28
N ASP A 39 -13.89 -1.15 1.45
CA ASP A 39 -15.15 -0.54 1.90
C ASP A 39 -16.10 -1.58 2.48
N SER A 40 -15.91 -2.79 2.04
CA SER A 40 -16.72 -3.90 2.47
C SER A 40 -16.18 -4.51 3.77
N GLU A 41 -14.91 -4.80 3.80
CA GLU A 41 -14.34 -5.57 4.90
C GLU A 41 -13.74 -4.69 5.99
N HIS A 42 -13.06 -3.66 5.59
CA HIS A 42 -12.36 -2.78 6.51
C HIS A 42 -12.61 -1.31 6.15
N PRO A 43 -13.89 -0.84 6.26
CA PRO A 43 -14.26 0.53 5.90
C PRO A 43 -13.74 1.54 6.92
N ASN A 44 -13.37 1.03 8.09
CA ASN A 44 -12.81 1.81 9.17
C ASN A 44 -11.66 1.05 9.77
N VAL A 45 -10.59 1.75 10.05
CA VAL A 45 -9.39 1.14 10.61
C VAL A 45 -8.94 2.03 11.76
N VAL A 46 -7.99 1.57 12.53
CA VAL A 46 -7.52 2.35 13.64
C VAL A 46 -6.17 3.02 13.32
N LEU A 47 -5.79 3.98 14.17
CA LEU A 47 -4.58 4.80 14.01
C LEU A 47 -3.30 3.99 14.26
N ASN A 48 -2.25 4.39 13.54
CA ASN A 48 -0.88 3.86 13.66
C ASN A 48 -0.03 4.57 12.59
N SER A 49 1.21 4.18 12.44
CA SER A 49 2.05 4.71 11.39
C SER A 49 2.14 3.70 10.24
N SER A 50 1.78 4.12 9.04
CA SER A 50 1.89 3.31 7.87
C SER A 50 2.13 4.20 6.66
N TYR A 51 2.41 3.59 5.53
CA TYR A 51 2.71 4.29 4.29
C TYR A 51 1.75 3.88 3.19
N VAL A 52 1.34 4.83 2.40
CA VAL A 52 0.43 4.63 1.31
C VAL A 52 0.96 5.31 0.03
N CYS A 53 0.77 4.68 -1.08
CA CYS A 53 1.10 5.29 -2.35
C CYS A 53 -0.05 6.15 -2.69
N VAL A 54 0.07 7.46 -2.53
CA VAL A 54 -1.01 8.41 -2.84
C VAL A 54 -1.49 8.22 -4.25
N GLU A 55 -0.56 7.87 -5.11
CA GLU A 55 -0.80 7.70 -6.52
C GLU A 55 -1.83 6.62 -6.75
N CYS A 56 -1.73 5.59 -5.97
CA CYS A 56 -2.63 4.44 -6.11
C CYS A 56 -3.68 4.45 -5.02
N ASN A 57 -3.41 5.22 -4.00
CA ASN A 57 -4.17 5.21 -2.75
C ASN A 57 -4.25 3.79 -2.21
N PHE A 58 -3.09 3.24 -1.87
CA PHE A 58 -3.03 1.90 -1.33
C PHE A 58 -2.11 1.87 -0.15
N LEU A 59 -2.61 1.41 0.94
CA LEU A 59 -1.88 1.36 2.17
C LEU A 59 -1.25 0.03 2.35
N THR A 60 -0.02 0.01 2.70
CA THR A 60 0.67 -1.22 2.95
C THR A 60 1.36 -1.13 4.31
N LYS A 61 1.59 -2.26 4.91
CA LYS A 61 2.07 -2.31 6.26
C LYS A 61 3.55 -2.63 6.37
N ARG A 62 4.20 -2.90 5.24
CA ARG A 62 5.62 -3.30 5.30
C ARG A 62 6.61 -2.21 4.91
N TYR A 63 6.10 -1.06 4.46
CA TYR A 63 6.96 0.10 4.06
C TYR A 63 7.75 -0.11 2.75
N ASP A 64 8.38 -1.27 2.58
CA ASP A 64 9.16 -1.58 1.35
C ASP A 64 8.35 -1.43 0.12
N ALA A 65 7.08 -1.76 0.22
CA ALA A 65 6.18 -1.82 -0.92
C ALA A 65 6.05 -0.46 -1.62
N LEU A 66 6.32 0.62 -0.92
CA LEU A 66 6.30 1.96 -1.49
C LEU A 66 7.60 2.27 -2.18
N SER A 67 8.64 1.72 -1.66
CA SER A 67 9.97 1.90 -2.19
C SER A 67 10.12 1.14 -3.47
N GLU A 68 9.73 -0.12 -3.42
CA GLU A 68 9.77 -0.99 -4.57
C GLU A 68 8.70 -0.59 -5.56
N HIS A 69 7.73 0.14 -5.07
CA HIS A 69 6.60 0.57 -5.87
C HIS A 69 7.02 1.18 -7.21
N ASN A 70 7.84 2.19 -7.20
CA ASN A 70 8.36 2.77 -8.48
C ASN A 70 9.30 1.83 -9.24
N LEU A 71 9.77 0.86 -8.55
CA LEU A 71 10.65 -0.15 -9.11
C LEU A 71 9.83 -1.13 -9.98
N LYS A 72 8.77 -1.65 -9.41
CA LYS A 72 7.95 -2.64 -10.07
C LYS A 72 6.60 -2.12 -10.54
N TYR A 73 5.97 -1.37 -9.70
CA TYR A 73 4.62 -0.86 -9.94
C TYR A 73 4.62 0.38 -10.82
N HIS A 74 5.39 1.40 -10.43
CA HIS A 74 5.51 2.64 -11.26
C HIS A 74 6.93 2.77 -11.81
N PRO A 75 7.33 1.94 -12.74
CA PRO A 75 8.70 1.93 -13.25
C PRO A 75 9.02 3.11 -14.17
N GLY A 76 10.25 3.58 -14.08
CA GLY A 76 10.70 4.66 -14.90
C GLY A 76 11.81 5.45 -14.26
N GLU A 77 11.71 5.65 -12.96
CA GLU A 77 12.67 6.42 -12.18
C GLU A 77 12.45 6.08 -10.72
N GLU A 78 13.27 6.58 -9.85
CA GLU A 78 13.06 6.29 -8.46
C GLU A 78 13.19 7.54 -7.63
N ASN A 79 12.07 8.21 -7.43
CA ASN A 79 12.02 9.47 -6.67
C ASN A 79 10.65 9.62 -6.05
N PHE A 80 10.53 9.21 -4.84
CA PHE A 80 9.30 9.30 -4.11
C PHE A 80 9.41 10.36 -3.03
N LYS A 81 8.31 11.02 -2.78
CA LYS A 81 8.24 12.05 -1.78
C LYS A 81 7.27 11.55 -0.71
N LEU A 82 7.26 12.14 0.44
CA LEU A 82 6.36 11.71 1.48
C LEU A 82 5.59 12.90 2.02
N THR A 83 4.33 12.72 2.18
CA THR A 83 3.44 13.72 2.68
C THR A 83 2.44 13.02 3.59
N MET A 84 2.32 13.42 4.82
CA MET A 84 1.41 12.69 5.64
C MET A 84 0.12 13.41 5.70
N VAL A 85 -0.85 12.89 4.99
CA VAL A 85 -2.19 13.36 5.03
C VAL A 85 -3.15 12.22 4.78
N LYS A 86 -3.85 11.77 5.74
CA LYS A 86 -4.84 10.76 5.45
C LYS A 86 -6.05 11.08 6.24
N ARG A 87 -7.11 11.35 5.59
CA ARG A 87 -8.30 11.80 6.25
C ARG A 87 -9.39 10.79 6.06
N ASN A 88 -10.23 10.65 7.09
CA ASN A 88 -11.39 9.73 7.10
C ASN A 88 -10.95 8.28 7.18
N ASN A 89 -9.73 8.08 7.66
CA ASN A 89 -9.17 6.74 7.74
C ASN A 89 -8.34 6.61 9.00
N GLN A 90 -7.12 7.05 8.90
CA GLN A 90 -6.17 7.14 9.96
C GLN A 90 -5.11 8.03 9.43
N THR A 91 -4.26 8.55 10.25
CA THR A 91 -3.23 9.41 9.76
C THR A 91 -1.95 8.63 9.53
N ILE A 92 -1.64 8.50 8.27
CA ILE A 92 -0.59 7.70 7.72
C ILE A 92 0.15 8.48 6.65
N PHE A 93 1.37 8.14 6.38
CA PHE A 93 2.19 8.94 5.49
C PHE A 93 1.99 8.46 4.07
N GLU A 94 1.65 9.39 3.22
CA GLU A 94 1.41 9.11 1.85
C GLU A 94 2.68 9.39 1.09
N GLN A 95 2.96 8.60 0.11
CA GLN A 95 4.17 8.74 -0.63
C GLN A 95 3.83 8.93 -2.11
N THR A 96 4.14 10.12 -2.65
CA THR A 96 3.83 10.48 -4.03
C THR A 96 5.10 10.56 -4.84
N ILE A 97 4.98 10.43 -6.13
CA ILE A 97 6.13 10.51 -7.00
C ILE A 97 6.09 11.85 -7.68
N ASN A 98 7.23 12.32 -8.06
CA ASN A 98 7.36 13.59 -8.72
C ASN A 98 7.48 13.42 -10.23
N ASP A 99 7.18 12.22 -10.72
CA ASP A 99 7.40 11.94 -12.14
C ASP A 99 6.48 10.81 -12.62
N LEU A 100 6.54 9.69 -11.91
CA LEU A 100 5.78 8.46 -12.25
C LEU A 100 4.38 8.54 -11.65
N THR A 101 3.97 9.74 -11.39
CA THR A 101 2.70 10.06 -10.76
C THR A 101 1.50 9.43 -11.50
N PHE A 102 1.60 9.33 -12.81
CA PHE A 102 0.53 8.75 -13.61
C PHE A 102 1.12 7.81 -14.65
ZN ZN B . -7.79 -5.70 2.13
ZN ZN C . 1.37 3.68 -6.75
N MET A 1 8.14 -19.54 -7.61
CA MET A 1 7.53 -20.40 -8.62
C MET A 1 7.91 -21.87 -8.43
N ALA A 2 9.19 -22.18 -8.52
CA ALA A 2 9.65 -23.55 -8.44
C ALA A 2 9.78 -23.99 -6.99
N HIS A 3 9.12 -25.11 -6.68
CA HIS A 3 9.08 -25.72 -5.35
C HIS A 3 8.18 -24.93 -4.41
N HIS A 4 7.23 -25.62 -3.85
CA HIS A 4 6.33 -25.03 -2.92
C HIS A 4 6.29 -25.91 -1.67
N HIS A 5 5.75 -27.13 -1.85
CA HIS A 5 5.58 -28.17 -0.82
C HIS A 5 4.61 -27.71 0.27
N HIS A 6 4.95 -26.66 0.93
CA HIS A 6 4.15 -26.02 1.94
C HIS A 6 4.72 -24.64 2.18
N HIS A 7 4.25 -23.68 1.45
CA HIS A 7 4.68 -22.33 1.63
C HIS A 7 3.73 -21.67 2.61
N HIS A 8 4.15 -21.59 3.83
CA HIS A 8 3.37 -20.96 4.82
C HIS A 8 3.83 -19.52 4.84
N ASN A 9 2.94 -18.61 4.55
CA ASN A 9 3.31 -17.19 4.44
C ASN A 9 3.01 -16.46 5.73
N GLN A 10 2.64 -17.23 6.77
CA GLN A 10 2.29 -16.73 8.14
C GLN A 10 1.26 -15.61 8.10
N GLN A 11 0.38 -15.70 7.09
CA GLN A 11 -0.71 -14.74 6.85
C GLN A 11 -0.17 -13.38 6.45
N ASN A 12 1.01 -13.38 5.85
CA ASN A 12 1.62 -12.20 5.29
C ASN A 12 2.04 -12.50 3.87
N LYS A 13 1.28 -12.01 2.93
CA LYS A 13 1.55 -12.19 1.53
C LYS A 13 2.66 -11.26 1.14
N LYS A 14 2.47 -10.00 1.49
CA LYS A 14 3.40 -8.93 1.19
C LYS A 14 3.40 -8.63 -0.32
N VAL A 15 3.23 -7.33 -0.61
CA VAL A 15 3.22 -6.74 -1.93
C VAL A 15 4.12 -7.44 -2.95
N GLU A 16 3.47 -7.96 -3.98
CA GLU A 16 4.17 -8.58 -5.06
C GLU A 16 3.72 -8.02 -6.41
N GLY A 17 2.45 -7.66 -6.54
CA GLY A 17 2.05 -7.08 -7.81
C GLY A 17 0.85 -6.17 -7.74
N GLY A 18 -0.15 -6.56 -7.01
CA GLY A 18 -1.33 -5.74 -6.89
C GLY A 18 -1.32 -4.82 -5.70
N TYR A 19 -2.48 -4.57 -5.17
CA TYR A 19 -2.60 -3.69 -4.03
C TYR A 19 -2.96 -4.50 -2.84
N GLU A 20 -2.10 -4.49 -1.89
CA GLU A 20 -2.32 -5.18 -0.67
C GLU A 20 -2.63 -4.16 0.37
N CYS A 21 -3.73 -4.33 1.01
CA CYS A 21 -4.14 -3.45 2.09
C CYS A 21 -3.19 -3.58 3.27
N LYS A 22 -3.09 -2.56 4.05
CA LYS A 22 -2.35 -2.59 5.27
C LYS A 22 -3.06 -3.49 6.27
N TYR A 23 -4.37 -3.52 6.19
CA TYR A 23 -5.18 -4.20 7.18
C TYR A 23 -5.59 -5.59 6.75
N CYS A 24 -5.26 -5.94 5.54
CA CYS A 24 -5.55 -7.26 5.05
C CYS A 24 -4.47 -7.61 4.06
N THR A 25 -3.91 -8.77 4.18
CA THR A 25 -2.82 -9.18 3.35
C THR A 25 -3.35 -9.71 2.01
N PHE A 26 -4.66 -9.67 1.86
CA PHE A 26 -5.30 -10.07 0.65
C PHE A 26 -5.13 -8.97 -0.37
N GLN A 27 -4.43 -9.29 -1.41
CA GLN A 27 -4.03 -8.35 -2.39
C GLN A 27 -4.78 -8.56 -3.69
N THR A 28 -5.07 -7.47 -4.36
CA THR A 28 -5.71 -7.52 -5.61
C THR A 28 -5.13 -6.39 -6.49
N PRO A 29 -4.62 -6.73 -7.68
CA PRO A 29 -4.11 -5.76 -8.66
C PRO A 29 -5.21 -4.92 -9.32
N ASP A 30 -6.43 -5.22 -9.01
CA ASP A 30 -7.55 -4.48 -9.53
C ASP A 30 -7.93 -3.45 -8.52
N LEU A 31 -7.74 -2.20 -8.85
CA LEU A 31 -8.05 -1.07 -7.99
C LEU A 31 -9.53 -1.15 -7.59
N ASN A 32 -10.40 -1.44 -8.55
CA ASN A 32 -11.82 -1.53 -8.33
C ASN A 32 -12.12 -2.54 -7.25
N MET A 33 -11.46 -3.69 -7.33
CA MET A 33 -11.69 -4.74 -6.35
C MET A 33 -11.03 -4.38 -5.05
N PHE A 34 -9.94 -3.65 -5.14
CA PHE A 34 -9.22 -3.18 -3.98
C PHE A 34 -10.08 -2.26 -3.15
N THR A 35 -10.59 -1.21 -3.77
CA THR A 35 -11.41 -0.24 -3.06
C THR A 35 -12.74 -0.86 -2.66
N PHE A 36 -13.22 -1.79 -3.47
CA PHE A 36 -14.46 -2.47 -3.20
C PHE A 36 -14.36 -3.29 -1.93
N HIS A 37 -13.39 -4.17 -1.88
CA HIS A 37 -13.25 -5.03 -0.73
C HIS A 37 -12.90 -4.21 0.51
N VAL A 38 -12.21 -3.10 0.29
CA VAL A 38 -11.87 -2.20 1.35
C VAL A 38 -13.11 -1.60 1.94
N ASP A 39 -13.89 -0.90 1.15
CA ASP A 39 -15.05 -0.17 1.65
C ASP A 39 -16.10 -1.14 2.19
N SER A 40 -16.07 -2.35 1.70
CA SER A 40 -17.01 -3.35 2.09
C SER A 40 -16.58 -4.05 3.39
N GLU A 41 -15.31 -4.32 3.54
CA GLU A 41 -14.83 -5.10 4.68
C GLU A 41 -14.18 -4.25 5.74
N HIS A 42 -13.31 -3.39 5.31
CA HIS A 42 -12.52 -2.54 6.18
C HIS A 42 -12.57 -1.09 5.69
N PRO A 43 -13.76 -0.43 5.73
CA PRO A 43 -13.95 0.93 5.23
C PRO A 43 -13.10 1.94 5.98
N ASN A 44 -13.03 1.77 7.27
CA ASN A 44 -12.27 2.63 8.12
C ASN A 44 -11.82 1.80 9.29
N VAL A 45 -10.57 1.90 9.64
CA VAL A 45 -9.95 1.01 10.62
C VAL A 45 -9.10 1.76 11.61
N VAL A 46 -8.45 1.01 12.48
CA VAL A 46 -7.60 1.58 13.49
C VAL A 46 -6.16 1.10 13.31
N LEU A 47 -5.22 2.01 13.41
CA LEU A 47 -3.80 1.73 13.22
C LEU A 47 -2.95 2.87 13.77
N ASN A 48 -1.66 2.62 13.94
CA ASN A 48 -0.73 3.63 14.44
C ASN A 48 -0.27 4.57 13.32
N SER A 49 0.56 4.05 12.43
CA SER A 49 1.07 4.79 11.30
C SER A 49 1.46 3.80 10.22
N SER A 50 1.34 4.21 8.98
CA SER A 50 1.62 3.40 7.85
C SER A 50 1.87 4.32 6.67
N TYR A 51 2.25 3.76 5.56
CA TYR A 51 2.50 4.51 4.35
C TYR A 51 1.51 4.12 3.27
N VAL A 52 1.14 5.07 2.47
CA VAL A 52 0.22 4.85 1.37
C VAL A 52 0.79 5.47 0.10
N CYS A 53 0.69 4.78 -0.98
CA CYS A 53 1.07 5.35 -2.25
C CYS A 53 -0.08 6.19 -2.64
N VAL A 54 0.03 7.51 -2.50
CA VAL A 54 -1.06 8.44 -2.86
C VAL A 54 -1.50 8.21 -4.30
N GLU A 55 -0.52 7.86 -5.12
CA GLU A 55 -0.68 7.63 -6.54
C GLU A 55 -1.70 6.51 -6.79
N CYS A 56 -1.66 5.50 -5.95
CA CYS A 56 -2.60 4.37 -6.09
C CYS A 56 -3.67 4.45 -5.04
N ASN A 57 -3.36 5.20 -4.04
CA ASN A 57 -4.08 5.31 -2.80
C ASN A 57 -4.25 3.95 -2.17
N PHE A 58 -3.13 3.38 -1.79
CA PHE A 58 -3.13 2.06 -1.25
C PHE A 58 -2.21 2.02 -0.02
N LEU A 59 -2.74 1.56 1.07
CA LEU A 59 -2.00 1.49 2.32
C LEU A 59 -1.37 0.13 2.44
N THR A 60 -0.15 0.09 2.88
CA THR A 60 0.59 -1.15 3.06
C THR A 60 1.14 -1.24 4.48
N LYS A 61 1.33 -2.47 4.95
CA LYS A 61 1.73 -2.73 6.32
C LYS A 61 3.26 -2.68 6.47
N ARG A 62 3.96 -2.42 5.39
CA ARG A 62 5.41 -2.26 5.45
C ARG A 62 5.85 -1.16 4.50
N TYR A 63 6.89 -0.44 4.88
CA TYR A 63 7.37 0.74 4.14
C TYR A 63 8.02 0.40 2.79
N ASP A 64 8.58 -0.77 2.67
CA ASP A 64 9.28 -1.16 1.45
C ASP A 64 8.38 -1.24 0.25
N ALA A 65 7.12 -1.60 0.45
CA ALA A 65 6.16 -1.72 -0.67
C ALA A 65 6.01 -0.39 -1.44
N LEU A 66 6.32 0.71 -0.77
CA LEU A 66 6.29 2.04 -1.37
C LEU A 66 7.58 2.34 -2.11
N SER A 67 8.63 1.79 -1.63
CA SER A 67 9.96 2.00 -2.18
C SER A 67 10.18 1.20 -3.44
N GLU A 68 9.69 0.01 -3.41
CA GLU A 68 9.75 -0.88 -4.55
C GLU A 68 8.66 -0.51 -5.52
N HIS A 69 7.68 0.19 -5.01
CA HIS A 69 6.54 0.61 -5.78
C HIS A 69 6.93 1.27 -7.12
N ASN A 70 7.70 2.31 -7.09
CA ASN A 70 8.23 2.98 -8.31
C ASN A 70 9.20 2.09 -9.09
N LEU A 71 9.63 1.06 -8.47
CA LEU A 71 10.48 0.07 -9.11
C LEU A 71 9.60 -0.86 -9.99
N LYS A 72 8.57 -1.41 -9.41
CA LYS A 72 7.72 -2.37 -10.12
C LYS A 72 6.33 -1.86 -10.51
N TYR A 73 5.74 -1.13 -9.63
CA TYR A 73 4.38 -0.62 -9.79
C TYR A 73 4.34 0.65 -10.62
N HIS A 74 5.18 1.62 -10.26
CA HIS A 74 5.31 2.85 -11.06
C HIS A 74 6.74 2.99 -11.57
N PRO A 75 7.16 2.13 -12.49
CA PRO A 75 8.55 2.09 -12.95
C PRO A 75 8.96 3.22 -13.88
N GLY A 76 10.25 3.52 -13.85
CA GLY A 76 10.80 4.57 -14.66
C GLY A 76 11.93 5.30 -13.96
N GLU A 77 11.68 5.73 -12.75
CA GLU A 77 12.63 6.50 -11.97
C GLU A 77 12.40 6.24 -10.50
N GLU A 78 13.26 6.72 -9.67
CA GLU A 78 13.07 6.50 -8.27
C GLU A 78 13.22 7.78 -7.50
N ASN A 79 12.09 8.44 -7.29
CA ASN A 79 12.03 9.68 -6.56
C ASN A 79 10.65 9.80 -5.95
N PHE A 80 10.53 9.37 -4.74
CA PHE A 80 9.30 9.49 -4.00
C PHE A 80 9.41 10.58 -2.96
N LYS A 81 8.30 11.21 -2.67
CA LYS A 81 8.21 12.25 -1.68
C LYS A 81 7.32 11.72 -0.56
N LEU A 82 7.32 12.36 0.58
CA LEU A 82 6.49 11.93 1.69
C LEU A 82 5.65 13.08 2.19
N THR A 83 4.38 12.84 2.33
CA THR A 83 3.44 13.82 2.79
C THR A 83 2.43 13.11 3.69
N MET A 84 2.27 13.50 4.93
CA MET A 84 1.29 12.78 5.70
C MET A 84 0.04 13.56 5.73
N VAL A 85 -0.92 13.09 4.98
CA VAL A 85 -2.24 13.62 4.99
C VAL A 85 -3.22 12.50 4.70
N LYS A 86 -3.94 12.06 5.64
CA LYS A 86 -4.91 11.05 5.35
C LYS A 86 -6.14 11.41 6.09
N ARG A 87 -7.17 11.67 5.40
CA ARG A 87 -8.34 12.12 6.06
C ARG A 87 -9.40 11.06 6.05
N ASN A 88 -10.36 11.21 6.96
CA ASN A 88 -11.48 10.27 7.19
C ASN A 88 -11.04 8.99 7.91
N ASN A 89 -10.01 8.37 7.39
CA ASN A 89 -9.53 7.09 7.89
C ASN A 89 -8.67 7.26 9.16
N GLN A 90 -7.43 7.65 8.96
CA GLN A 90 -6.44 7.80 10.02
C GLN A 90 -5.34 8.65 9.46
N THR A 91 -4.40 9.05 10.27
CA THR A 91 -3.28 9.81 9.77
C THR A 91 -2.06 8.92 9.50
N ILE A 92 -1.78 8.79 8.24
CA ILE A 92 -0.74 7.93 7.70
C ILE A 92 0.03 8.68 6.63
N PHE A 93 1.26 8.29 6.38
CA PHE A 93 2.13 9.04 5.53
C PHE A 93 1.94 8.58 4.09
N GLU A 94 1.60 9.52 3.24
CA GLU A 94 1.37 9.26 1.88
C GLU A 94 2.65 9.53 1.13
N GLN A 95 2.93 8.72 0.17
CA GLN A 95 4.14 8.84 -0.56
C GLN A 95 3.81 9.03 -2.04
N THR A 96 4.11 10.20 -2.58
CA THR A 96 3.81 10.53 -3.98
C THR A 96 5.09 10.66 -4.75
N ILE A 97 4.99 10.58 -6.03
CA ILE A 97 6.12 10.70 -6.90
C ILE A 97 6.05 12.04 -7.56
N ASN A 98 7.16 12.52 -7.98
CA ASN A 98 7.27 13.80 -8.65
C ASN A 98 7.23 13.61 -10.16
N ASP A 99 7.02 12.39 -10.61
CA ASP A 99 7.15 12.10 -12.04
C ASP A 99 6.28 10.95 -12.49
N LEU A 100 6.36 9.85 -11.78
CA LEU A 100 5.64 8.60 -12.10
C LEU A 100 4.19 8.69 -11.60
N THR A 101 3.76 9.91 -11.41
CA THR A 101 2.44 10.28 -10.99
C THR A 101 1.44 10.03 -12.14
N PHE A 102 1.97 9.89 -13.35
CA PHE A 102 1.18 9.58 -14.54
C PHE A 102 1.88 8.51 -15.34
ZN ZN B . -7.90 -5.32 1.67
ZN ZN C . 1.35 3.70 -6.65
N MET A 1 18.70 10.35 21.84
CA MET A 1 18.05 9.08 21.58
C MET A 1 16.58 9.31 21.23
N ALA A 2 16.13 8.69 20.17
CA ALA A 2 14.74 8.81 19.73
C ALA A 2 14.29 7.47 19.20
N HIS A 3 14.82 6.42 19.79
CA HIS A 3 14.58 5.06 19.32
C HIS A 3 13.21 4.59 19.74
N HIS A 4 12.49 4.04 18.81
CA HIS A 4 11.15 3.55 19.04
C HIS A 4 11.12 2.04 18.88
N HIS A 5 10.05 1.45 19.32
CA HIS A 5 9.86 0.02 19.18
C HIS A 5 9.06 -0.22 17.93
N HIS A 6 9.33 -1.30 17.24
CA HIS A 6 8.58 -1.62 16.06
C HIS A 6 7.57 -2.71 16.37
N HIS A 7 6.33 -2.49 16.00
CA HIS A 7 5.28 -3.45 16.28
C HIS A 7 5.15 -4.46 15.15
N HIS A 8 5.49 -5.67 15.45
CA HIS A 8 5.45 -6.73 14.48
C HIS A 8 4.06 -7.31 14.38
N ASN A 9 3.53 -7.34 13.18
CA ASN A 9 2.26 -7.96 12.90
C ASN A 9 2.18 -8.32 11.44
N GLN A 10 2.95 -9.31 11.04
CA GLN A 10 2.90 -9.74 9.66
C GLN A 10 1.63 -10.52 9.41
N GLN A 11 0.76 -9.92 8.66
CA GLN A 11 -0.53 -10.48 8.38
C GLN A 11 -0.51 -10.97 6.94
N ASN A 12 0.57 -10.63 6.28
CA ASN A 12 0.79 -10.91 4.89
C ASN A 12 2.28 -10.99 4.65
N LYS A 13 2.70 -11.78 3.68
CA LYS A 13 4.12 -12.05 3.49
C LYS A 13 4.88 -10.93 2.78
N LYS A 14 4.38 -10.49 1.65
CA LYS A 14 5.05 -9.44 0.90
C LYS A 14 4.12 -8.93 -0.18
N VAL A 15 4.33 -7.70 -0.57
CA VAL A 15 3.60 -7.10 -1.62
C VAL A 15 4.12 -7.74 -2.95
N GLU A 16 3.22 -8.25 -3.75
CA GLU A 16 3.61 -8.92 -4.97
C GLU A 16 3.48 -7.98 -6.15
N GLY A 17 2.28 -7.81 -6.65
CA GLY A 17 2.10 -6.92 -7.76
C GLY A 17 0.84 -6.11 -7.69
N GLY A 18 0.08 -6.30 -6.64
CA GLY A 18 -1.14 -5.56 -6.50
C GLY A 18 -1.16 -4.67 -5.29
N TYR A 19 -2.31 -4.44 -4.77
CA TYR A 19 -2.44 -3.55 -3.65
C TYR A 19 -2.67 -4.36 -2.41
N GLU A 20 -1.68 -4.35 -1.58
CA GLU A 20 -1.69 -5.02 -0.32
C GLU A 20 -2.45 -4.16 0.65
N CYS A 21 -3.47 -4.67 1.24
CA CYS A 21 -4.11 -3.95 2.30
C CYS A 21 -3.23 -4.03 3.53
N LYS A 22 -3.15 -2.94 4.25
CA LYS A 22 -2.46 -2.90 5.51
C LYS A 22 -3.30 -3.65 6.57
N TYR A 23 -4.50 -3.96 6.18
CA TYR A 23 -5.48 -4.46 7.08
C TYR A 23 -5.90 -5.89 6.76
N CYS A 24 -5.33 -6.49 5.73
CA CYS A 24 -5.70 -7.86 5.41
C CYS A 24 -4.60 -8.64 4.74
N THR A 25 -4.82 -9.93 4.64
CA THR A 25 -3.92 -10.86 4.01
C THR A 25 -4.20 -10.92 2.48
N PHE A 26 -5.21 -10.20 2.03
CA PHE A 26 -5.60 -10.25 0.64
C PHE A 26 -5.11 -9.03 -0.13
N GLN A 27 -4.36 -9.29 -1.17
CA GLN A 27 -3.87 -8.29 -2.08
C GLN A 27 -4.57 -8.44 -3.41
N THR A 28 -4.89 -7.34 -4.01
CA THR A 28 -5.49 -7.35 -5.33
C THR A 28 -4.90 -6.23 -6.17
N PRO A 29 -4.36 -6.56 -7.35
CA PRO A 29 -3.84 -5.57 -8.31
C PRO A 29 -4.95 -4.75 -8.97
N ASP A 30 -6.18 -5.12 -8.74
CA ASP A 30 -7.29 -4.40 -9.29
C ASP A 30 -7.77 -3.39 -8.30
N LEU A 31 -7.56 -2.13 -8.62
CA LEU A 31 -7.96 -1.02 -7.77
C LEU A 31 -9.44 -1.13 -7.45
N ASN A 32 -10.25 -1.47 -8.44
CA ASN A 32 -11.68 -1.58 -8.28
C ASN A 32 -12.01 -2.57 -7.18
N MET A 33 -11.32 -3.69 -7.19
CA MET A 33 -11.55 -4.73 -6.19
C MET A 33 -10.96 -4.32 -4.88
N PHE A 34 -9.85 -3.60 -4.95
CA PHE A 34 -9.19 -3.12 -3.76
C PHE A 34 -10.08 -2.15 -3.01
N THR A 35 -10.51 -1.12 -3.69
CA THR A 35 -11.26 -0.08 -3.05
C THR A 35 -12.67 -0.57 -2.71
N PHE A 36 -13.17 -1.55 -3.47
CA PHE A 36 -14.44 -2.15 -3.20
C PHE A 36 -14.39 -2.92 -1.89
N HIS A 37 -13.42 -3.81 -1.78
CA HIS A 37 -13.32 -4.61 -0.59
C HIS A 37 -12.89 -3.76 0.59
N VAL A 38 -12.16 -2.70 0.32
CA VAL A 38 -11.80 -1.75 1.35
C VAL A 38 -13.05 -1.09 1.90
N ASP A 39 -13.89 -0.54 1.04
CA ASP A 39 -15.13 0.13 1.49
C ASP A 39 -16.06 -0.86 2.18
N SER A 40 -15.96 -2.08 1.77
CA SER A 40 -16.81 -3.12 2.30
C SER A 40 -16.25 -3.71 3.60
N GLU A 41 -15.00 -4.07 3.59
CA GLU A 41 -14.44 -4.88 4.66
C GLU A 41 -13.51 -4.09 5.55
N HIS A 42 -13.02 -2.97 5.06
CA HIS A 42 -12.10 -2.14 5.86
C HIS A 42 -12.49 -0.66 5.74
N PRO A 43 -13.77 -0.31 5.99
CA PRO A 43 -14.28 1.04 5.76
C PRO A 43 -13.62 2.07 6.70
N ASN A 44 -13.21 1.61 7.87
CA ASN A 44 -12.48 2.44 8.83
C ASN A 44 -11.31 1.65 9.28
N VAL A 45 -10.15 2.26 9.29
CA VAL A 45 -8.92 1.58 9.63
C VAL A 45 -8.01 2.47 10.44
N VAL A 46 -7.12 1.86 11.20
CA VAL A 46 -6.18 2.60 11.99
C VAL A 46 -4.99 1.65 12.33
N LEU A 47 -3.91 2.20 12.88
CA LEU A 47 -2.77 1.39 13.29
C LEU A 47 -1.91 2.19 14.26
N ASN A 48 -1.19 3.17 13.71
CA ASN A 48 -0.29 4.07 14.47
C ASN A 48 0.41 4.97 13.46
N SER A 49 1.18 4.35 12.62
CA SER A 49 1.91 4.99 11.59
C SER A 49 2.00 4.02 10.42
N SER A 50 1.68 4.46 9.23
CA SER A 50 1.74 3.62 8.08
C SER A 50 2.04 4.48 6.87
N TYR A 51 2.34 3.84 5.77
CA TYR A 51 2.60 4.51 4.53
C TYR A 51 1.61 4.07 3.49
N VAL A 52 1.24 4.97 2.64
CA VAL A 52 0.31 4.71 1.58
C VAL A 52 0.83 5.35 0.29
N CYS A 53 0.61 4.68 -0.81
CA CYS A 53 0.94 5.26 -2.10
C CYS A 53 -0.23 6.10 -2.44
N VAL A 54 -0.11 7.41 -2.30
CA VAL A 54 -1.20 8.35 -2.58
C VAL A 54 -1.74 8.12 -3.97
N GLU A 55 -0.84 7.80 -4.87
CA GLU A 55 -1.13 7.58 -6.27
C GLU A 55 -2.16 6.47 -6.43
N CYS A 56 -2.00 5.45 -5.63
CA CYS A 56 -2.91 4.28 -5.69
C CYS A 56 -3.90 4.29 -4.51
N ASN A 57 -3.64 5.17 -3.56
CA ASN A 57 -4.37 5.27 -2.28
C ASN A 57 -4.39 3.91 -1.56
N PHE A 58 -3.23 3.27 -1.48
CA PHE A 58 -3.16 1.93 -0.94
C PHE A 58 -2.21 1.89 0.24
N LEU A 59 -2.71 1.44 1.36
CA LEU A 59 -1.96 1.37 2.58
C LEU A 59 -1.39 0.00 2.74
N THR A 60 -0.15 -0.07 3.08
CA THR A 60 0.54 -1.32 3.22
C THR A 60 1.12 -1.45 4.63
N LYS A 61 1.45 -2.68 5.02
CA LYS A 61 1.96 -2.96 6.36
C LYS A 61 3.46 -2.81 6.39
N ARG A 62 4.03 -2.51 5.26
CA ARG A 62 5.45 -2.44 5.13
C ARG A 62 5.82 -1.18 4.39
N TYR A 63 6.90 -0.54 4.79
CA TYR A 63 7.35 0.68 4.14
C TYR A 63 7.99 0.33 2.80
N ASP A 64 8.41 -0.92 2.72
CA ASP A 64 9.07 -1.51 1.56
C ASP A 64 8.20 -1.41 0.33
N ALA A 65 6.92 -1.64 0.49
CA ALA A 65 6.00 -1.74 -0.64
C ALA A 65 5.90 -0.43 -1.40
N LEU A 66 6.20 0.65 -0.72
CA LEU A 66 6.18 1.98 -1.33
C LEU A 66 7.48 2.22 -2.06
N SER A 67 8.54 1.66 -1.53
CA SER A 67 9.86 1.81 -2.09
C SER A 67 9.99 1.01 -3.36
N GLU A 68 9.52 -0.20 -3.32
CA GLU A 68 9.54 -1.05 -4.48
C GLU A 68 8.47 -0.62 -5.46
N HIS A 69 7.50 0.10 -4.96
CA HIS A 69 6.35 0.54 -5.73
C HIS A 69 6.75 1.18 -7.08
N ASN A 70 7.49 2.22 -7.06
CA ASN A 70 7.99 2.89 -8.30
C ASN A 70 8.99 2.01 -9.07
N LEU A 71 9.49 1.03 -8.40
CA LEU A 71 10.41 0.08 -8.97
C LEU A 71 9.64 -0.97 -9.83
N LYS A 72 8.59 -1.54 -9.27
CA LYS A 72 7.81 -2.58 -9.95
C LYS A 72 6.43 -2.10 -10.43
N TYR A 73 5.79 -1.35 -9.60
CA TYR A 73 4.41 -0.87 -9.81
C TYR A 73 4.36 0.37 -10.67
N HIS A 74 5.10 1.41 -10.28
CA HIS A 74 5.15 2.66 -11.09
C HIS A 74 6.57 2.89 -11.65
N PRO A 75 7.02 2.11 -12.63
CA PRO A 75 8.39 2.20 -13.17
C PRO A 75 8.67 3.41 -14.08
N GLY A 76 9.91 3.87 -14.06
CA GLY A 76 10.33 4.98 -14.89
C GLY A 76 11.45 5.78 -14.24
N GLU A 77 11.39 5.90 -12.93
CA GLU A 77 12.34 6.65 -12.15
C GLU A 77 12.15 6.25 -10.70
N GLU A 78 12.99 6.72 -9.82
CA GLU A 78 12.80 6.37 -8.44
C GLU A 78 12.93 7.61 -7.58
N ASN A 79 11.81 8.26 -7.34
CA ASN A 79 11.74 9.48 -6.56
C ASN A 79 10.38 9.61 -5.92
N PHE A 80 10.28 9.16 -4.72
CA PHE A 80 9.06 9.27 -3.95
C PHE A 80 9.18 10.36 -2.89
N LYS A 81 8.10 11.03 -2.62
CA LYS A 81 8.06 12.09 -1.63
C LYS A 81 7.09 11.64 -0.53
N LEU A 82 7.11 12.27 0.61
CA LEU A 82 6.23 11.89 1.69
C LEU A 82 5.44 13.09 2.14
N THR A 83 4.19 12.89 2.39
CA THR A 83 3.31 13.91 2.86
C THR A 83 2.35 13.27 3.86
N MET A 84 2.18 13.83 5.04
CA MET A 84 1.29 13.13 5.95
C MET A 84 -0.05 13.76 5.81
N VAL A 85 -0.93 13.08 5.16
CA VAL A 85 -2.30 13.48 5.03
C VAL A 85 -3.15 12.25 4.88
N LYS A 86 -3.93 11.87 5.80
CA LYS A 86 -4.84 10.81 5.48
C LYS A 86 -6.13 11.14 6.08
N ARG A 87 -7.10 11.23 5.27
CA ARG A 87 -8.35 11.69 5.71
C ARG A 87 -9.37 10.59 5.55
N ASN A 88 -10.34 10.57 6.46
CA ASN A 88 -11.48 9.64 6.46
C ASN A 88 -11.05 8.20 6.88
N ASN A 89 -9.87 8.07 7.45
CA ASN A 89 -9.36 6.75 7.86
C ASN A 89 -8.61 6.88 9.18
N GLN A 90 -7.38 7.34 9.08
CA GLN A 90 -6.47 7.58 10.17
C GLN A 90 -5.43 8.48 9.59
N THR A 91 -4.55 9.01 10.37
CA THR A 91 -3.51 9.84 9.84
C THR A 91 -2.19 9.05 9.66
N ILE A 92 -1.85 8.86 8.41
CA ILE A 92 -0.76 8.04 7.91
C ILE A 92 -0.03 8.79 6.82
N PHE A 93 1.19 8.43 6.56
CA PHE A 93 2.02 9.19 5.66
C PHE A 93 1.80 8.69 4.25
N GLU A 94 1.49 9.60 3.38
CA GLU A 94 1.25 9.28 2.02
C GLU A 94 2.50 9.55 1.23
N GLN A 95 2.80 8.69 0.33
CA GLN A 95 4.01 8.80 -0.41
C GLN A 95 3.66 8.99 -1.89
N THR A 96 3.96 10.18 -2.45
CA THR A 96 3.62 10.50 -3.84
C THR A 96 4.87 10.62 -4.69
N ILE A 97 4.72 10.51 -5.97
CA ILE A 97 5.84 10.61 -6.87
C ILE A 97 5.77 11.94 -7.58
N ASN A 98 6.89 12.42 -8.03
CA ASN A 98 6.99 13.68 -8.75
C ASN A 98 7.05 13.44 -10.26
N ASP A 99 6.71 12.24 -10.68
CA ASP A 99 6.84 11.90 -12.09
C ASP A 99 5.88 10.80 -12.47
N LEU A 100 6.02 9.69 -11.77
CA LEU A 100 5.28 8.44 -12.03
C LEU A 100 3.87 8.53 -11.46
N THR A 101 3.48 9.74 -11.17
CA THR A 101 2.19 10.10 -10.68
C THR A 101 1.13 9.69 -11.72
N PHE A 102 1.51 9.78 -12.97
CA PHE A 102 0.62 9.46 -14.06
C PHE A 102 1.06 8.15 -14.67
ZN ZN B . -7.89 -5.99 1.90
ZN ZN C . 1.09 3.72 -6.53
N MET A 1 -9.15 -15.91 -20.21
CA MET A 1 -10.06 -15.89 -19.08
C MET A 1 -10.51 -17.30 -18.75
N ALA A 2 -9.67 -18.01 -18.02
CA ALA A 2 -9.94 -19.38 -17.60
C ALA A 2 -8.99 -19.69 -16.48
N HIS A 3 -9.31 -20.75 -15.73
CA HIS A 3 -8.49 -21.23 -14.59
C HIS A 3 -8.62 -20.29 -13.38
N HIS A 4 -8.18 -19.05 -13.57
CA HIS A 4 -8.19 -17.98 -12.56
C HIS A 4 -7.21 -18.26 -11.42
N HIS A 5 -6.52 -17.21 -11.02
CA HIS A 5 -5.37 -17.27 -10.13
C HIS A 5 -4.28 -17.94 -10.93
N HIS A 6 -3.68 -17.13 -11.76
CA HIS A 6 -2.82 -17.56 -12.83
C HIS A 6 -1.38 -17.69 -12.33
N HIS A 7 -0.46 -17.85 -13.26
CA HIS A 7 0.95 -17.99 -12.91
C HIS A 7 1.52 -16.61 -12.58
N HIS A 8 0.75 -15.58 -12.90
CA HIS A 8 1.07 -14.20 -12.51
C HIS A 8 0.59 -13.91 -11.10
N ASN A 9 0.24 -14.96 -10.40
CA ASN A 9 -0.16 -14.89 -9.02
C ASN A 9 0.81 -15.70 -8.20
N GLN A 10 1.51 -15.05 -7.29
CA GLN A 10 2.50 -15.72 -6.46
C GLN A 10 1.86 -16.21 -5.17
N GLN A 11 0.59 -15.78 -4.94
CA GLN A 11 -0.18 -16.03 -3.70
C GLN A 11 0.68 -15.71 -2.48
N ASN A 12 1.40 -14.64 -2.61
CA ASN A 12 2.42 -14.24 -1.67
C ASN A 12 1.91 -13.11 -0.79
N LYS A 13 2.34 -13.10 0.46
CA LYS A 13 1.93 -12.06 1.39
C LYS A 13 2.69 -10.80 1.13
N LYS A 14 3.90 -10.95 0.59
CA LYS A 14 4.69 -9.81 0.20
C LYS A 14 4.12 -9.25 -1.08
N VAL A 15 3.84 -7.94 -1.06
CA VAL A 15 3.29 -7.18 -2.17
C VAL A 15 3.84 -7.68 -3.55
N GLU A 16 2.96 -8.16 -4.40
CA GLU A 16 3.37 -8.69 -5.68
C GLU A 16 3.27 -7.65 -6.75
N GLY A 17 2.07 -7.35 -7.17
CA GLY A 17 1.92 -6.36 -8.23
C GLY A 17 0.61 -5.64 -8.14
N GLY A 18 -0.01 -5.75 -7.02
CA GLY A 18 -1.25 -5.09 -6.83
C GLY A 18 -1.30 -4.30 -5.57
N TYR A 19 -2.45 -4.23 -4.98
CA TYR A 19 -2.63 -3.46 -3.79
C TYR A 19 -2.80 -4.37 -2.61
N GLU A 20 -1.81 -4.36 -1.77
CA GLU A 20 -1.77 -5.09 -0.54
C GLU A 20 -2.30 -4.15 0.51
N CYS A 21 -3.37 -4.53 1.17
CA CYS A 21 -3.93 -3.68 2.20
C CYS A 21 -3.08 -3.68 3.47
N LYS A 22 -3.15 -2.59 4.15
CA LYS A 22 -2.56 -2.44 5.45
C LYS A 22 -3.37 -3.26 6.45
N TYR A 23 -4.66 -3.38 6.20
CA TYR A 23 -5.55 -3.98 7.17
C TYR A 23 -5.91 -5.41 6.79
N CYS A 24 -5.31 -5.92 5.75
CA CYS A 24 -5.53 -7.29 5.34
C CYS A 24 -4.37 -7.73 4.49
N THR A 25 -3.77 -8.83 4.83
CA THR A 25 -2.64 -9.29 4.10
C THR A 25 -3.11 -10.15 2.91
N PHE A 26 -3.77 -9.47 2.01
CA PHE A 26 -4.30 -10.01 0.79
C PHE A 26 -4.13 -8.93 -0.22
N GLN A 27 -3.98 -9.30 -1.45
CA GLN A 27 -3.71 -8.34 -2.47
C GLN A 27 -4.57 -8.55 -3.70
N THR A 28 -4.91 -7.44 -4.33
CA THR A 28 -5.55 -7.44 -5.59
C THR A 28 -5.00 -6.25 -6.39
N PRO A 29 -4.45 -6.49 -7.59
CA PRO A 29 -4.01 -5.43 -8.49
C PRO A 29 -5.16 -4.68 -9.14
N ASP A 30 -6.36 -5.10 -8.86
CA ASP A 30 -7.53 -4.44 -9.37
C ASP A 30 -7.95 -3.42 -8.37
N LEU A 31 -7.76 -2.15 -8.69
CA LEU A 31 -8.12 -1.06 -7.82
C LEU A 31 -9.58 -1.18 -7.42
N ASN A 32 -10.42 -1.53 -8.40
CA ASN A 32 -11.84 -1.71 -8.17
C ASN A 32 -12.09 -2.69 -7.06
N MET A 33 -11.45 -3.83 -7.16
CA MET A 33 -11.65 -4.89 -6.20
C MET A 33 -11.01 -4.51 -4.89
N PHE A 34 -9.95 -3.74 -4.99
CA PHE A 34 -9.26 -3.27 -3.81
C PHE A 34 -10.15 -2.32 -3.03
N THR A 35 -10.63 -1.29 -3.68
CA THR A 35 -11.42 -0.29 -3.01
C THR A 35 -12.78 -0.86 -2.63
N PHE A 36 -13.24 -1.85 -3.37
CA PHE A 36 -14.49 -2.51 -3.07
C PHE A 36 -14.39 -3.35 -1.82
N HIS A 37 -13.39 -4.23 -1.74
CA HIS A 37 -13.27 -5.09 -0.58
C HIS A 37 -12.88 -4.24 0.63
N VAL A 38 -12.17 -3.16 0.36
CA VAL A 38 -11.79 -2.25 1.42
C VAL A 38 -13.02 -1.56 1.93
N ASP A 39 -13.79 -0.94 1.06
CA ASP A 39 -14.98 -0.18 1.44
C ASP A 39 -16.00 -1.06 2.14
N SER A 40 -15.96 -2.33 1.83
CA SER A 40 -16.87 -3.28 2.41
C SER A 40 -16.33 -3.82 3.77
N GLU A 41 -15.06 -4.20 3.81
CA GLU A 41 -14.51 -4.90 4.99
C GLU A 41 -13.79 -3.97 5.96
N HIS A 42 -13.03 -3.06 5.42
CA HIS A 42 -12.20 -2.16 6.19
C HIS A 42 -12.19 -0.78 5.55
N PRO A 43 -13.35 -0.07 5.55
CA PRO A 43 -13.46 1.24 4.89
C PRO A 43 -12.55 2.28 5.52
N ASN A 44 -12.46 2.20 6.83
CA ASN A 44 -11.57 3.01 7.59
C ASN A 44 -11.18 2.20 8.78
N VAL A 45 -9.94 2.27 9.12
CA VAL A 45 -9.37 1.54 10.21
C VAL A 45 -8.45 2.52 10.85
N VAL A 46 -8.22 2.43 12.11
CA VAL A 46 -7.38 3.40 12.71
C VAL A 46 -6.36 2.79 13.67
N LEU A 47 -5.15 2.61 13.18
CA LEU A 47 -4.09 2.15 14.03
C LEU A 47 -3.12 3.30 14.30
N ASN A 48 -2.14 3.51 13.42
CA ASN A 48 -1.27 4.69 13.54
C ASN A 48 -0.48 4.96 12.28
N SER A 49 0.71 4.41 12.19
CA SER A 49 1.58 4.75 11.10
C SER A 49 1.65 3.64 10.06
N SER A 50 1.42 4.02 8.83
CA SER A 50 1.51 3.18 7.68
C SER A 50 1.74 4.10 6.50
N TYR A 51 2.06 3.55 5.35
CA TYR A 51 2.31 4.35 4.18
C TYR A 51 1.30 4.02 3.10
N VAL A 52 0.94 5.02 2.34
CA VAL A 52 0.01 4.86 1.25
C VAL A 52 0.60 5.48 -0.01
N CYS A 53 0.48 4.80 -1.12
CA CYS A 53 0.89 5.39 -2.38
C CYS A 53 -0.24 6.27 -2.78
N VAL A 54 -0.09 7.57 -2.58
CA VAL A 54 -1.15 8.54 -2.93
C VAL A 54 -1.55 8.41 -4.39
N GLU A 55 -0.59 7.97 -5.18
CA GLU A 55 -0.75 7.76 -6.60
C GLU A 55 -1.85 6.74 -6.87
N CYS A 56 -1.86 5.72 -6.07
CA CYS A 56 -2.85 4.64 -6.25
C CYS A 56 -3.94 4.73 -5.19
N ASN A 57 -3.59 5.43 -4.14
CA ASN A 57 -4.29 5.47 -2.88
C ASN A 57 -4.46 4.09 -2.33
N PHE A 58 -3.34 3.49 -2.01
CA PHE A 58 -3.36 2.16 -1.48
C PHE A 58 -2.48 2.09 -0.25
N LEU A 59 -3.05 1.65 0.82
CA LEU A 59 -2.36 1.53 2.08
C LEU A 59 -1.86 0.15 2.22
N THR A 60 -0.61 0.02 2.52
CA THR A 60 0.03 -1.27 2.64
C THR A 60 0.48 -1.56 4.05
N LYS A 61 0.59 -2.85 4.32
CA LYS A 61 1.00 -3.44 5.58
C LYS A 61 2.45 -3.07 5.88
N ARG A 62 3.18 -2.81 4.84
CA ARG A 62 4.60 -2.57 4.95
C ARG A 62 4.93 -1.22 4.30
N TYR A 63 6.08 -0.68 4.58
CA TYR A 63 6.46 0.58 3.97
C TYR A 63 7.32 0.34 2.73
N ASP A 64 7.83 -0.85 2.61
CA ASP A 64 8.69 -1.20 1.48
C ASP A 64 7.92 -1.34 0.18
N ALA A 65 6.65 -1.65 0.27
CA ALA A 65 5.78 -1.79 -0.90
C ALA A 65 5.69 -0.48 -1.68
N LEU A 66 5.94 0.61 -0.99
CA LEU A 66 5.95 1.95 -1.57
C LEU A 66 7.31 2.23 -2.20
N SER A 67 8.32 1.68 -1.61
CA SER A 67 9.69 1.85 -2.06
C SER A 67 9.97 1.06 -3.32
N GLU A 68 9.46 -0.12 -3.35
CA GLU A 68 9.56 -0.95 -4.52
C GLU A 68 8.51 -0.53 -5.54
N HIS A 69 7.51 0.16 -5.07
CA HIS A 69 6.37 0.60 -5.89
C HIS A 69 6.83 1.27 -7.20
N ASN A 70 7.58 2.31 -7.13
CA ASN A 70 8.13 3.01 -8.32
C ASN A 70 9.15 2.16 -9.06
N LEU A 71 9.61 1.15 -8.41
CA LEU A 71 10.51 0.23 -8.99
C LEU A 71 9.73 -0.73 -9.93
N LYS A 72 8.69 -1.34 -9.41
CA LYS A 72 7.93 -2.34 -10.17
C LYS A 72 6.56 -1.86 -10.65
N TYR A 73 5.88 -1.17 -9.79
CA TYR A 73 4.50 -0.72 -10.01
C TYR A 73 4.46 0.54 -10.85
N HIS A 74 5.23 1.55 -10.44
CA HIS A 74 5.33 2.79 -11.21
C HIS A 74 6.77 2.98 -11.70
N PRO A 75 7.24 2.15 -12.63
CA PRO A 75 8.64 2.18 -13.08
C PRO A 75 8.98 3.37 -13.95
N GLY A 76 10.24 3.78 -13.87
CA GLY A 76 10.74 4.86 -14.66
C GLY A 76 11.89 5.55 -13.98
N GLU A 77 11.72 5.80 -12.69
CA GLU A 77 12.70 6.49 -11.88
C GLU A 77 12.45 6.13 -10.44
N GLU A 78 13.28 6.59 -9.53
CA GLU A 78 13.05 6.29 -8.15
C GLU A 78 13.16 7.55 -7.32
N ASN A 79 12.04 8.22 -7.13
CA ASN A 79 11.96 9.46 -6.38
C ASN A 79 10.58 9.61 -5.79
N PHE A 80 10.43 9.17 -4.59
CA PHE A 80 9.18 9.29 -3.87
C PHE A 80 9.31 10.34 -2.79
N LYS A 81 8.25 11.07 -2.56
CA LYS A 81 8.19 12.11 -1.57
C LYS A 81 7.29 11.65 -0.43
N LEU A 82 7.34 12.31 0.70
CA LEU A 82 6.54 11.91 1.83
C LEU A 82 5.63 13.05 2.25
N THR A 83 4.38 12.76 2.46
CA THR A 83 3.41 13.72 2.90
C THR A 83 2.39 13.02 3.81
N MET A 84 2.34 13.31 5.09
CA MET A 84 1.37 12.57 5.87
C MET A 84 0.15 13.39 5.97
N VAL A 85 -0.84 12.99 5.26
CA VAL A 85 -2.15 13.55 5.34
C VAL A 85 -3.15 12.48 5.02
N LYS A 86 -3.87 11.97 5.94
CA LYS A 86 -4.86 11.02 5.57
C LYS A 86 -6.09 11.31 6.34
N ARG A 87 -7.09 11.62 5.66
CA ARG A 87 -8.29 12.04 6.26
C ARG A 87 -9.35 11.00 5.97
N ASN A 88 -10.36 10.94 6.83
CA ASN A 88 -11.49 9.98 6.71
C ASN A 88 -11.06 8.53 6.94
N ASN A 89 -9.85 8.34 7.44
CA ASN A 89 -9.30 7.01 7.68
C ASN A 89 -8.53 6.99 9.00
N GLN A 90 -7.25 7.32 8.91
CA GLN A 90 -6.32 7.43 10.00
C GLN A 90 -5.21 8.27 9.48
N THR A 91 -4.35 8.77 10.29
CA THR A 91 -3.28 9.59 9.78
C THR A 91 -2.04 8.76 9.52
N ILE A 92 -1.77 8.60 8.24
CA ILE A 92 -0.76 7.75 7.68
C ILE A 92 0.01 8.51 6.63
N PHE A 93 1.23 8.11 6.37
CA PHE A 93 2.11 8.89 5.53
C PHE A 93 1.89 8.48 4.10
N GLU A 94 1.57 9.44 3.29
CA GLU A 94 1.31 9.21 1.93
C GLU A 94 2.60 9.47 1.18
N GLN A 95 2.85 8.67 0.20
CA GLN A 95 4.07 8.79 -0.53
C GLN A 95 3.73 9.01 -2.01
N THR A 96 4.08 10.19 -2.54
CA THR A 96 3.80 10.55 -3.93
C THR A 96 5.09 10.67 -4.70
N ILE A 97 5.00 10.60 -5.97
CA ILE A 97 6.14 10.69 -6.84
C ILE A 97 6.18 12.07 -7.46
N ASN A 98 7.33 12.48 -7.87
CA ASN A 98 7.51 13.75 -8.52
C ASN A 98 7.53 13.60 -10.04
N ASP A 99 7.24 12.39 -10.53
CA ASP A 99 7.42 12.11 -11.96
C ASP A 99 6.46 11.05 -12.45
N LEU A 100 6.50 9.90 -11.78
CA LEU A 100 5.76 8.69 -12.16
C LEU A 100 4.28 8.82 -11.76
N THR A 101 3.92 10.02 -11.44
CA THR A 101 2.61 10.43 -11.08
C THR A 101 1.76 10.55 -12.35
N PHE A 102 2.43 10.71 -13.46
CA PHE A 102 1.77 10.90 -14.74
C PHE A 102 1.99 9.67 -15.62
ZN ZN B . -7.77 -5.50 1.79
ZN ZN C . 1.10 3.77 -6.79
N MET A 1 7.39 -14.54 -5.08
CA MET A 1 7.43 -13.75 -6.30
C MET A 1 6.03 -13.29 -6.57
N ALA A 2 5.85 -12.42 -7.56
CA ALA A 2 4.53 -11.89 -7.85
C ALA A 2 3.79 -12.75 -8.85
N HIS A 3 2.96 -13.64 -8.34
CA HIS A 3 2.19 -14.58 -9.14
C HIS A 3 1.35 -15.46 -8.24
N HIS A 4 0.04 -15.43 -8.38
CA HIS A 4 -0.76 -16.27 -7.55
C HIS A 4 -0.98 -17.60 -8.24
N HIS A 5 -0.25 -18.57 -7.80
CA HIS A 5 -0.38 -19.93 -8.31
C HIS A 5 -1.12 -20.76 -7.27
N HIS A 6 -1.68 -20.05 -6.32
CA HIS A 6 -2.43 -20.63 -5.23
C HIS A 6 -3.80 -19.99 -5.18
N HIS A 7 -4.81 -20.84 -5.01
CA HIS A 7 -6.23 -20.42 -4.92
C HIS A 7 -6.64 -19.49 -6.09
N HIS A 8 -6.81 -18.22 -5.77
CA HIS A 8 -7.20 -17.19 -6.72
C HIS A 8 -6.99 -15.84 -6.06
N ASN A 9 -6.11 -15.83 -5.09
CA ASN A 9 -5.95 -14.66 -4.23
C ASN A 9 -4.48 -14.35 -4.16
N GLN A 10 -4.12 -13.08 -4.10
CA GLN A 10 -2.74 -12.73 -3.86
C GLN A 10 -2.58 -12.82 -2.35
N GLN A 11 -2.08 -13.94 -1.90
CA GLN A 11 -2.05 -14.25 -0.49
C GLN A 11 -0.61 -14.37 0.01
N ASN A 12 0.32 -13.75 -0.67
CA ASN A 12 1.72 -13.79 -0.25
C ASN A 12 1.97 -12.85 0.91
N LYS A 13 3.12 -13.00 1.54
CA LYS A 13 3.48 -12.22 2.72
C LYS A 13 4.08 -10.90 2.30
N LYS A 14 4.44 -10.80 1.05
CA LYS A 14 5.04 -9.63 0.52
C LYS A 14 4.18 -9.11 -0.62
N VAL A 15 4.16 -7.80 -0.76
CA VAL A 15 3.44 -7.12 -1.81
C VAL A 15 3.91 -7.67 -3.20
N GLU A 16 2.99 -8.03 -4.05
CA GLU A 16 3.36 -8.62 -5.33
C GLU A 16 3.29 -7.62 -6.46
N GLY A 17 2.10 -7.32 -6.91
CA GLY A 17 1.94 -6.39 -8.00
C GLY A 17 0.57 -5.80 -8.02
N GLY A 18 -0.05 -5.81 -6.88
CA GLY A 18 -1.35 -5.22 -6.76
C GLY A 18 -1.46 -4.34 -5.55
N TYR A 19 -2.63 -4.28 -4.97
CA TYR A 19 -2.88 -3.45 -3.84
C TYR A 19 -3.19 -4.30 -2.66
N GLU A 20 -2.31 -4.21 -1.71
CA GLU A 20 -2.49 -4.87 -0.47
C GLU A 20 -3.10 -3.87 0.47
N CYS A 21 -3.90 -4.34 1.35
CA CYS A 21 -4.40 -3.53 2.41
C CYS A 21 -3.47 -3.65 3.63
N LYS A 22 -3.23 -2.54 4.25
CA LYS A 22 -2.48 -2.44 5.51
C LYS A 22 -3.21 -3.20 6.65
N TYR A 23 -4.45 -3.53 6.39
CA TYR A 23 -5.34 -4.13 7.35
C TYR A 23 -5.82 -5.53 6.93
N CYS A 24 -5.24 -6.05 5.85
CA CYS A 24 -5.52 -7.41 5.43
C CYS A 24 -4.42 -7.91 4.54
N THR A 25 -3.82 -9.03 4.87
CA THR A 25 -2.78 -9.58 4.05
C THR A 25 -3.42 -10.37 2.92
N PHE A 26 -3.95 -9.61 2.03
CA PHE A 26 -4.62 -10.02 0.86
C PHE A 26 -4.47 -8.91 -0.12
N GLN A 27 -4.06 -9.22 -1.28
CA GLN A 27 -3.82 -8.25 -2.27
C GLN A 27 -4.64 -8.52 -3.52
N THR A 28 -4.95 -7.46 -4.23
CA THR A 28 -5.56 -7.57 -5.50
C THR A 28 -5.08 -6.39 -6.37
N PRO A 29 -4.50 -6.68 -7.54
CA PRO A 29 -4.12 -5.66 -8.54
C PRO A 29 -5.31 -4.99 -9.20
N ASP A 30 -6.49 -5.47 -8.89
CA ASP A 30 -7.69 -4.88 -9.39
C ASP A 30 -8.13 -3.85 -8.42
N LEU A 31 -7.95 -2.58 -8.79
CA LEU A 31 -8.33 -1.46 -7.95
C LEU A 31 -9.78 -1.61 -7.54
N ASN A 32 -10.64 -1.98 -8.50
CA ASN A 32 -12.06 -2.16 -8.26
C ASN A 32 -12.27 -3.12 -7.13
N MET A 33 -11.60 -4.24 -7.18
CA MET A 33 -11.76 -5.25 -6.18
C MET A 33 -11.14 -4.81 -4.88
N PHE A 34 -10.05 -4.06 -5.00
CA PHE A 34 -9.37 -3.53 -3.83
C PHE A 34 -10.27 -2.60 -3.07
N THR A 35 -10.78 -1.61 -3.74
CA THR A 35 -11.59 -0.61 -3.11
C THR A 35 -12.96 -1.21 -2.71
N PHE A 36 -13.37 -2.25 -3.44
CA PHE A 36 -14.59 -2.95 -3.14
C PHE A 36 -14.46 -3.69 -1.84
N HIS A 37 -13.49 -4.60 -1.75
CA HIS A 37 -13.35 -5.40 -0.55
C HIS A 37 -13.02 -4.50 0.64
N VAL A 38 -12.36 -3.38 0.37
CA VAL A 38 -12.07 -2.43 1.40
C VAL A 38 -13.35 -1.80 1.89
N ASP A 39 -14.08 -1.15 1.01
CA ASP A 39 -15.28 -0.38 1.43
C ASP A 39 -16.37 -1.31 1.94
N SER A 40 -16.29 -2.53 1.54
CA SER A 40 -17.26 -3.52 1.92
C SER A 40 -16.88 -4.18 3.24
N GLU A 41 -15.63 -4.56 3.39
CA GLU A 41 -15.25 -5.34 4.55
C GLU A 41 -14.59 -4.50 5.65
N HIS A 42 -13.68 -3.63 5.25
CA HIS A 42 -12.93 -2.79 6.16
C HIS A 42 -12.85 -1.34 5.66
N PRO A 43 -14.01 -0.61 5.63
CA PRO A 43 -14.04 0.77 5.13
C PRO A 43 -13.34 1.73 6.08
N ASN A 44 -13.67 1.62 7.34
CA ASN A 44 -13.10 2.46 8.37
C ASN A 44 -12.18 1.62 9.19
N VAL A 45 -10.95 2.00 9.23
CA VAL A 45 -9.93 1.27 9.92
C VAL A 45 -8.79 2.24 10.25
N VAL A 46 -8.08 2.00 11.34
CA VAL A 46 -7.05 2.92 11.78
C VAL A 46 -5.74 2.20 12.12
N LEU A 47 -4.71 3.01 12.33
CA LEU A 47 -3.37 2.63 12.78
C LEU A 47 -2.59 3.92 12.79
N ASN A 48 -1.72 4.12 13.75
CA ASN A 48 -1.07 5.42 13.92
C ASN A 48 0.00 5.73 12.87
N SER A 49 0.72 4.74 12.38
CA SER A 49 1.74 5.00 11.37
C SER A 49 1.85 3.87 10.36
N SER A 50 1.61 4.21 9.11
CA SER A 50 1.69 3.34 7.99
C SER A 50 2.02 4.19 6.78
N TYR A 51 2.29 3.57 5.67
CA TYR A 51 2.59 4.26 4.44
C TYR A 51 1.57 3.91 3.37
N VAL A 52 1.23 4.88 2.56
CA VAL A 52 0.29 4.69 1.48
C VAL A 52 0.84 5.34 0.20
N CYS A 53 0.61 4.72 -0.92
CA CYS A 53 0.96 5.32 -2.18
C CYS A 53 -0.18 6.20 -2.50
N VAL A 54 -0.03 7.50 -2.33
CA VAL A 54 -1.10 8.46 -2.59
C VAL A 54 -1.60 8.30 -4.01
N GLU A 55 -0.67 7.97 -4.88
CA GLU A 55 -0.92 7.83 -6.31
C GLU A 55 -1.96 6.75 -6.57
N CYS A 56 -1.90 5.72 -5.78
CA CYS A 56 -2.83 4.59 -5.91
C CYS A 56 -3.90 4.62 -4.81
N ASN A 57 -3.59 5.38 -3.77
CA ASN A 57 -4.35 5.40 -2.52
C ASN A 57 -4.45 4.00 -1.92
N PHE A 58 -3.30 3.39 -1.66
CA PHE A 58 -3.26 2.03 -1.14
C PHE A 58 -2.34 1.98 0.05
N LEU A 59 -2.87 1.54 1.15
CA LEU A 59 -2.15 1.47 2.39
C LEU A 59 -1.61 0.10 2.52
N THR A 60 -0.37 0.00 2.83
CA THR A 60 0.26 -1.27 2.95
C THR A 60 0.94 -1.38 4.30
N LYS A 61 1.20 -2.60 4.72
CA LYS A 61 1.76 -2.87 6.02
C LYS A 61 3.23 -2.41 6.12
N ARG A 62 4.07 -2.87 5.21
CA ARG A 62 5.49 -2.53 5.29
C ARG A 62 5.82 -1.37 4.35
N TYR A 63 6.76 -0.50 4.76
CA TYR A 63 7.11 0.66 3.94
C TYR A 63 7.90 0.28 2.68
N ASP A 64 8.36 -0.96 2.62
CA ASP A 64 9.09 -1.47 1.47
C ASP A 64 8.22 -1.40 0.24
N ALA A 65 6.93 -1.70 0.40
CA ALA A 65 6.00 -1.79 -0.74
C ALA A 65 5.92 -0.47 -1.51
N LEU A 66 6.14 0.61 -0.82
CA LEU A 66 6.11 1.95 -1.42
C LEU A 66 7.44 2.28 -2.06
N SER A 67 8.46 1.71 -1.53
CA SER A 67 9.82 1.93 -1.96
C SER A 67 10.11 1.17 -3.24
N GLU A 68 9.60 -0.03 -3.29
CA GLU A 68 9.71 -0.86 -4.47
C GLU A 68 8.64 -0.46 -5.46
N HIS A 69 7.63 0.20 -4.97
CA HIS A 69 6.47 0.61 -5.77
C HIS A 69 6.89 1.26 -7.09
N ASN A 70 7.66 2.29 -7.05
CA ASN A 70 8.19 2.98 -8.26
C ASN A 70 9.19 2.11 -9.02
N LEU A 71 9.68 1.11 -8.36
CA LEU A 71 10.58 0.17 -8.94
C LEU A 71 9.81 -0.82 -9.86
N LYS A 72 8.78 -1.42 -9.31
CA LYS A 72 8.01 -2.44 -10.03
C LYS A 72 6.63 -1.98 -10.49
N TYR A 73 5.98 -1.26 -9.64
CA TYR A 73 4.60 -0.80 -9.87
C TYR A 73 4.56 0.46 -10.73
N HIS A 74 5.31 1.50 -10.33
CA HIS A 74 5.40 2.75 -11.12
C HIS A 74 6.84 2.96 -11.68
N PRO A 75 7.28 2.16 -12.65
CA PRO A 75 8.64 2.24 -13.20
C PRO A 75 8.88 3.49 -14.08
N GLY A 76 10.13 3.89 -14.16
CA GLY A 76 10.53 5.04 -14.93
C GLY A 76 11.70 5.75 -14.26
N GLU A 77 11.58 5.93 -12.97
CA GLU A 77 12.59 6.59 -12.16
C GLU A 77 12.36 6.22 -10.72
N GLU A 78 13.22 6.65 -9.84
CA GLU A 78 13.04 6.36 -8.44
C GLU A 78 13.13 7.65 -7.64
N ASN A 79 11.98 8.29 -7.41
CA ASN A 79 11.91 9.55 -6.68
C ASN A 79 10.55 9.69 -6.04
N PHE A 80 10.45 9.29 -4.82
CA PHE A 80 9.22 9.40 -4.06
C PHE A 80 9.36 10.51 -3.04
N LYS A 81 8.26 11.06 -2.63
CA LYS A 81 8.22 12.05 -1.58
C LYS A 81 7.29 11.51 -0.49
N LEU A 82 7.32 12.08 0.69
CA LEU A 82 6.43 11.62 1.73
C LEU A 82 5.72 12.81 2.32
N THR A 83 4.45 12.67 2.50
CA THR A 83 3.62 13.69 3.03
C THR A 83 2.64 13.02 3.99
N MET A 84 2.55 13.45 5.24
CA MET A 84 1.64 12.73 6.09
C MET A 84 0.35 13.47 6.14
N VAL A 85 -0.60 12.95 5.43
CA VAL A 85 -1.93 13.44 5.41
C VAL A 85 -2.86 12.29 5.14
N LYS A 86 -3.63 11.87 6.05
CA LYS A 86 -4.64 10.91 5.70
C LYS A 86 -5.85 11.30 6.41
N ARG A 87 -6.89 11.54 5.69
CA ARG A 87 -8.03 12.16 6.25
C ARG A 87 -9.19 11.23 6.24
N ASN A 88 -10.02 11.32 7.29
CA ASN A 88 -11.27 10.55 7.47
C ASN A 88 -11.01 9.09 7.88
N ASN A 89 -9.77 8.75 8.15
CA ASN A 89 -9.42 7.38 8.49
C ASN A 89 -8.47 7.39 9.67
N GLN A 90 -7.22 7.67 9.38
CA GLN A 90 -6.17 7.77 10.35
C GLN A 90 -5.13 8.61 9.71
N THR A 91 -4.17 9.10 10.44
CA THR A 91 -3.10 9.85 9.85
C THR A 91 -1.88 8.97 9.62
N ILE A 92 -1.61 8.75 8.37
CA ILE A 92 -0.58 7.88 7.85
C ILE A 92 0.20 8.60 6.77
N PHE A 93 1.41 8.18 6.52
CA PHE A 93 2.29 8.92 5.66
C PHE A 93 2.05 8.46 4.24
N GLU A 94 1.70 9.41 3.41
CA GLU A 94 1.41 9.18 2.04
C GLU A 94 2.67 9.43 1.26
N GLN A 95 2.92 8.61 0.30
CA GLN A 95 4.12 8.72 -0.46
C GLN A 95 3.76 8.96 -1.93
N THR A 96 4.10 10.13 -2.44
CA THR A 96 3.76 10.52 -3.80
C THR A 96 5.00 10.63 -4.65
N ILE A 97 4.83 10.54 -5.93
CA ILE A 97 5.94 10.65 -6.83
C ILE A 97 5.84 11.98 -7.53
N ASN A 98 6.96 12.47 -7.97
CA ASN A 98 7.07 13.74 -8.61
C ASN A 98 7.04 13.59 -10.12
N ASP A 99 6.81 12.37 -10.59
CA ASP A 99 6.91 12.10 -12.02
C ASP A 99 6.03 10.95 -12.42
N LEU A 100 6.25 9.81 -11.74
CA LEU A 100 5.56 8.54 -12.01
C LEU A 100 4.16 8.57 -11.39
N THR A 101 3.71 9.76 -11.10
CA THR A 101 2.46 10.09 -10.49
C THR A 101 1.26 9.41 -11.20
N PHE A 102 1.37 9.24 -12.50
CA PHE A 102 0.29 8.66 -13.28
C PHE A 102 0.62 7.23 -13.69
ZN ZN B . -8.03 -5.59 2.01
ZN ZN C . 1.16 3.68 -6.60
N MET A 1 -13.85 -13.27 -10.61
CA MET A 1 -14.06 -14.46 -11.46
C MET A 1 -14.76 -15.56 -10.67
N ALA A 2 -14.06 -16.16 -9.74
CA ALA A 2 -14.65 -17.18 -8.90
C ALA A 2 -15.34 -16.50 -7.74
N HIS A 3 -16.49 -17.00 -7.35
CA HIS A 3 -17.28 -16.38 -6.29
C HIS A 3 -16.89 -16.88 -4.92
N HIS A 4 -15.86 -17.68 -4.89
CA HIS A 4 -15.26 -18.17 -3.68
C HIS A 4 -13.77 -18.13 -3.87
N HIS A 5 -13.06 -17.81 -2.83
CA HIS A 5 -11.61 -17.77 -2.90
C HIS A 5 -11.02 -19.11 -2.55
N HIS A 6 -9.73 -19.23 -2.73
CA HIS A 6 -9.04 -20.45 -2.43
C HIS A 6 -8.66 -20.44 -0.94
N HIS A 7 -8.78 -21.59 -0.28
CA HIS A 7 -8.46 -21.70 1.15
C HIS A 7 -6.95 -21.55 1.44
N HIS A 8 -6.15 -21.61 0.41
CA HIS A 8 -4.73 -21.38 0.54
C HIS A 8 -4.44 -19.92 0.37
N ASN A 9 -3.60 -19.40 1.21
CA ASN A 9 -3.28 -17.99 1.23
C ASN A 9 -2.17 -17.70 0.25
N GLN A 10 -2.02 -16.43 -0.10
CA GLN A 10 -1.00 -16.04 -1.04
C GLN A 10 0.40 -16.26 -0.47
N GLN A 11 1.28 -16.78 -1.31
CA GLN A 11 2.65 -17.05 -0.96
C GLN A 11 3.35 -15.75 -0.61
N ASN A 12 3.11 -14.73 -1.38
CA ASN A 12 3.66 -13.44 -1.09
C ASN A 12 2.97 -12.83 0.08
N LYS A 13 3.71 -12.69 1.14
CA LYS A 13 3.27 -12.02 2.33
C LYS A 13 3.55 -10.56 2.11
N LYS A 14 4.46 -10.32 1.18
CA LYS A 14 4.81 -9.03 0.72
C LYS A 14 3.94 -8.63 -0.44
N VAL A 15 4.19 -7.46 -0.93
CA VAL A 15 3.47 -6.90 -2.01
C VAL A 15 4.02 -7.55 -3.32
N GLU A 16 3.15 -7.91 -4.25
CA GLU A 16 3.62 -8.49 -5.50
C GLU A 16 3.19 -7.67 -6.72
N GLY A 17 1.90 -7.50 -6.88
CA GLY A 17 1.38 -6.79 -8.00
C GLY A 17 -0.06 -6.45 -7.79
N GLY A 18 -0.27 -5.25 -7.40
CA GLY A 18 -1.58 -4.74 -7.18
C GLY A 18 -1.67 -3.89 -5.94
N TYR A 19 -2.80 -3.89 -5.30
CA TYR A 19 -3.02 -3.11 -4.11
C TYR A 19 -3.22 -4.01 -2.98
N GLU A 20 -2.33 -3.90 -2.07
CA GLU A 20 -2.37 -4.67 -0.90
C GLU A 20 -2.97 -3.82 0.19
N CYS A 21 -3.77 -4.43 0.98
CA CYS A 21 -4.31 -3.76 2.14
C CYS A 21 -3.25 -3.71 3.25
N LYS A 22 -3.32 -2.70 4.09
CA LYS A 22 -2.50 -2.69 5.29
C LYS A 22 -3.19 -3.52 6.35
N TYR A 23 -4.47 -3.73 6.14
CA TYR A 23 -5.34 -4.26 7.16
C TYR A 23 -5.55 -5.75 6.98
N CYS A 24 -4.85 -6.33 6.02
CA CYS A 24 -4.92 -7.74 5.75
C CYS A 24 -3.81 -8.10 4.78
N THR A 25 -3.35 -9.31 4.80
CA THR A 25 -2.35 -9.73 3.88
C THR A 25 -3.05 -10.30 2.64
N PHE A 26 -3.62 -9.41 1.86
CA PHE A 26 -4.31 -9.79 0.66
C PHE A 26 -4.23 -8.64 -0.30
N GLN A 27 -4.02 -8.95 -1.55
CA GLN A 27 -3.83 -7.96 -2.56
C GLN A 27 -4.69 -8.19 -3.79
N THR A 28 -5.12 -7.10 -4.39
CA THR A 28 -5.82 -7.12 -5.64
C THR A 28 -5.35 -5.92 -6.49
N PRO A 29 -4.86 -6.19 -7.71
CA PRO A 29 -4.45 -5.14 -8.66
C PRO A 29 -5.61 -4.34 -9.23
N ASP A 30 -6.80 -4.73 -8.88
CA ASP A 30 -7.96 -4.03 -9.33
C ASP A 30 -8.44 -3.12 -8.26
N LEU A 31 -8.32 -1.82 -8.50
CA LEU A 31 -8.73 -0.77 -7.57
C LEU A 31 -10.20 -0.99 -7.19
N ASN A 32 -11.01 -1.37 -8.18
CA ASN A 32 -12.43 -1.65 -8.03
C ASN A 32 -12.63 -2.62 -6.89
N MET A 33 -11.84 -3.67 -6.92
CA MET A 33 -11.95 -4.73 -5.95
C MET A 33 -11.30 -4.30 -4.67
N PHE A 34 -10.20 -3.58 -4.77
CA PHE A 34 -9.47 -3.11 -3.62
C PHE A 34 -10.34 -2.23 -2.73
N THR A 35 -10.92 -1.20 -3.30
CA THR A 35 -11.73 -0.30 -2.53
C THR A 35 -13.03 -0.96 -2.09
N PHE A 36 -13.47 -1.96 -2.86
CA PHE A 36 -14.64 -2.73 -2.51
C PHE A 36 -14.33 -3.59 -1.29
N HIS A 37 -13.26 -4.31 -1.39
CA HIS A 37 -12.73 -5.17 -0.35
C HIS A 37 -12.45 -4.33 0.90
N VAL A 38 -12.09 -3.09 0.70
CA VAL A 38 -11.89 -2.19 1.79
C VAL A 38 -13.21 -1.77 2.39
N ASP A 39 -14.10 -1.25 1.56
CA ASP A 39 -15.39 -0.73 2.06
C ASP A 39 -16.23 -1.84 2.68
N SER A 40 -16.00 -3.02 2.23
CA SER A 40 -16.74 -4.15 2.70
C SER A 40 -16.05 -4.82 3.89
N GLU A 41 -14.75 -5.03 3.80
CA GLU A 41 -14.09 -5.88 4.81
C GLU A 41 -13.23 -5.08 5.78
N HIS A 42 -12.94 -3.83 5.46
CA HIS A 42 -12.15 -2.95 6.35
C HIS A 42 -12.71 -1.52 6.21
N PRO A 43 -14.00 -1.31 6.48
CA PRO A 43 -14.67 -0.03 6.20
C PRO A 43 -14.06 1.17 6.93
N ASN A 44 -14.05 1.13 8.25
CA ASN A 44 -13.56 2.26 9.00
C ASN A 44 -12.27 1.92 9.68
N VAL A 45 -11.19 2.36 9.11
CA VAL A 45 -9.88 2.05 9.61
C VAL A 45 -9.16 3.27 10.15
N VAL A 46 -8.76 3.17 11.37
CA VAL A 46 -7.92 4.12 12.02
C VAL A 46 -7.02 3.35 12.98
N LEU A 47 -5.89 2.92 12.48
CA LEU A 47 -5.04 2.03 13.24
C LEU A 47 -3.82 2.74 13.86
N ASN A 48 -2.88 3.12 13.04
CA ASN A 48 -1.58 3.67 13.47
C ASN A 48 -0.89 4.28 12.27
N SER A 49 0.43 4.40 12.28
CA SER A 49 1.14 4.99 11.16
C SER A 49 1.58 3.90 10.19
N SER A 50 1.55 4.21 8.92
CA SER A 50 1.83 3.34 7.84
C SER A 50 2.05 4.21 6.61
N TYR A 51 2.42 3.61 5.50
CA TYR A 51 2.66 4.33 4.27
C TYR A 51 1.64 3.94 3.22
N VAL A 52 1.23 4.92 2.44
CA VAL A 52 0.30 4.72 1.36
C VAL A 52 0.84 5.36 0.08
N CYS A 53 0.64 4.72 -1.02
CA CYS A 53 1.00 5.32 -2.29
C CYS A 53 -0.14 6.20 -2.65
N VAL A 54 0.04 7.50 -2.52
CA VAL A 54 -1.03 8.47 -2.84
C VAL A 54 -1.49 8.31 -4.25
N GLU A 55 -0.56 7.90 -5.09
CA GLU A 55 -0.78 7.73 -6.51
C GLU A 55 -1.82 6.65 -6.74
N CYS A 56 -1.77 5.64 -5.93
CA CYS A 56 -2.69 4.51 -6.06
C CYS A 56 -3.77 4.56 -4.99
N ASN A 57 -3.49 5.31 -3.97
CA ASN A 57 -4.23 5.33 -2.73
C ASN A 57 -4.37 3.92 -2.15
N PHE A 58 -3.22 3.35 -1.78
CA PHE A 58 -3.19 2.00 -1.23
C PHE A 58 -2.26 1.97 -0.04
N LEU A 59 -2.78 1.51 1.06
CA LEU A 59 -2.05 1.45 2.30
C LEU A 59 -1.47 0.09 2.49
N THR A 60 -0.24 0.04 2.85
CA THR A 60 0.43 -1.19 3.10
C THR A 60 1.10 -1.10 4.46
N LYS A 61 1.34 -2.24 5.08
CA LYS A 61 1.86 -2.30 6.43
C LYS A 61 3.34 -1.95 6.47
N ARG A 62 4.06 -2.23 5.41
CA ARG A 62 5.48 -1.95 5.42
C ARG A 62 5.80 -0.84 4.43
N TYR A 63 6.75 0.01 4.79
CA TYR A 63 7.14 1.16 3.95
C TYR A 63 7.82 0.66 2.66
N ASP A 64 8.28 -0.57 2.72
CA ASP A 64 9.03 -1.19 1.64
C ASP A 64 8.23 -1.30 0.39
N ALA A 65 6.93 -1.58 0.51
CA ALA A 65 6.05 -1.79 -0.65
C ALA A 65 5.95 -0.53 -1.50
N LEU A 66 6.18 0.60 -0.87
CA LEU A 66 6.17 1.89 -1.54
C LEU A 66 7.52 2.15 -2.18
N SER A 67 8.53 1.59 -1.61
CA SER A 67 9.89 1.77 -2.08
C SER A 67 10.10 0.91 -3.32
N GLU A 68 9.54 -0.28 -3.28
CA GLU A 68 9.59 -1.19 -4.43
C GLU A 68 8.57 -0.74 -5.46
N HIS A 69 7.60 0.01 -5.00
CA HIS A 69 6.49 0.48 -5.82
C HIS A 69 6.96 1.13 -7.13
N ASN A 70 7.74 2.16 -7.06
CA ASN A 70 8.32 2.83 -8.25
C ASN A 70 9.34 1.94 -8.96
N LEU A 71 9.77 0.92 -8.28
CA LEU A 71 10.67 -0.02 -8.85
C LEU A 71 9.91 -0.96 -9.81
N LYS A 72 8.84 -1.55 -9.33
CA LYS A 72 8.07 -2.52 -10.10
C LYS A 72 6.72 -2.01 -10.60
N TYR A 73 6.04 -1.31 -9.75
CA TYR A 73 4.68 -0.82 -9.99
C TYR A 73 4.69 0.44 -10.84
N HIS A 74 5.45 1.45 -10.40
CA HIS A 74 5.61 2.69 -11.19
C HIS A 74 7.07 2.84 -11.65
N PRO A 75 7.55 2.00 -12.57
CA PRO A 75 8.96 1.99 -12.99
C PRO A 75 9.36 3.17 -13.88
N GLY A 76 10.61 3.55 -13.76
CA GLY A 76 11.14 4.62 -14.55
C GLY A 76 12.24 5.38 -13.84
N GLU A 77 11.94 5.77 -12.62
CA GLU A 77 12.85 6.54 -11.80
C GLU A 77 12.61 6.19 -10.35
N GLU A 78 13.39 6.71 -9.46
CA GLU A 78 13.16 6.44 -8.08
C GLU A 78 13.22 7.72 -7.29
N ASN A 79 12.08 8.35 -7.15
CA ASN A 79 11.96 9.59 -6.40
C ASN A 79 10.59 9.66 -5.81
N PHE A 80 10.48 9.20 -4.62
CA PHE A 80 9.26 9.25 -3.89
C PHE A 80 9.37 10.26 -2.80
N LYS A 81 8.31 10.96 -2.57
CA LYS A 81 8.26 11.98 -1.57
C LYS A 81 7.31 11.50 -0.48
N LEU A 82 7.32 12.11 0.67
CA LEU A 82 6.46 11.67 1.72
C LEU A 82 5.68 12.85 2.26
N THR A 83 4.41 12.70 2.34
CA THR A 83 3.53 13.71 2.81
C THR A 83 2.49 13.06 3.72
N MET A 84 2.41 13.43 4.99
CA MET A 84 1.45 12.73 5.79
C MET A 84 0.19 13.49 5.82
N VAL A 85 -0.76 12.96 5.11
CA VAL A 85 -2.09 13.47 5.07
C VAL A 85 -3.04 12.33 4.83
N LYS A 86 -3.79 11.91 5.77
CA LYS A 86 -4.78 10.90 5.47
C LYS A 86 -6.01 11.28 6.17
N ARG A 87 -6.98 11.67 5.44
CA ARG A 87 -8.14 12.21 6.04
C ARG A 87 -9.26 11.19 5.95
N ASN A 88 -10.17 11.22 6.95
CA ASN A 88 -11.32 10.28 7.06
C ASN A 88 -10.85 8.89 7.45
N ASN A 89 -9.60 8.82 7.85
CA ASN A 89 -8.94 7.58 8.24
C ASN A 89 -7.96 7.94 9.35
N GLN A 90 -6.86 7.24 9.42
CA GLN A 90 -5.82 7.56 10.37
C GLN A 90 -4.84 8.43 9.65
N THR A 91 -3.94 9.03 10.36
CA THR A 91 -2.96 9.82 9.71
C THR A 91 -1.71 8.99 9.48
N ILE A 92 -1.52 8.72 8.23
CA ILE A 92 -0.51 7.86 7.68
C ILE A 92 0.22 8.60 6.59
N PHE A 93 1.43 8.22 6.32
CA PHE A 93 2.25 8.98 5.43
C PHE A 93 2.01 8.52 4.03
N GLU A 94 1.64 9.46 3.21
CA GLU A 94 1.37 9.20 1.85
C GLU A 94 2.63 9.46 1.08
N GLN A 95 2.92 8.62 0.17
CA GLN A 95 4.14 8.74 -0.56
C GLN A 95 3.83 8.94 -2.04
N THR A 96 4.15 10.12 -2.55
CA THR A 96 3.86 10.48 -3.94
C THR A 96 5.14 10.56 -4.74
N ILE A 97 5.03 10.47 -6.02
CA ILE A 97 6.16 10.55 -6.88
C ILE A 97 6.08 11.88 -7.56
N ASN A 98 7.21 12.38 -7.96
CA ASN A 98 7.30 13.65 -8.62
C ASN A 98 7.34 13.47 -10.12
N ASP A 99 7.12 12.25 -10.59
CA ASP A 99 7.28 11.99 -12.02
C ASP A 99 6.48 10.80 -12.49
N LEU A 100 6.60 9.70 -11.77
CA LEU A 100 5.90 8.43 -12.10
C LEU A 100 4.46 8.47 -11.58
N THR A 101 4.01 9.66 -11.33
CA THR A 101 2.70 9.99 -10.81
C THR A 101 1.58 9.46 -11.74
N PHE A 102 1.92 9.25 -13.01
CA PHE A 102 1.00 8.71 -14.01
C PHE A 102 0.74 7.22 -13.75
ZN ZN B . -7.67 -6.40 2.38
ZN ZN C . 1.30 3.63 -6.74
N MET A 1 3.24 -23.81 11.16
CA MET A 1 2.93 -22.39 11.32
C MET A 1 3.44 -21.92 12.66
N ALA A 2 4.23 -20.88 12.63
CA ALA A 2 4.73 -20.29 13.84
C ALA A 2 4.67 -18.78 13.70
N HIS A 3 3.54 -18.22 14.11
CA HIS A 3 3.31 -16.79 14.02
C HIS A 3 3.75 -16.11 15.31
N HIS A 4 3.91 -16.91 16.34
CA HIS A 4 4.34 -16.40 17.62
C HIS A 4 5.81 -16.65 17.77
N HIS A 5 6.60 -15.83 17.10
CA HIS A 5 8.05 -16.00 17.01
C HIS A 5 8.41 -17.35 16.39
N HIS A 6 9.71 -17.74 16.44
CA HIS A 6 10.25 -18.98 15.81
C HIS A 6 10.37 -18.79 14.28
N HIS A 7 9.52 -17.93 13.79
CA HIS A 7 9.49 -17.41 12.46
C HIS A 7 8.60 -16.16 12.54
N HIS A 8 9.17 -15.10 13.07
CA HIS A 8 8.40 -13.87 13.34
C HIS A 8 8.20 -13.08 12.07
N ASN A 9 9.29 -12.66 11.46
CA ASN A 9 9.19 -11.90 10.25
C ASN A 9 9.12 -12.85 9.10
N GLN A 10 7.92 -13.15 8.71
CA GLN A 10 7.67 -14.16 7.73
C GLN A 10 7.64 -13.58 6.35
N GLN A 11 7.34 -12.29 6.27
CA GLN A 11 7.19 -11.51 5.01
C GLN A 11 5.84 -11.89 4.35
N ASN A 12 5.59 -13.19 4.27
CA ASN A 12 4.35 -13.80 3.80
C ASN A 12 4.08 -13.48 2.34
N LYS A 13 3.27 -12.48 2.10
CA LYS A 13 3.00 -12.10 0.75
C LYS A 13 3.95 -10.99 0.33
N LYS A 14 4.44 -10.23 1.33
CA LYS A 14 5.32 -9.07 1.14
C LYS A 14 4.56 -7.95 0.42
N VAL A 15 4.47 -8.13 -0.83
CA VAL A 15 3.78 -7.38 -1.80
C VAL A 15 4.24 -8.01 -3.08
N GLU A 16 3.42 -8.14 -4.07
CA GLU A 16 3.88 -8.76 -5.29
C GLU A 16 3.39 -8.03 -6.51
N GLY A 17 2.11 -7.86 -6.60
CA GLY A 17 1.57 -7.16 -7.71
C GLY A 17 0.17 -6.77 -7.46
N GLY A 18 0.03 -5.62 -6.95
CA GLY A 18 -1.25 -5.08 -6.70
C GLY A 18 -1.28 -4.24 -5.49
N TYR A 19 -2.45 -4.07 -4.96
CA TYR A 19 -2.65 -3.23 -3.82
C TYR A 19 -2.95 -4.07 -2.65
N GLU A 20 -2.05 -4.02 -1.73
CA GLU A 20 -2.18 -4.72 -0.51
C GLU A 20 -2.91 -3.83 0.46
N CYS A 21 -3.76 -4.41 1.23
CA CYS A 21 -4.31 -3.73 2.35
C CYS A 21 -3.35 -3.93 3.53
N LYS A 22 -3.12 -2.91 4.27
CA LYS A 22 -2.27 -2.98 5.45
C LYS A 22 -2.95 -3.82 6.53
N TYR A 23 -4.26 -3.92 6.43
CA TYR A 23 -5.05 -4.52 7.46
C TYR A 23 -5.58 -5.90 7.08
N CYS A 24 -5.10 -6.46 5.98
CA CYS A 24 -5.48 -7.83 5.63
C CYS A 24 -4.44 -8.45 4.72
N THR A 25 -4.48 -9.75 4.55
CA THR A 25 -3.51 -10.44 3.71
C THR A 25 -4.03 -10.51 2.25
N PHE A 26 -5.07 -9.77 1.96
CA PHE A 26 -5.67 -9.80 0.65
C PHE A 26 -5.22 -8.60 -0.18
N GLN A 27 -4.66 -8.91 -1.31
CA GLN A 27 -4.16 -7.94 -2.25
C GLN A 27 -4.85 -8.12 -3.58
N THR A 28 -5.06 -7.03 -4.27
CA THR A 28 -5.62 -7.06 -5.58
C THR A 28 -5.02 -5.94 -6.42
N PRO A 29 -4.51 -6.25 -7.60
CA PRO A 29 -4.04 -5.25 -8.55
C PRO A 29 -5.17 -4.46 -9.21
N ASP A 30 -6.40 -4.79 -8.87
CA ASP A 30 -7.53 -4.06 -9.37
C ASP A 30 -7.93 -3.03 -8.35
N LEU A 31 -7.73 -1.76 -8.70
CA LEU A 31 -8.04 -0.64 -7.84
C LEU A 31 -9.49 -0.70 -7.38
N ASN A 32 -10.40 -0.99 -8.33
CA ASN A 32 -11.81 -1.05 -8.04
C ASN A 32 -12.05 -2.07 -6.98
N MET A 33 -11.42 -3.22 -7.15
CA MET A 33 -11.62 -4.31 -6.23
C MET A 33 -10.95 -4.00 -4.92
N PHE A 34 -9.87 -3.26 -4.99
CA PHE A 34 -9.17 -2.85 -3.80
C PHE A 34 -10.02 -1.92 -2.96
N THR A 35 -10.50 -0.85 -3.56
CA THR A 35 -11.31 0.11 -2.84
C THR A 35 -12.67 -0.49 -2.48
N PHE A 36 -13.12 -1.43 -3.29
CA PHE A 36 -14.35 -2.16 -3.01
C PHE A 36 -14.18 -3.02 -1.77
N HIS A 37 -13.18 -3.88 -1.81
CA HIS A 37 -12.86 -4.77 -0.70
C HIS A 37 -12.53 -3.97 0.57
N VAL A 38 -11.97 -2.81 0.40
CA VAL A 38 -11.70 -1.92 1.50
C VAL A 38 -12.99 -1.35 2.02
N ASP A 39 -13.77 -0.71 1.15
CA ASP A 39 -15.02 -0.04 1.57
C ASP A 39 -16.00 -1.04 2.18
N SER A 40 -15.89 -2.26 1.75
CA SER A 40 -16.73 -3.33 2.20
C SER A 40 -16.24 -3.93 3.52
N GLU A 41 -14.97 -4.19 3.62
CA GLU A 41 -14.48 -4.95 4.75
C GLU A 41 -13.75 -4.12 5.80
N HIS A 42 -13.02 -3.12 5.36
CA HIS A 42 -12.26 -2.27 6.25
C HIS A 42 -12.24 -0.82 5.74
N PRO A 43 -13.42 -0.15 5.72
CA PRO A 43 -13.57 1.22 5.17
C PRO A 43 -12.83 2.33 5.92
N ASN A 44 -12.73 2.24 7.23
CA ASN A 44 -12.15 3.35 8.00
C ASN A 44 -10.91 2.93 8.76
N VAL A 45 -11.01 1.77 9.45
CA VAL A 45 -9.90 1.16 10.24
C VAL A 45 -9.54 2.05 11.44
N VAL A 46 -8.81 1.53 12.37
CA VAL A 46 -8.43 2.35 13.48
C VAL A 46 -7.01 2.89 13.30
N LEU A 47 -6.65 3.84 14.16
CA LEU A 47 -5.38 4.57 14.07
C LEU A 47 -4.16 3.65 14.06
N ASN A 48 -3.14 4.05 13.31
CA ASN A 48 -1.88 3.31 13.14
C ASN A 48 -0.90 4.14 12.32
N SER A 49 0.36 3.79 12.34
CA SER A 49 1.37 4.48 11.54
C SER A 49 1.86 3.55 10.43
N SER A 50 1.57 3.92 9.20
CA SER A 50 1.87 3.12 8.05
C SER A 50 2.16 4.03 6.85
N TYR A 51 2.54 3.42 5.74
CA TYR A 51 2.84 4.13 4.51
C TYR A 51 1.87 3.74 3.41
N VAL A 52 1.44 4.70 2.64
CA VAL A 52 0.51 4.49 1.55
C VAL A 52 1.06 5.12 0.26
N CYS A 53 0.89 4.44 -0.84
CA CYS A 53 1.22 5.02 -2.13
C CYS A 53 0.05 5.82 -2.47
N VAL A 54 0.13 7.14 -2.33
CA VAL A 54 -1.00 8.04 -2.59
C VAL A 54 -1.53 7.83 -3.98
N GLU A 55 -0.61 7.53 -4.88
CA GLU A 55 -0.89 7.33 -6.28
C GLU A 55 -1.92 6.23 -6.47
N CYS A 56 -1.79 5.20 -5.66
CA CYS A 56 -2.74 4.07 -5.74
C CYS A 56 -3.73 4.13 -4.57
N ASN A 57 -3.32 4.88 -3.60
CA ASN A 57 -3.92 5.02 -2.30
C ASN A 57 -4.03 3.68 -1.63
N PHE A 58 -2.90 3.01 -1.60
CA PHE A 58 -2.86 1.68 -1.05
C PHE A 58 -1.93 1.65 0.16
N LEU A 59 -2.46 1.19 1.25
CA LEU A 59 -1.73 1.12 2.50
C LEU A 59 -1.13 -0.24 2.66
N THR A 60 0.11 -0.29 2.96
CA THR A 60 0.81 -1.54 3.07
C THR A 60 1.43 -1.69 4.45
N LYS A 61 1.77 -2.92 4.80
CA LYS A 61 2.30 -3.29 6.12
C LYS A 61 3.79 -2.98 6.20
N ARG A 62 4.36 -2.56 5.11
CA ARG A 62 5.78 -2.37 5.01
C ARG A 62 6.12 -1.10 4.26
N TYR A 63 7.25 -0.50 4.58
CA TYR A 63 7.68 0.74 3.94
C TYR A 63 8.40 0.42 2.63
N ASP A 64 8.82 -0.81 2.49
CA ASP A 64 9.53 -1.25 1.31
C ASP A 64 8.64 -1.41 0.10
N ALA A 65 7.38 -1.77 0.30
CA ALA A 65 6.43 -1.93 -0.81
C ALA A 65 6.24 -0.62 -1.58
N LEU A 66 6.49 0.48 -0.90
CA LEU A 66 6.40 1.82 -1.51
C LEU A 66 7.68 2.14 -2.23
N SER A 67 8.74 1.59 -1.74
CA SER A 67 10.07 1.83 -2.25
C SER A 67 10.27 1.11 -3.56
N GLU A 68 9.86 -0.12 -3.60
CA GLU A 68 9.94 -0.92 -4.80
C GLU A 68 8.82 -0.54 -5.75
N HIS A 69 7.81 0.09 -5.21
CA HIS A 69 6.62 0.47 -5.96
C HIS A 69 6.98 1.16 -7.29
N ASN A 70 7.69 2.23 -7.26
CA ASN A 70 8.15 2.97 -8.48
C ASN A 70 9.16 2.18 -9.30
N LEU A 71 9.70 1.20 -8.69
CA LEU A 71 10.62 0.32 -9.33
C LEU A 71 9.84 -0.66 -10.25
N LYS A 72 8.87 -1.34 -9.69
CA LYS A 72 8.12 -2.37 -10.41
C LYS A 72 6.69 -1.99 -10.78
N TYR A 73 6.04 -1.30 -9.90
CA TYR A 73 4.64 -0.90 -10.05
C TYR A 73 4.51 0.40 -10.85
N HIS A 74 5.23 1.43 -10.44
CA HIS A 74 5.22 2.71 -11.19
C HIS A 74 6.61 3.00 -11.78
N PRO A 75 7.06 2.25 -12.80
CA PRO A 75 8.40 2.39 -13.37
C PRO A 75 8.62 3.66 -14.21
N GLY A 76 9.83 4.17 -14.14
CA GLY A 76 10.22 5.32 -14.88
C GLY A 76 11.42 6.00 -14.25
N GLU A 77 11.37 6.15 -12.95
CA GLU A 77 12.42 6.78 -12.17
C GLU A 77 12.21 6.46 -10.70
N GLU A 78 13.16 6.82 -9.88
CA GLU A 78 13.02 6.57 -8.48
C GLU A 78 13.03 7.88 -7.72
N ASN A 79 11.84 8.42 -7.50
CA ASN A 79 11.68 9.70 -6.79
C ASN A 79 10.35 9.70 -6.10
N PHE A 80 10.35 9.30 -4.88
CA PHE A 80 9.16 9.27 -4.06
C PHE A 80 9.29 10.27 -2.93
N LYS A 81 8.23 10.97 -2.67
CA LYS A 81 8.19 12.00 -1.66
C LYS A 81 7.28 11.50 -0.54
N LEU A 82 7.32 12.13 0.60
CA LEU A 82 6.47 11.73 1.69
C LEU A 82 5.61 12.90 2.11
N THR A 83 4.39 12.64 2.41
CA THR A 83 3.46 13.62 2.85
C THR A 83 2.50 12.94 3.82
N MET A 84 2.34 13.43 5.03
CA MET A 84 1.45 12.70 5.91
C MET A 84 0.14 13.38 5.85
N VAL A 85 -0.79 12.77 5.17
CA VAL A 85 -2.14 13.23 5.10
C VAL A 85 -3.07 12.05 4.90
N LYS A 86 -3.83 11.65 5.82
CA LYS A 86 -4.79 10.64 5.47
C LYS A 86 -6.07 10.98 6.11
N ARG A 87 -6.97 11.40 5.31
CA ARG A 87 -8.17 11.95 5.79
C ARG A 87 -9.24 10.90 5.70
N ASN A 88 -10.26 11.02 6.55
CA ASN A 88 -11.36 10.03 6.69
C ASN A 88 -10.85 8.81 7.47
N ASN A 89 -9.79 8.25 6.94
CA ASN A 89 -9.08 7.08 7.47
C ASN A 89 -8.23 7.52 8.68
N GLN A 90 -7.16 6.80 8.93
CA GLN A 90 -6.27 7.10 10.01
C GLN A 90 -5.17 7.94 9.45
N THR A 91 -4.41 8.58 10.26
CA THR A 91 -3.38 9.43 9.74
C THR A 91 -2.06 8.68 9.62
N ILE A 92 -1.74 8.46 8.39
CA ILE A 92 -0.66 7.65 7.88
C ILE A 92 0.11 8.40 6.80
N PHE A 93 1.34 8.04 6.55
CA PHE A 93 2.19 8.80 5.67
C PHE A 93 1.98 8.32 4.25
N GLU A 94 1.70 9.25 3.41
CA GLU A 94 1.47 8.98 2.04
C GLU A 94 2.75 9.25 1.28
N GLN A 95 3.03 8.46 0.31
CA GLN A 95 4.24 8.60 -0.44
C GLN A 95 3.86 8.81 -1.92
N THR A 96 4.14 10.00 -2.44
CA THR A 96 3.76 10.35 -3.81
C THR A 96 4.96 10.51 -4.69
N ILE A 97 4.76 10.45 -5.96
CA ILE A 97 5.81 10.61 -6.90
C ILE A 97 5.59 11.93 -7.61
N ASN A 98 6.64 12.49 -8.10
CA ASN A 98 6.59 13.76 -8.82
C ASN A 98 6.55 13.53 -10.31
N ASP A 99 6.37 12.30 -10.71
CA ASP A 99 6.48 11.94 -12.12
C ASP A 99 5.57 10.79 -12.46
N LEU A 100 5.77 9.69 -11.77
CA LEU A 100 5.09 8.42 -12.02
C LEU A 100 3.70 8.45 -11.37
N THR A 101 3.29 9.65 -11.05
CA THR A 101 2.02 9.98 -10.45
C THR A 101 0.87 9.45 -11.30
N PHE A 102 1.06 9.50 -12.60
CA PHE A 102 0.03 9.13 -13.53
C PHE A 102 0.47 7.90 -14.30
ZN ZN B . -7.85 -5.86 2.21
ZN ZN C . 1.24 3.42 -6.55
N MET A 1 23.05 -12.53 5.51
CA MET A 1 24.34 -12.39 4.85
C MET A 1 24.87 -11.02 5.16
N ALA A 2 26.18 -10.85 5.05
CA ALA A 2 26.79 -9.55 5.22
C ALA A 2 26.39 -8.65 4.07
N HIS A 3 26.32 -9.25 2.91
CA HIS A 3 25.91 -8.59 1.70
C HIS A 3 24.39 -8.49 1.73
N HIS A 4 23.87 -7.31 1.48
CA HIS A 4 22.41 -7.14 1.49
C HIS A 4 21.89 -7.16 0.05
N HIS A 5 22.69 -7.74 -0.84
CA HIS A 5 22.41 -7.82 -2.28
C HIS A 5 21.07 -8.52 -2.59
N HIS A 6 20.65 -9.44 -1.76
CA HIS A 6 19.39 -10.14 -1.99
C HIS A 6 18.21 -9.34 -1.46
N HIS A 7 18.51 -8.13 -0.97
CA HIS A 7 17.55 -7.17 -0.43
C HIS A 7 16.95 -7.69 0.87
N HIS A 8 16.05 -8.64 0.74
CA HIS A 8 15.37 -9.32 1.82
C HIS A 8 14.39 -10.26 1.11
N ASN A 9 14.85 -10.86 0.02
CA ASN A 9 13.97 -11.68 -0.80
C ASN A 9 13.85 -13.11 -0.26
N GLN A 10 13.42 -13.18 0.97
CA GLN A 10 13.10 -14.41 1.67
C GLN A 10 11.62 -14.36 1.98
N GLN A 11 11.00 -13.39 1.37
CA GLN A 11 9.62 -13.07 1.60
C GLN A 11 8.80 -13.10 0.34
N ASN A 12 7.94 -14.08 0.24
CA ASN A 12 6.96 -14.14 -0.83
C ASN A 12 5.60 -13.70 -0.30
N LYS A 13 5.55 -13.49 1.02
CA LYS A 13 4.34 -13.05 1.71
C LYS A 13 4.19 -11.55 1.60
N LYS A 14 5.20 -10.94 1.03
CA LYS A 14 5.19 -9.52 0.84
C LYS A 14 4.51 -9.19 -0.48
N VAL A 15 4.21 -7.91 -0.65
CA VAL A 15 3.54 -7.33 -1.82
C VAL A 15 4.05 -7.94 -3.17
N GLU A 16 3.15 -8.37 -4.03
CA GLU A 16 3.54 -8.92 -5.31
C GLU A 16 3.46 -7.89 -6.41
N GLY A 17 2.24 -7.61 -6.84
CA GLY A 17 2.06 -6.63 -7.88
C GLY A 17 0.76 -5.88 -7.76
N GLY A 18 0.03 -6.20 -6.74
CA GLY A 18 -1.21 -5.54 -6.54
C GLY A 18 -1.18 -4.64 -5.36
N TYR A 19 -2.31 -4.42 -4.77
CA TYR A 19 -2.41 -3.54 -3.63
C TYR A 19 -2.65 -4.37 -2.42
N GLU A 20 -1.69 -4.33 -1.56
CA GLU A 20 -1.69 -5.04 -0.31
C GLU A 20 -2.17 -4.08 0.74
N CYS A 21 -3.27 -4.38 1.39
CA CYS A 21 -3.73 -3.55 2.48
C CYS A 21 -2.81 -3.71 3.68
N LYS A 22 -2.74 -2.69 4.48
CA LYS A 22 -2.01 -2.76 5.71
C LYS A 22 -2.81 -3.53 6.77
N TYR A 23 -4.11 -3.52 6.64
CA TYR A 23 -4.97 -4.12 7.64
C TYR A 23 -5.46 -5.49 7.23
N CYS A 24 -5.05 -5.95 6.07
CA CYS A 24 -5.39 -7.26 5.60
C CYS A 24 -4.36 -7.67 4.59
N THR A 25 -3.90 -8.88 4.64
CA THR A 25 -2.86 -9.36 3.74
C THR A 25 -3.50 -9.83 2.40
N PHE A 26 -4.77 -9.48 2.23
CA PHE A 26 -5.48 -9.76 1.03
C PHE A 26 -5.12 -8.69 0.02
N GLN A 27 -4.41 -9.09 -0.97
CA GLN A 27 -3.92 -8.21 -1.99
C GLN A 27 -4.65 -8.43 -3.29
N THR A 28 -4.89 -7.36 -3.99
CA THR A 28 -5.50 -7.40 -5.28
C THR A 28 -4.93 -6.27 -6.14
N PRO A 29 -4.46 -6.57 -7.35
CA PRO A 29 -3.98 -5.56 -8.31
C PRO A 29 -5.12 -4.75 -8.93
N ASP A 30 -6.33 -5.11 -8.59
CA ASP A 30 -7.48 -4.41 -9.09
C ASP A 30 -7.90 -3.40 -8.06
N LEU A 31 -7.71 -2.13 -8.38
CA LEU A 31 -8.02 -1.03 -7.50
C LEU A 31 -9.47 -1.12 -7.05
N ASN A 32 -10.38 -1.41 -7.98
CA ASN A 32 -11.78 -1.48 -7.64
C ASN A 32 -12.01 -2.57 -6.62
N MET A 33 -11.34 -3.71 -6.77
CA MET A 33 -11.50 -4.81 -5.82
C MET A 33 -10.84 -4.43 -4.51
N PHE A 34 -9.78 -3.66 -4.61
CA PHE A 34 -9.08 -3.18 -3.46
C PHE A 34 -9.96 -2.28 -2.62
N THR A 35 -10.49 -1.26 -3.24
CA THR A 35 -11.31 -0.30 -2.54
C THR A 35 -12.67 -0.91 -2.16
N PHE A 36 -13.12 -1.89 -2.96
CA PHE A 36 -14.37 -2.57 -2.69
C PHE A 36 -14.27 -3.37 -1.41
N HIS A 37 -13.25 -4.21 -1.31
CA HIS A 37 -13.12 -5.03 -0.13
C HIS A 37 -12.82 -4.15 1.08
N VAL A 38 -12.17 -3.02 0.84
CA VAL A 38 -11.91 -2.06 1.89
C VAL A 38 -13.23 -1.50 2.38
N ASP A 39 -14.00 -0.91 1.47
CA ASP A 39 -15.29 -0.27 1.81
C ASP A 39 -16.28 -1.26 2.42
N SER A 40 -16.08 -2.49 2.08
CA SER A 40 -16.92 -3.56 2.55
C SER A 40 -16.47 -4.06 3.91
N GLU A 41 -15.19 -4.35 4.06
CA GLU A 41 -14.72 -5.05 5.25
C GLU A 41 -14.10 -4.11 6.26
N HIS A 42 -13.36 -3.15 5.79
CA HIS A 42 -12.65 -2.22 6.61
C HIS A 42 -12.85 -0.78 6.11
N PRO A 43 -14.11 -0.24 6.13
CA PRO A 43 -14.39 1.13 5.66
C PRO A 43 -13.86 2.14 6.69
N ASN A 44 -13.63 1.62 7.86
CA ASN A 44 -13.12 2.30 9.00
C ASN A 44 -12.27 1.24 9.66
N VAL A 45 -11.20 1.61 10.28
CA VAL A 45 -10.29 0.64 10.82
C VAL A 45 -9.36 1.35 11.84
N VAL A 46 -8.56 0.58 12.56
CA VAL A 46 -7.64 1.08 13.59
C VAL A 46 -6.76 2.22 13.08
N LEU A 47 -6.71 3.29 13.85
CA LEU A 47 -5.93 4.46 13.51
C LEU A 47 -4.46 4.19 13.84
N ASN A 48 -3.74 3.65 12.89
CA ASN A 48 -2.35 3.26 13.08
C ASN A 48 -1.46 4.05 12.10
N SER A 49 -0.14 3.93 12.19
CA SER A 49 0.78 4.67 11.33
C SER A 49 1.37 3.74 10.26
N SER A 50 1.27 4.13 9.00
CA SER A 50 1.64 3.32 7.88
C SER A 50 1.91 4.20 6.66
N TYR A 51 2.35 3.59 5.57
CA TYR A 51 2.65 4.28 4.33
C TYR A 51 1.68 3.90 3.25
N VAL A 52 1.31 4.88 2.45
CA VAL A 52 0.40 4.68 1.35
C VAL A 52 0.95 5.33 0.08
N CYS A 53 0.77 4.69 -1.04
CA CYS A 53 1.11 5.30 -2.31
C CYS A 53 -0.04 6.16 -2.66
N VAL A 54 0.13 7.46 -2.54
CA VAL A 54 -0.94 8.43 -2.84
C VAL A 54 -1.39 8.31 -4.27
N GLU A 55 -0.49 7.83 -5.10
CA GLU A 55 -0.76 7.69 -6.51
C GLU A 55 -1.81 6.62 -6.73
N CYS A 56 -1.74 5.60 -5.92
CA CYS A 56 -2.68 4.47 -6.02
C CYS A 56 -3.73 4.52 -4.91
N ASN A 57 -3.43 5.31 -3.91
CA ASN A 57 -4.16 5.38 -2.66
C ASN A 57 -4.27 3.99 -2.03
N PHE A 58 -3.11 3.37 -1.78
CA PHE A 58 -3.09 2.01 -1.25
C PHE A 58 -2.16 1.95 -0.05
N LEU A 59 -2.68 1.50 1.06
CA LEU A 59 -1.93 1.39 2.30
C LEU A 59 -1.40 0.02 2.47
N THR A 60 -0.14 -0.10 2.76
CA THR A 60 0.53 -1.39 2.83
C THR A 60 1.11 -1.63 4.21
N LYS A 61 1.32 -2.90 4.52
CA LYS A 61 1.82 -3.36 5.82
C LYS A 61 3.28 -3.00 6.00
N ARG A 62 3.94 -2.71 4.91
CA ARG A 62 5.37 -2.52 4.90
C ARG A 62 5.77 -1.28 4.14
N TYR A 63 7.01 -0.85 4.32
CA TYR A 63 7.55 0.30 3.61
C TYR A 63 8.06 -0.14 2.24
N ASP A 64 8.36 -1.44 2.13
CA ASP A 64 8.95 -2.03 0.91
C ASP A 64 8.10 -1.73 -0.26
N ALA A 65 6.83 -1.96 -0.11
CA ALA A 65 5.89 -1.86 -1.18
C ALA A 65 5.83 -0.46 -1.79
N LEU A 66 6.19 0.54 -1.01
CA LEU A 66 6.24 1.91 -1.53
C LEU A 66 7.56 2.18 -2.21
N SER A 67 8.61 1.59 -1.67
CA SER A 67 9.96 1.80 -2.15
C SER A 67 10.16 1.12 -3.49
N GLU A 68 9.71 -0.08 -3.57
CA GLU A 68 9.78 -0.86 -4.76
C GLU A 68 8.67 -0.46 -5.71
N HIS A 69 7.67 0.19 -5.17
CA HIS A 69 6.49 0.60 -5.94
C HIS A 69 6.89 1.25 -7.29
N ASN A 70 7.63 2.30 -7.27
CA ASN A 70 8.14 2.99 -8.48
C ASN A 70 9.12 2.12 -9.29
N LEU A 71 9.61 1.11 -8.67
CA LEU A 71 10.48 0.16 -9.31
C LEU A 71 9.66 -0.85 -10.16
N LYS A 72 8.66 -1.44 -9.55
CA LYS A 72 7.86 -2.49 -10.21
C LYS A 72 6.47 -2.04 -10.63
N TYR A 73 5.87 -1.27 -9.80
CA TYR A 73 4.50 -0.80 -9.98
C TYR A 73 4.45 0.45 -10.85
N HIS A 74 5.19 1.50 -10.45
CA HIS A 74 5.26 2.76 -11.25
C HIS A 74 6.69 2.98 -11.78
N PRO A 75 7.16 2.18 -12.74
CA PRO A 75 8.54 2.25 -13.22
C PRO A 75 8.84 3.44 -14.12
N GLY A 76 10.07 3.89 -14.04
CA GLY A 76 10.53 4.99 -14.85
C GLY A 76 11.71 5.65 -14.20
N GLU A 77 11.53 6.05 -12.99
CA GLU A 77 12.52 6.76 -12.21
C GLU A 77 12.34 6.39 -10.77
N GLU A 78 13.21 6.83 -9.90
CA GLU A 78 13.05 6.45 -8.52
C GLU A 78 13.19 7.64 -7.62
N ASN A 79 12.07 8.29 -7.34
CA ASN A 79 12.04 9.50 -6.52
C ASN A 79 10.66 9.65 -5.88
N PHE A 80 10.54 9.17 -4.70
CA PHE A 80 9.30 9.26 -3.94
C PHE A 80 9.42 10.32 -2.85
N LYS A 81 8.35 10.99 -2.58
CA LYS A 81 8.30 12.02 -1.58
C LYS A 81 7.36 11.55 -0.46
N LEU A 82 7.39 12.20 0.68
CA LEU A 82 6.54 11.82 1.77
C LEU A 82 5.67 13.00 2.19
N THR A 83 4.42 12.73 2.44
CA THR A 83 3.49 13.72 2.87
C THR A 83 2.45 13.03 3.79
N MET A 84 2.37 13.36 5.06
CA MET A 84 1.37 12.66 5.85
C MET A 84 0.13 13.43 5.97
N VAL A 85 -0.82 12.96 5.23
CA VAL A 85 -2.15 13.47 5.19
C VAL A 85 -3.09 12.31 4.85
N LYS A 86 -3.91 11.86 5.72
CA LYS A 86 -4.84 10.84 5.28
C LYS A 86 -6.19 11.13 5.82
N ARG A 87 -7.07 11.40 4.92
CA ARG A 87 -8.37 11.86 5.27
C ARG A 87 -9.36 10.79 4.89
N ASN A 88 -10.48 10.74 5.61
CA ASN A 88 -11.53 9.69 5.46
C ASN A 88 -11.01 8.34 5.93
N ASN A 89 -9.87 8.38 6.61
CA ASN A 89 -9.16 7.19 7.08
C ASN A 89 -8.39 7.59 8.34
N GLN A 90 -7.28 6.91 8.58
CA GLN A 90 -6.41 7.21 9.69
C GLN A 90 -5.32 8.06 9.15
N THR A 91 -4.55 8.68 9.99
CA THR A 91 -3.50 9.51 9.51
C THR A 91 -2.21 8.74 9.41
N ILE A 92 -1.85 8.56 8.18
CA ILE A 92 -0.78 7.75 7.69
C ILE A 92 0.00 8.53 6.64
N PHE A 93 1.24 8.18 6.43
CA PHE A 93 2.10 8.97 5.59
C PHE A 93 1.95 8.50 4.17
N GLU A 94 1.65 9.44 3.32
CA GLU A 94 1.44 9.18 1.94
C GLU A 94 2.74 9.43 1.21
N GLN A 95 3.04 8.61 0.27
CA GLN A 95 4.26 8.72 -0.46
C GLN A 95 3.92 8.93 -1.93
N THR A 96 4.25 10.11 -2.45
CA THR A 96 3.91 10.50 -3.83
C THR A 96 5.16 10.63 -4.67
N ILE A 97 5.02 10.56 -5.95
CA ILE A 97 6.14 10.67 -6.85
C ILE A 97 6.09 12.03 -7.52
N ASN A 98 7.23 12.48 -7.94
CA ASN A 98 7.34 13.77 -8.60
C ASN A 98 7.32 13.60 -10.11
N ASP A 99 7.01 12.41 -10.58
CA ASP A 99 7.10 12.15 -12.01
C ASP A 99 6.17 11.04 -12.44
N LEU A 100 6.29 9.92 -11.76
CA LEU A 100 5.51 8.69 -12.03
C LEU A 100 4.13 8.77 -11.38
N THR A 101 3.75 9.99 -11.09
CA THR A 101 2.51 10.37 -10.43
C THR A 101 1.24 9.82 -11.15
N PHE A 102 1.31 9.68 -12.45
CA PHE A 102 0.15 9.25 -13.21
C PHE A 102 0.42 7.92 -13.91
ZN ZN B . -7.68 -5.10 2.31
ZN ZN C . 1.23 3.85 -6.78
N MET A 1 -0.44 -13.15 26.04
CA MET A 1 -1.50 -12.35 25.42
C MET A 1 -2.81 -12.90 25.97
N ALA A 2 -3.74 -12.03 26.30
CA ALA A 2 -5.03 -12.43 26.87
C ALA A 2 -5.85 -13.26 25.90
N HIS A 3 -5.75 -12.94 24.64
CA HIS A 3 -6.46 -13.65 23.62
C HIS A 3 -5.59 -14.77 23.10
N HIS A 4 -6.20 -15.76 22.53
CA HIS A 4 -5.47 -16.86 21.93
C HIS A 4 -5.04 -16.44 20.52
N HIS A 5 -5.88 -15.66 19.90
CA HIS A 5 -5.66 -15.20 18.56
C HIS A 5 -5.15 -13.79 18.58
N HIS A 6 -4.36 -13.45 17.60
CA HIS A 6 -3.74 -12.15 17.53
C HIS A 6 -4.58 -11.26 16.64
N HIS A 7 -4.46 -9.99 16.83
CA HIS A 7 -5.19 -9.03 16.04
C HIS A 7 -4.34 -8.62 14.86
N HIS A 8 -4.86 -8.86 13.67
CA HIS A 8 -4.14 -8.70 12.40
C HIS A 8 -3.09 -9.79 12.30
N ASN A 9 -3.52 -10.90 11.73
CA ASN A 9 -2.74 -12.13 11.61
C ASN A 9 -1.43 -11.92 10.89
N GLN A 10 -0.40 -12.59 11.37
CA GLN A 10 0.88 -12.54 10.74
C GLN A 10 0.89 -13.35 9.45
N GLN A 11 1.92 -13.14 8.66
CA GLN A 11 2.08 -13.67 7.31
C GLN A 11 1.29 -12.86 6.33
N ASN A 12 1.94 -11.88 5.79
CA ASN A 12 1.38 -11.13 4.72
C ASN A 12 2.00 -11.66 3.46
N LYS A 13 1.55 -11.23 2.32
CA LYS A 13 1.99 -11.83 1.08
C LYS A 13 3.33 -11.29 0.63
N LYS A 14 3.51 -10.01 0.81
CA LYS A 14 4.60 -9.26 0.24
C LYS A 14 4.23 -8.94 -1.17
N VAL A 15 3.65 -7.76 -1.27
CA VAL A 15 3.18 -7.10 -2.47
C VAL A 15 3.86 -7.61 -3.79
N GLU A 16 3.06 -8.17 -4.71
CA GLU A 16 3.59 -8.70 -5.98
C GLU A 16 3.51 -7.67 -7.07
N GLY A 17 2.29 -7.36 -7.48
CA GLY A 17 2.10 -6.35 -8.48
C GLY A 17 0.75 -5.74 -8.36
N GLY A 18 0.28 -5.72 -7.16
CA GLY A 18 -1.01 -5.21 -6.87
C GLY A 18 -1.03 -4.42 -5.61
N TYR A 19 -2.17 -4.30 -5.01
CA TYR A 19 -2.30 -3.52 -3.82
C TYR A 19 -2.57 -4.42 -2.65
N GLU A 20 -1.58 -4.53 -1.80
CA GLU A 20 -1.64 -5.32 -0.60
C GLU A 20 -2.10 -4.41 0.51
N CYS A 21 -3.24 -4.72 1.09
CA CYS A 21 -3.84 -3.91 2.14
C CYS A 21 -2.93 -3.72 3.35
N LYS A 22 -3.11 -2.62 4.01
CA LYS A 22 -2.54 -2.39 5.31
C LYS A 22 -3.24 -3.28 6.33
N TYR A 23 -4.48 -3.53 6.07
CA TYR A 23 -5.35 -4.07 7.05
C TYR A 23 -5.52 -5.58 6.90
N CYS A 24 -4.79 -6.18 5.96
CA CYS A 24 -4.89 -7.61 5.75
C CYS A 24 -3.76 -8.13 4.87
N THR A 25 -3.78 -9.43 4.65
CA THR A 25 -2.81 -10.13 3.81
C THR A 25 -3.33 -10.20 2.35
N PHE A 26 -4.54 -9.76 2.14
CA PHE A 26 -5.17 -9.88 0.85
C PHE A 26 -4.78 -8.74 -0.07
N GLN A 27 -4.39 -9.10 -1.26
CA GLN A 27 -3.91 -8.19 -2.26
C GLN A 27 -4.68 -8.35 -3.56
N THR A 28 -4.95 -7.25 -4.19
CA THR A 28 -5.55 -7.24 -5.49
C THR A 28 -4.91 -6.12 -6.31
N PRO A 29 -4.47 -6.42 -7.55
CA PRO A 29 -3.90 -5.41 -8.45
C PRO A 29 -4.95 -4.48 -9.06
N ASP A 30 -6.19 -4.77 -8.77
CA ASP A 30 -7.28 -3.95 -9.25
C ASP A 30 -7.62 -2.96 -8.19
N LEU A 31 -7.45 -1.68 -8.49
CA LEU A 31 -7.74 -0.60 -7.58
C LEU A 31 -9.22 -0.67 -7.22
N ASN A 32 -10.06 -0.95 -8.22
CA ASN A 32 -11.48 -1.09 -8.03
C ASN A 32 -11.76 -2.10 -6.95
N MET A 33 -11.15 -3.25 -7.09
CA MET A 33 -11.37 -4.33 -6.16
C MET A 33 -10.74 -4.02 -4.84
N PHE A 34 -9.63 -3.30 -4.89
CA PHE A 34 -8.95 -2.88 -3.69
C PHE A 34 -9.83 -1.95 -2.85
N THR A 35 -10.32 -0.88 -3.45
CA THR A 35 -11.14 0.06 -2.71
C THR A 35 -12.49 -0.57 -2.36
N PHE A 36 -12.91 -1.52 -3.17
CA PHE A 36 -14.10 -2.30 -2.90
C PHE A 36 -13.86 -3.16 -1.65
N HIS A 37 -12.82 -3.96 -1.68
CA HIS A 37 -12.43 -4.83 -0.59
C HIS A 37 -12.13 -4.01 0.67
N VAL A 38 -11.62 -2.82 0.50
CA VAL A 38 -11.39 -1.94 1.60
C VAL A 38 -12.71 -1.49 2.18
N ASP A 39 -13.58 -1.00 1.33
CA ASP A 39 -14.88 -0.50 1.77
C ASP A 39 -15.72 -1.61 2.40
N SER A 40 -15.50 -2.80 1.93
CA SER A 40 -16.24 -3.93 2.37
C SER A 40 -15.64 -4.56 3.63
N GLU A 41 -14.34 -4.73 3.65
CA GLU A 41 -13.73 -5.48 4.73
C GLU A 41 -13.09 -4.60 5.78
N HIS A 42 -12.65 -3.42 5.39
CA HIS A 42 -11.98 -2.53 6.32
C HIS A 42 -12.55 -1.10 6.13
N PRO A 43 -13.89 -0.91 6.26
CA PRO A 43 -14.53 0.39 5.99
C PRO A 43 -14.05 1.47 6.95
N ASN A 44 -13.87 1.07 8.17
CA ASN A 44 -13.36 1.89 9.21
C ASN A 44 -12.31 1.11 9.89
N VAL A 45 -11.27 1.74 10.27
CA VAL A 45 -10.15 1.08 10.84
C VAL A 45 -9.37 2.09 11.71
N VAL A 46 -8.55 1.60 12.62
CA VAL A 46 -7.92 2.45 13.63
C VAL A 46 -6.59 3.08 13.21
N LEU A 47 -6.32 4.21 13.85
CA LEU A 47 -5.14 5.02 13.66
C LEU A 47 -3.85 4.34 14.11
N ASN A 48 -2.84 4.48 13.27
CA ASN A 48 -1.49 4.01 13.49
C ASN A 48 -0.67 4.57 12.36
N SER A 49 0.61 4.33 12.35
CA SER A 49 1.48 4.85 11.32
C SER A 49 1.64 3.81 10.20
N SER A 50 1.33 4.20 8.98
CA SER A 50 1.43 3.35 7.83
C SER A 50 1.70 4.22 6.59
N TYR A 51 1.99 3.59 5.48
CA TYR A 51 2.30 4.28 4.23
C TYR A 51 1.31 3.94 3.14
N VAL A 52 0.97 4.94 2.35
CA VAL A 52 0.05 4.78 1.26
C VAL A 52 0.65 5.42 0.00
N CYS A 53 0.49 4.79 -1.11
CA CYS A 53 0.92 5.37 -2.37
C CYS A 53 -0.19 6.25 -2.78
N VAL A 54 -0.06 7.56 -2.61
CA VAL A 54 -1.11 8.51 -2.98
C VAL A 54 -1.52 8.34 -4.42
N GLU A 55 -0.53 7.99 -5.24
CA GLU A 55 -0.68 7.81 -6.68
C GLU A 55 -1.72 6.73 -6.97
N CYS A 56 -1.75 5.74 -6.13
CA CYS A 56 -2.72 4.65 -6.29
C CYS A 56 -3.82 4.80 -5.29
N ASN A 57 -3.46 5.44 -4.24
CA ASN A 57 -4.17 5.54 -3.02
C ASN A 57 -4.40 4.17 -2.45
N PHE A 58 -3.32 3.59 -2.00
CA PHE A 58 -3.38 2.26 -1.47
C PHE A 58 -2.50 2.15 -0.24
N LEU A 59 -3.07 1.70 0.85
CA LEU A 59 -2.35 1.55 2.10
C LEU A 59 -1.86 0.16 2.18
N THR A 60 -0.67 0.00 2.58
CA THR A 60 -0.10 -1.30 2.67
C THR A 60 0.46 -1.55 4.05
N LYS A 61 0.55 -2.82 4.38
CA LYS A 61 1.02 -3.30 5.65
C LYS A 61 2.55 -3.25 5.71
N ARG A 62 3.16 -2.97 4.58
CA ARG A 62 4.59 -2.92 4.51
C ARG A 62 5.08 -1.67 3.82
N TYR A 63 5.93 -0.93 4.51
CA TYR A 63 6.54 0.31 4.01
C TYR A 63 7.37 0.08 2.72
N ASP A 64 7.84 -1.13 2.54
CA ASP A 64 8.64 -1.47 1.38
C ASP A 64 7.84 -1.55 0.12
N ALA A 65 6.56 -1.86 0.23
CA ALA A 65 5.67 -1.93 -0.94
C ALA A 65 5.62 -0.58 -1.68
N LEU A 66 5.89 0.50 -0.95
CA LEU A 66 5.92 1.84 -1.52
C LEU A 66 7.25 2.14 -2.17
N SER A 67 8.26 1.55 -1.64
CA SER A 67 9.62 1.73 -2.10
C SER A 67 9.87 0.98 -3.38
N GLU A 68 9.42 -0.23 -3.42
CA GLU A 68 9.55 -1.03 -4.62
C GLU A 68 8.51 -0.60 -5.64
N HIS A 69 7.49 0.07 -5.16
CA HIS A 69 6.37 0.50 -5.97
C HIS A 69 6.83 1.21 -7.26
N ASN A 70 7.58 2.25 -7.17
CA ASN A 70 8.13 2.98 -8.35
C ASN A 70 9.19 2.15 -9.06
N LEU A 71 9.68 1.18 -8.41
CA LEU A 71 10.65 0.31 -8.97
C LEU A 71 9.96 -0.62 -9.99
N LYS A 72 8.93 -1.29 -9.55
CA LYS A 72 8.23 -2.25 -10.40
C LYS A 72 6.83 -1.81 -10.86
N TYR A 73 6.11 -1.21 -9.96
CA TYR A 73 4.70 -0.81 -10.17
C TYR A 73 4.63 0.47 -10.97
N HIS A 74 5.33 1.50 -10.53
CA HIS A 74 5.41 2.75 -11.30
C HIS A 74 6.86 2.95 -11.78
N PRO A 75 7.33 2.13 -12.74
CA PRO A 75 8.73 2.16 -13.18
C PRO A 75 9.09 3.33 -14.07
N GLY A 76 10.31 3.80 -13.92
CA GLY A 76 10.82 4.89 -14.72
C GLY A 76 11.93 5.62 -14.02
N GLU A 77 11.74 5.87 -12.75
CA GLU A 77 12.69 6.60 -11.94
C GLU A 77 12.45 6.19 -10.50
N GLU A 78 13.26 6.66 -9.60
CA GLU A 78 13.07 6.31 -8.22
C GLU A 78 13.17 7.55 -7.36
N ASN A 79 12.02 8.18 -7.14
CA ASN A 79 11.90 9.42 -6.38
C ASN A 79 10.51 9.53 -5.80
N PHE A 80 10.35 9.09 -4.60
CA PHE A 80 9.10 9.15 -3.90
C PHE A 80 9.18 10.16 -2.77
N LYS A 81 8.17 10.94 -2.62
CA LYS A 81 8.13 11.99 -1.63
C LYS A 81 7.19 11.53 -0.52
N LEU A 82 7.24 12.16 0.60
CA LEU A 82 6.42 11.76 1.72
C LEU A 82 5.60 12.94 2.19
N THR A 83 4.33 12.75 2.24
CA THR A 83 3.43 13.75 2.69
C THR A 83 2.43 13.08 3.59
N MET A 84 2.37 13.44 4.85
CA MET A 84 1.46 12.70 5.67
C MET A 84 0.19 13.48 5.75
N VAL A 85 -0.77 13.01 5.03
CA VAL A 85 -2.09 13.55 5.03
C VAL A 85 -3.10 12.46 4.75
N LYS A 86 -3.84 12.05 5.68
CA LYS A 86 -4.87 11.09 5.35
C LYS A 86 -6.07 11.51 6.10
N ARG A 87 -7.10 11.80 5.42
CA ARG A 87 -8.21 12.41 6.05
C ARG A 87 -9.33 11.43 6.29
N ASN A 88 -10.08 11.66 7.38
CA ASN A 88 -11.24 10.85 7.82
C ASN A 88 -10.84 9.47 8.37
N ASN A 89 -10.09 8.73 7.59
CA ASN A 89 -9.67 7.36 7.94
C ASN A 89 -8.73 7.37 9.16
N GLN A 90 -7.50 7.75 8.93
CA GLN A 90 -6.49 7.86 9.95
C GLN A 90 -5.39 8.67 9.35
N THR A 91 -4.49 9.17 10.12
CA THR A 91 -3.38 9.90 9.59
C THR A 91 -2.15 9.01 9.40
N ILE A 92 -1.85 8.81 8.15
CA ILE A 92 -0.84 7.93 7.62
C ILE A 92 -0.04 8.63 6.54
N PHE A 93 1.15 8.18 6.26
CA PHE A 93 2.06 8.90 5.40
C PHE A 93 1.80 8.49 3.96
N GLU A 94 1.47 9.47 3.14
CA GLU A 94 1.22 9.24 1.78
C GLU A 94 2.49 9.50 1.02
N GLN A 95 2.79 8.66 0.10
CA GLN A 95 4.00 8.77 -0.61
C GLN A 95 3.69 8.98 -2.09
N THR A 96 4.04 10.17 -2.60
CA THR A 96 3.76 10.55 -3.99
C THR A 96 5.04 10.63 -4.79
N ILE A 97 4.93 10.53 -6.07
CA ILE A 97 6.08 10.61 -6.95
C ILE A 97 6.05 11.95 -7.62
N ASN A 98 7.17 12.42 -8.03
CA ASN A 98 7.32 13.70 -8.70
C ASN A 98 7.37 13.51 -10.22
N ASP A 99 7.18 12.29 -10.67
CA ASP A 99 7.39 11.97 -12.08
C ASP A 99 6.43 10.89 -12.56
N LEU A 100 6.46 9.78 -11.86
CA LEU A 100 5.68 8.58 -12.20
C LEU A 100 4.24 8.72 -11.69
N THR A 101 3.88 9.94 -11.41
CA THR A 101 2.58 10.36 -10.95
C THR A 101 1.50 10.05 -12.01
N PHE A 102 1.93 10.07 -13.25
CA PHE A 102 1.05 9.85 -14.39
C PHE A 102 1.63 8.76 -15.29
ZN ZN B . -7.49 -6.17 2.38
ZN ZN C . 1.21 3.76 -6.76
N MET A 1 24.89 -20.37 22.90
CA MET A 1 24.51 -19.42 21.87
C MET A 1 23.08 -18.97 22.06
N ALA A 2 22.89 -17.68 22.14
CA ALA A 2 21.58 -17.09 22.21
C ALA A 2 21.37 -16.29 20.96
N HIS A 3 20.51 -16.78 20.12
CA HIS A 3 20.28 -16.17 18.83
C HIS A 3 18.98 -16.75 18.31
N HIS A 4 18.41 -16.14 17.31
CA HIS A 4 17.26 -16.73 16.67
C HIS A 4 17.78 -17.82 15.75
N HIS A 5 17.77 -19.04 16.25
CA HIS A 5 18.35 -20.18 15.54
C HIS A 5 17.53 -20.56 14.33
N HIS A 6 16.25 -20.26 14.37
CA HIS A 6 15.40 -20.53 13.24
C HIS A 6 15.37 -19.30 12.36
N HIS A 7 15.23 -18.14 13.03
CA HIS A 7 15.19 -16.84 12.40
C HIS A 7 13.95 -16.70 11.52
N HIS A 8 12.84 -16.45 12.16
CA HIS A 8 11.54 -16.34 11.50
C HIS A 8 11.30 -14.93 10.97
N ASN A 9 12.38 -14.23 10.74
CA ASN A 9 12.31 -12.93 10.14
C ASN A 9 12.03 -13.09 8.67
N GLN A 10 10.83 -12.78 8.28
CA GLN A 10 10.41 -12.94 6.93
C GLN A 10 9.75 -11.67 6.48
N GLN A 11 9.58 -11.54 5.19
CA GLN A 11 8.85 -10.43 4.63
C GLN A 11 7.47 -10.92 4.24
N ASN A 12 7.19 -12.18 4.63
CA ASN A 12 5.94 -12.87 4.30
C ASN A 12 5.86 -13.08 2.80
N LYS A 13 4.67 -13.12 2.22
CA LYS A 13 4.55 -13.29 0.77
C LYS A 13 5.01 -12.04 0.00
N LYS A 14 5.36 -10.97 0.74
CA LYS A 14 5.82 -9.70 0.21
C LYS A 14 4.69 -9.03 -0.58
N VAL A 15 5.03 -8.04 -1.36
CA VAL A 15 4.10 -7.36 -2.15
C VAL A 15 4.39 -7.79 -3.61
N GLU A 16 3.41 -8.32 -4.29
CA GLU A 16 3.67 -8.84 -5.62
C GLU A 16 3.46 -7.80 -6.69
N GLY A 17 2.25 -7.66 -7.17
CA GLY A 17 1.99 -6.69 -8.17
C GLY A 17 0.66 -6.05 -8.02
N GLY A 18 0.10 -6.20 -6.88
CA GLY A 18 -1.16 -5.57 -6.62
C GLY A 18 -1.14 -4.72 -5.40
N TYR A 19 -2.28 -4.46 -4.87
CA TYR A 19 -2.40 -3.63 -3.72
C TYR A 19 -2.71 -4.47 -2.54
N GLU A 20 -1.79 -4.48 -1.64
CA GLU A 20 -1.94 -5.15 -0.41
C GLU A 20 -2.46 -4.15 0.57
N CYS A 21 -3.41 -4.55 1.34
CA CYS A 21 -3.92 -3.72 2.39
C CYS A 21 -3.02 -3.75 3.64
N LYS A 22 -3.02 -2.66 4.34
CA LYS A 22 -2.38 -2.53 5.63
C LYS A 22 -3.12 -3.39 6.68
N TYR A 23 -4.35 -3.72 6.36
CA TYR A 23 -5.23 -4.40 7.29
C TYR A 23 -5.69 -5.77 6.79
N CYS A 24 -5.07 -6.28 5.71
CA CYS A 24 -5.34 -7.64 5.23
C CYS A 24 -4.27 -8.05 4.24
N THR A 25 -3.97 -9.32 4.17
CA THR A 25 -2.99 -9.83 3.24
C THR A 25 -3.66 -10.13 1.86
N PHE A 26 -4.95 -9.84 1.79
CA PHE A 26 -5.67 -9.96 0.53
C PHE A 26 -5.26 -8.85 -0.40
N GLN A 27 -4.48 -9.21 -1.38
CA GLN A 27 -3.94 -8.28 -2.33
C GLN A 27 -4.57 -8.46 -3.68
N THR A 28 -4.84 -7.36 -4.33
CA THR A 28 -5.38 -7.38 -5.64
C THR A 28 -4.84 -6.18 -6.43
N PRO A 29 -4.31 -6.42 -7.63
CA PRO A 29 -3.86 -5.35 -8.53
C PRO A 29 -4.99 -4.54 -9.14
N ASP A 30 -6.19 -4.96 -8.87
CA ASP A 30 -7.35 -4.26 -9.33
C ASP A 30 -7.72 -3.28 -8.28
N LEU A 31 -7.52 -2.01 -8.54
CA LEU A 31 -7.84 -0.93 -7.62
C LEU A 31 -9.30 -1.05 -7.22
N ASN A 32 -10.15 -1.35 -8.20
CA ASN A 32 -11.57 -1.53 -7.99
C ASN A 32 -11.80 -2.53 -6.89
N MET A 33 -11.18 -3.67 -7.03
CA MET A 33 -11.37 -4.76 -6.09
C MET A 33 -10.71 -4.45 -4.79
N PHE A 34 -9.64 -3.69 -4.87
CA PHE A 34 -8.92 -3.27 -3.70
C PHE A 34 -9.79 -2.39 -2.83
N THR A 35 -10.29 -1.32 -3.40
CA THR A 35 -11.06 -0.38 -2.64
C THR A 35 -12.44 -0.95 -2.32
N PHE A 36 -12.92 -1.86 -3.17
CA PHE A 36 -14.18 -2.52 -2.96
C PHE A 36 -14.10 -3.45 -1.77
N HIS A 37 -13.10 -4.32 -1.74
CA HIS A 37 -13.00 -5.25 -0.64
C HIS A 37 -12.66 -4.50 0.64
N VAL A 38 -11.97 -3.37 0.49
CA VAL A 38 -11.68 -2.52 1.62
C VAL A 38 -12.96 -1.93 2.15
N ASP A 39 -13.71 -1.29 1.28
CA ASP A 39 -14.96 -0.60 1.65
C ASP A 39 -15.96 -1.59 2.22
N SER A 40 -15.85 -2.80 1.79
CA SER A 40 -16.72 -3.85 2.23
C SER A 40 -16.27 -4.47 3.55
N GLU A 41 -15.01 -4.83 3.64
CA GLU A 41 -14.56 -5.63 4.77
C GLU A 41 -13.92 -4.79 5.86
N HIS A 42 -13.19 -3.77 5.47
CA HIS A 42 -12.48 -2.89 6.38
C HIS A 42 -12.69 -1.42 5.97
N PRO A 43 -13.97 -0.91 6.05
CA PRO A 43 -14.31 0.44 5.61
C PRO A 43 -13.64 1.54 6.43
N ASN A 44 -13.99 1.63 7.68
CA ASN A 44 -13.38 2.60 8.56
C ASN A 44 -12.40 1.89 9.44
N VAL A 45 -11.19 2.28 9.38
CA VAL A 45 -10.13 1.68 10.12
C VAL A 45 -9.13 2.79 10.45
N VAL A 46 -8.55 2.74 11.64
CA VAL A 46 -7.68 3.81 12.07
C VAL A 46 -6.30 3.29 12.49
N LEU A 47 -5.31 3.70 11.74
CA LEU A 47 -3.92 3.43 12.03
C LEU A 47 -3.26 4.74 12.41
N ASN A 48 -2.02 4.71 12.77
CA ASN A 48 -1.32 5.95 13.12
C ASN A 48 -0.05 6.11 12.31
N SER A 49 0.58 5.02 11.97
CA SER A 49 1.80 5.09 11.20
C SER A 49 1.86 3.96 10.20
N SER A 50 1.47 4.26 8.99
CA SER A 50 1.53 3.35 7.91
C SER A 50 1.79 4.17 6.67
N TYR A 51 2.15 3.52 5.60
CA TYR A 51 2.49 4.18 4.37
C TYR A 51 1.52 3.82 3.27
N VAL A 52 1.16 4.80 2.49
CA VAL A 52 0.25 4.63 1.39
C VAL A 52 0.83 5.27 0.12
N CYS A 53 0.68 4.60 -0.99
CA CYS A 53 1.05 5.18 -2.26
C CYS A 53 -0.07 6.05 -2.61
N VAL A 54 0.07 7.34 -2.45
CA VAL A 54 -1.00 8.31 -2.71
C VAL A 54 -1.50 8.17 -4.11
N GLU A 55 -0.58 7.84 -4.98
CA GLU A 55 -0.83 7.69 -6.39
C GLU A 55 -1.91 6.65 -6.62
N CYS A 56 -1.84 5.60 -5.85
CA CYS A 56 -2.82 4.52 -6.00
C CYS A 56 -3.85 4.58 -4.85
N ASN A 57 -3.47 5.29 -3.82
CA ASN A 57 -4.10 5.29 -2.53
C ASN A 57 -4.32 3.91 -1.99
N PHE A 58 -3.19 3.22 -1.79
CA PHE A 58 -3.19 1.90 -1.26
C PHE A 58 -2.29 1.85 -0.05
N LEU A 59 -2.83 1.43 1.05
CA LEU A 59 -2.11 1.34 2.30
C LEU A 59 -1.60 -0.04 2.46
N THR A 60 -0.36 -0.17 2.78
CA THR A 60 0.27 -1.46 2.91
C THR A 60 0.88 -1.61 4.28
N LYS A 61 1.15 -2.84 4.68
CA LYS A 61 1.66 -3.15 5.99
C LYS A 61 3.18 -3.29 6.01
N ARG A 62 3.82 -2.73 5.02
CA ARG A 62 5.27 -2.69 4.96
C ARG A 62 5.67 -1.41 4.23
N TYR A 63 6.78 -0.82 4.60
CA TYR A 63 7.23 0.40 3.96
C TYR A 63 7.93 0.06 2.64
N ASP A 64 8.27 -1.21 2.50
CA ASP A 64 8.96 -1.72 1.32
C ASP A 64 8.11 -1.56 0.10
N ALA A 65 6.83 -1.83 0.23
CA ALA A 65 5.93 -1.88 -0.90
C ALA A 65 5.82 -0.54 -1.61
N LEU A 66 6.09 0.53 -0.89
CA LEU A 66 6.09 1.88 -1.45
C LEU A 66 7.42 2.17 -2.12
N SER A 67 8.45 1.60 -1.58
CA SER A 67 9.81 1.79 -2.04
C SER A 67 10.05 1.05 -3.33
N GLU A 68 9.56 -0.14 -3.38
CA GLU A 68 9.65 -0.97 -4.56
C GLU A 68 8.57 -0.58 -5.54
N HIS A 69 7.57 0.10 -5.06
CA HIS A 69 6.41 0.51 -5.86
C HIS A 69 6.85 1.17 -7.19
N ASN A 70 7.61 2.20 -7.13
CA ASN A 70 8.15 2.89 -8.34
C ASN A 70 9.17 2.03 -9.11
N LEU A 71 9.63 1.04 -8.46
CA LEU A 71 10.52 0.08 -9.07
C LEU A 71 9.71 -0.88 -9.97
N LYS A 72 8.68 -1.49 -9.41
CA LYS A 72 7.92 -2.52 -10.11
C LYS A 72 6.53 -2.07 -10.58
N TYR A 73 5.89 -1.31 -9.75
CA TYR A 73 4.52 -0.85 -9.99
C TYR A 73 4.51 0.43 -10.84
N HIS A 74 5.25 1.44 -10.42
CA HIS A 74 5.35 2.71 -11.18
C HIS A 74 6.79 2.93 -11.66
N PRO A 75 7.28 2.13 -12.63
CA PRO A 75 8.67 2.21 -13.09
C PRO A 75 8.96 3.40 -13.99
N GLY A 76 10.21 3.83 -13.96
CA GLY A 76 10.66 4.92 -14.80
C GLY A 76 11.79 5.70 -14.16
N GLU A 77 11.65 5.96 -12.89
CA GLU A 77 12.61 6.71 -12.09
C GLU A 77 12.36 6.35 -10.66
N GLU A 78 13.16 6.84 -9.75
CA GLU A 78 12.92 6.53 -8.38
C GLU A 78 13.02 7.76 -7.52
N ASN A 79 11.90 8.42 -7.32
CA ASN A 79 11.85 9.61 -6.51
C ASN A 79 10.50 9.72 -5.86
N PHE A 80 10.43 9.22 -4.66
CA PHE A 80 9.22 9.26 -3.89
C PHE A 80 9.35 10.29 -2.78
N LYS A 81 8.29 11.00 -2.55
CA LYS A 81 8.24 12.04 -1.56
C LYS A 81 7.35 11.57 -0.41
N LEU A 82 7.39 12.25 0.71
CA LEU A 82 6.60 11.86 1.85
C LEU A 82 5.69 13.00 2.24
N THR A 83 4.47 12.70 2.48
CA THR A 83 3.50 13.67 2.88
C THR A 83 2.49 12.98 3.78
N MET A 84 2.31 13.43 4.99
CA MET A 84 1.36 12.70 5.79
C MET A 84 0.07 13.46 5.77
N VAL A 85 -0.85 12.95 5.01
CA VAL A 85 -2.20 13.46 4.97
C VAL A 85 -3.15 12.36 4.66
N LYS A 86 -3.90 11.95 5.56
CA LYS A 86 -4.90 11.01 5.20
C LYS A 86 -6.12 11.42 5.94
N ARG A 87 -7.04 11.92 5.25
CA ARG A 87 -8.21 12.47 5.84
C ARG A 87 -9.33 11.49 5.57
N ASN A 88 -10.33 11.46 6.44
CA ASN A 88 -11.52 10.59 6.34
C ASN A 88 -11.25 9.18 6.88
N ASN A 89 -10.01 8.88 7.19
CA ASN A 89 -9.67 7.55 7.67
C ASN A 89 -8.82 7.64 8.93
N GLN A 90 -7.55 7.94 8.73
CA GLN A 90 -6.59 8.05 9.79
C GLN A 90 -5.45 8.78 9.21
N THR A 91 -4.58 9.31 9.99
CA THR A 91 -3.45 9.99 9.46
C THR A 91 -2.25 9.07 9.37
N ILE A 92 -1.91 8.79 8.15
CA ILE A 92 -0.87 7.90 7.71
C ILE A 92 -0.01 8.59 6.67
N PHE A 93 1.20 8.16 6.50
CA PHE A 93 2.13 8.87 5.67
C PHE A 93 1.99 8.40 4.24
N GLU A 94 1.69 9.32 3.38
CA GLU A 94 1.48 9.05 2.02
C GLU A 94 2.78 9.28 1.28
N GLN A 95 3.03 8.50 0.29
CA GLN A 95 4.23 8.62 -0.46
C GLN A 95 3.86 8.87 -1.93
N THR A 96 4.18 10.07 -2.45
CA THR A 96 3.84 10.44 -3.84
C THR A 96 5.09 10.59 -4.67
N ILE A 97 4.95 10.53 -5.95
CA ILE A 97 6.06 10.64 -6.84
C ILE A 97 5.99 11.97 -7.54
N ASN A 98 7.11 12.45 -7.98
CA ASN A 98 7.21 13.70 -8.70
C ASN A 98 7.13 13.47 -10.21
N ASP A 99 6.82 12.26 -10.60
CA ASP A 99 6.90 11.90 -12.00
C ASP A 99 5.99 10.76 -12.35
N LEU A 100 6.20 9.66 -11.66
CA LEU A 100 5.51 8.39 -11.89
C LEU A 100 4.12 8.39 -11.26
N THR A 101 3.61 9.56 -11.11
CA THR A 101 2.32 9.87 -10.52
C THR A 101 1.15 9.25 -11.36
N PHE A 102 1.42 8.99 -12.62
CA PHE A 102 0.47 8.39 -13.57
C PHE A 102 0.01 6.98 -13.11
ZN ZN B . -7.67 -5.63 1.91
ZN ZN C . 1.14 3.81 -6.77
N MET A 1 6.41 -6.38 23.75
CA MET A 1 5.48 -5.49 23.05
C MET A 1 4.23 -5.32 23.88
N ALA A 2 3.68 -4.11 23.89
CA ALA A 2 2.50 -3.76 24.67
C ALA A 2 1.31 -4.63 24.31
N HIS A 3 0.95 -5.53 25.24
CA HIS A 3 -0.21 -6.46 25.08
C HIS A 3 -0.02 -7.35 23.86
N HIS A 4 1.25 -7.54 23.48
CA HIS A 4 1.64 -8.29 22.30
C HIS A 4 1.11 -7.62 21.05
N HIS A 5 1.81 -6.59 20.64
CA HIS A 5 1.47 -5.82 19.48
C HIS A 5 2.58 -6.01 18.46
N HIS A 6 2.30 -6.76 17.43
CA HIS A 6 3.30 -7.06 16.42
C HIS A 6 3.20 -6.11 15.24
N HIS A 7 2.19 -5.24 15.27
CA HIS A 7 1.92 -4.23 14.24
C HIS A 7 1.42 -4.83 12.94
N HIS A 8 2.30 -5.53 12.26
CA HIS A 8 2.01 -6.05 10.95
C HIS A 8 2.26 -7.53 10.90
N ASN A 9 1.32 -8.24 10.36
CA ASN A 9 1.44 -9.66 10.15
C ASN A 9 1.81 -9.91 8.70
N GLN A 10 2.99 -10.43 8.49
CA GLN A 10 3.47 -10.74 7.16
C GLN A 10 3.71 -12.24 7.07
N GLN A 11 3.70 -12.78 5.88
CA GLN A 11 3.92 -14.20 5.75
C GLN A 11 4.86 -14.54 4.59
N ASN A 12 4.38 -14.41 3.37
CA ASN A 12 5.18 -14.87 2.23
C ASN A 12 5.22 -13.90 1.05
N LYS A 13 4.05 -13.48 0.58
CA LYS A 13 3.92 -12.75 -0.69
C LYS A 13 4.64 -11.40 -0.73
N LYS A 14 4.90 -10.80 0.42
CA LYS A 14 5.58 -9.50 0.56
C LYS A 14 4.65 -8.39 0.02
N VAL A 15 4.73 -8.18 -1.24
CA VAL A 15 3.87 -7.36 -1.99
C VAL A 15 4.10 -7.77 -3.45
N GLU A 16 3.05 -8.08 -4.19
CA GLU A 16 3.22 -8.62 -5.53
C GLU A 16 3.15 -7.54 -6.59
N GLY A 17 1.96 -7.20 -7.02
CA GLY A 17 1.82 -6.18 -8.02
C GLY A 17 0.53 -5.44 -7.91
N GLY A 18 -0.13 -5.64 -6.83
CA GLY A 18 -1.37 -4.97 -6.63
C GLY A 18 -1.38 -4.12 -5.40
N TYR A 19 -2.53 -3.95 -4.86
CA TYR A 19 -2.71 -3.13 -3.70
C TYR A 19 -2.96 -4.01 -2.51
N GLU A 20 -2.05 -3.99 -1.59
CA GLU A 20 -2.18 -4.73 -0.36
C GLU A 20 -2.61 -3.78 0.70
N CYS A 21 -3.66 -4.11 1.39
CA CYS A 21 -4.08 -3.34 2.53
C CYS A 21 -3.10 -3.59 3.70
N LYS A 22 -2.80 -2.55 4.46
CA LYS A 22 -2.00 -2.69 5.67
C LYS A 22 -2.73 -3.56 6.71
N TYR A 23 -4.00 -3.71 6.50
CA TYR A 23 -4.86 -4.42 7.38
C TYR A 23 -5.31 -5.76 6.80
N CYS A 24 -4.73 -6.15 5.64
CA CYS A 24 -5.02 -7.44 5.03
C CYS A 24 -4.11 -7.67 3.81
N THR A 25 -3.41 -8.79 3.78
CA THR A 25 -2.54 -9.10 2.66
C THR A 25 -3.36 -9.81 1.54
N PHE A 26 -4.64 -9.51 1.52
CA PHE A 26 -5.47 -9.93 0.44
C PHE A 26 -5.39 -8.81 -0.56
N GLN A 27 -4.54 -9.01 -1.51
CA GLN A 27 -4.13 -8.01 -2.42
C GLN A 27 -4.69 -8.23 -3.80
N THR A 28 -5.00 -7.13 -4.43
CA THR A 28 -5.52 -7.13 -5.75
C THR A 28 -5.02 -5.90 -6.48
N PRO A 29 -4.49 -6.06 -7.69
CA PRO A 29 -4.12 -4.95 -8.56
C PRO A 29 -5.33 -4.23 -9.16
N ASP A 30 -6.51 -4.72 -8.85
CA ASP A 30 -7.72 -4.08 -9.28
C ASP A 30 -8.18 -3.15 -8.20
N LEU A 31 -8.13 -1.86 -8.46
CA LEU A 31 -8.55 -0.83 -7.53
C LEU A 31 -9.98 -1.10 -7.09
N ASN A 32 -10.82 -1.50 -8.07
CA ASN A 32 -12.21 -1.83 -7.82
C ASN A 32 -12.30 -2.84 -6.71
N MET A 33 -11.56 -3.91 -6.84
CA MET A 33 -11.63 -4.99 -5.88
C MET A 33 -10.96 -4.60 -4.60
N PHE A 34 -9.96 -3.74 -4.72
CA PHE A 34 -9.26 -3.26 -3.56
C PHE A 34 -10.18 -2.45 -2.67
N THR A 35 -10.81 -1.45 -3.22
CA THR A 35 -11.67 -0.60 -2.43
C THR A 35 -12.98 -1.33 -2.10
N PHE A 36 -13.37 -2.28 -2.96
CA PHE A 36 -14.57 -3.05 -2.75
C PHE A 36 -14.40 -3.98 -1.57
N HIS A 37 -13.32 -4.75 -1.52
CA HIS A 37 -13.13 -5.68 -0.42
C HIS A 37 -12.94 -4.89 0.87
N VAL A 38 -12.39 -3.69 0.73
CA VAL A 38 -12.23 -2.80 1.85
C VAL A 38 -13.58 -2.36 2.33
N ASP A 39 -14.36 -1.74 1.47
CA ASP A 39 -15.66 -1.18 1.84
C ASP A 39 -16.64 -2.26 2.30
N SER A 40 -16.39 -3.47 1.86
CA SER A 40 -17.24 -4.58 2.19
C SER A 40 -16.80 -5.23 3.51
N GLU A 41 -15.50 -5.42 3.69
CA GLU A 41 -15.01 -6.15 4.86
C GLU A 41 -14.47 -5.24 5.95
N HIS A 42 -13.69 -4.27 5.58
CA HIS A 42 -13.05 -3.37 6.50
C HIS A 42 -13.17 -1.90 6.07
N PRO A 43 -14.42 -1.37 6.01
CA PRO A 43 -14.64 0.00 5.56
C PRO A 43 -14.13 1.02 6.58
N ASN A 44 -14.46 0.79 7.85
CA ASN A 44 -14.08 1.70 8.90
C ASN A 44 -12.91 1.14 9.64
N VAL A 45 -11.74 1.52 9.24
CA VAL A 45 -10.55 1.05 9.86
C VAL A 45 -9.58 2.21 10.05
N VAL A 46 -9.27 2.47 11.30
CA VAL A 46 -8.43 3.58 11.67
C VAL A 46 -7.17 3.03 12.29
N LEU A 47 -6.08 3.21 11.62
CA LEU A 47 -4.79 2.74 12.09
C LEU A 47 -4.04 3.91 12.70
N ASN A 48 -2.75 3.76 12.91
CA ASN A 48 -1.98 4.85 13.48
C ASN A 48 -0.88 5.31 12.53
N SER A 49 0.23 4.58 12.47
CA SER A 49 1.33 4.99 11.61
C SER A 49 1.60 3.92 10.54
N SER A 50 1.45 4.30 9.29
CA SER A 50 1.64 3.43 8.18
C SER A 50 1.99 4.28 6.94
N TYR A 51 2.32 3.63 5.84
CA TYR A 51 2.67 4.30 4.59
C TYR A 51 1.67 3.97 3.50
N VAL A 52 1.33 4.96 2.71
CA VAL A 52 0.40 4.81 1.61
C VAL A 52 0.98 5.44 0.32
N CYS A 53 0.77 4.78 -0.78
CA CYS A 53 1.11 5.36 -2.06
C CYS A 53 -0.02 6.24 -2.42
N VAL A 54 0.14 7.53 -2.27
CA VAL A 54 -0.93 8.51 -2.55
C VAL A 54 -1.45 8.34 -3.96
N GLU A 55 -0.54 7.96 -4.83
CA GLU A 55 -0.82 7.79 -6.24
C GLU A 55 -1.89 6.72 -6.43
N CYS A 56 -1.79 5.68 -5.65
CA CYS A 56 -2.74 4.58 -5.76
C CYS A 56 -3.75 4.60 -4.61
N ASN A 57 -3.43 5.38 -3.61
CA ASN A 57 -4.12 5.39 -2.33
C ASN A 57 -4.25 4.00 -1.72
N PHE A 58 -3.10 3.38 -1.54
CA PHE A 58 -3.06 2.05 -0.99
C PHE A 58 -2.13 2.04 0.21
N LEU A 59 -2.66 1.64 1.32
CA LEU A 59 -1.93 1.60 2.56
C LEU A 59 -1.42 0.24 2.71
N THR A 60 -0.17 0.12 2.96
CA THR A 60 0.44 -1.17 3.01
C THR A 60 1.20 -1.36 4.31
N LYS A 61 1.50 -2.61 4.63
CA LYS A 61 2.13 -2.97 5.88
C LYS A 61 3.58 -2.51 5.98
N ARG A 62 4.39 -2.89 5.03
CA ARG A 62 5.80 -2.55 5.12
C ARG A 62 6.14 -1.38 4.21
N TYR A 63 7.03 -0.51 4.66
CA TYR A 63 7.46 0.68 3.91
C TYR A 63 8.09 0.29 2.57
N ASP A 64 8.64 -0.92 2.55
CA ASP A 64 9.30 -1.47 1.38
C ASP A 64 8.39 -1.45 0.17
N ALA A 65 7.10 -1.72 0.36
CA ALA A 65 6.16 -1.82 -0.76
C ALA A 65 6.01 -0.48 -1.50
N LEU A 66 6.30 0.60 -0.79
CA LEU A 66 6.27 1.94 -1.38
C LEU A 66 7.57 2.23 -2.10
N SER A 67 8.63 1.65 -1.60
CA SER A 67 9.96 1.81 -2.16
C SER A 67 10.10 1.03 -3.44
N GLU A 68 9.61 -0.16 -3.43
CA GLU A 68 9.64 -1.00 -4.61
C GLU A 68 8.57 -0.57 -5.58
N HIS A 69 7.59 0.14 -5.06
CA HIS A 69 6.44 0.59 -5.83
C HIS A 69 6.86 1.23 -7.16
N ASN A 70 7.65 2.24 -7.14
CA ASN A 70 8.19 2.89 -8.38
C ASN A 70 9.17 1.98 -9.12
N LEU A 71 9.65 1.00 -8.46
CA LEU A 71 10.52 0.03 -9.06
C LEU A 71 9.72 -0.94 -9.95
N LYS A 72 8.69 -1.52 -9.39
CA LYS A 72 7.89 -2.54 -10.09
C LYS A 72 6.50 -2.07 -10.55
N TYR A 73 5.90 -1.25 -9.75
CA TYR A 73 4.53 -0.76 -9.98
C TYR A 73 4.54 0.50 -10.85
N HIS A 74 5.32 1.50 -10.43
CA HIS A 74 5.46 2.74 -11.24
C HIS A 74 6.89 2.88 -11.76
N PRO A 75 7.33 2.05 -12.70
CA PRO A 75 8.72 2.05 -13.19
C PRO A 75 9.06 3.21 -14.14
N GLY A 76 10.30 3.65 -14.05
CA GLY A 76 10.80 4.71 -14.88
C GLY A 76 11.90 5.48 -14.20
N GLU A 77 11.68 5.81 -12.95
CA GLU A 77 12.61 6.56 -12.16
C GLU A 77 12.39 6.20 -10.71
N GLU A 78 13.22 6.68 -9.84
CA GLU A 78 13.03 6.40 -8.45
C GLU A 78 13.13 7.66 -7.65
N ASN A 79 12.00 8.30 -7.44
CA ASN A 79 11.92 9.53 -6.69
C ASN A 79 10.58 9.63 -6.02
N PHE A 80 10.53 9.19 -4.81
CA PHE A 80 9.34 9.27 -4.02
C PHE A 80 9.49 10.33 -2.95
N LYS A 81 8.45 11.03 -2.68
CA LYS A 81 8.43 12.08 -1.69
C LYS A 81 7.54 11.63 -0.53
N LEU A 82 7.61 12.28 0.60
CA LEU A 82 6.79 11.90 1.72
C LEU A 82 5.93 13.06 2.14
N THR A 83 4.70 12.79 2.38
CA THR A 83 3.77 13.77 2.83
C THR A 83 2.76 13.08 3.76
N MET A 84 2.76 13.38 5.03
CA MET A 84 1.80 12.70 5.85
C MET A 84 0.59 13.56 5.95
N VAL A 85 -0.41 13.17 5.22
CA VAL A 85 -1.70 13.79 5.21
C VAL A 85 -2.74 12.75 4.88
N LYS A 86 -3.55 12.35 5.78
CA LYS A 86 -4.55 11.40 5.40
C LYS A 86 -5.79 11.81 6.07
N ARG A 87 -6.80 11.99 5.32
CA ARG A 87 -8.02 12.48 5.86
C ARG A 87 -9.05 11.39 5.70
N ASN A 88 -10.08 11.41 6.53
CA ASN A 88 -11.20 10.42 6.51
C ASN A 88 -10.73 9.03 6.90
N ASN A 89 -9.56 8.94 7.49
CA ASN A 89 -8.99 7.66 7.85
C ASN A 89 -8.23 7.79 9.16
N GLN A 90 -6.99 8.22 9.05
CA GLN A 90 -6.08 8.45 10.12
C GLN A 90 -4.94 9.15 9.49
N THR A 91 -4.04 9.70 10.23
CA THR A 91 -2.93 10.34 9.62
C THR A 91 -1.74 9.39 9.54
N ILE A 92 -1.46 9.05 8.32
CA ILE A 92 -0.49 8.10 7.87
C ILE A 92 0.35 8.75 6.79
N PHE A 93 1.54 8.28 6.58
CA PHE A 93 2.48 8.96 5.73
C PHE A 93 2.28 8.51 4.30
N GLU A 94 1.95 9.45 3.47
CA GLU A 94 1.70 9.19 2.10
C GLU A 94 2.97 9.44 1.33
N GLN A 95 3.18 8.66 0.34
CA GLN A 95 4.38 8.78 -0.44
C GLN A 95 4.00 8.98 -1.92
N THR A 96 4.32 10.17 -2.47
CA THR A 96 3.96 10.51 -3.86
C THR A 96 5.20 10.60 -4.71
N ILE A 97 5.03 10.51 -5.98
CA ILE A 97 6.13 10.59 -6.91
C ILE A 97 6.04 11.94 -7.58
N ASN A 98 7.14 12.40 -8.07
CA ASN A 98 7.20 13.68 -8.76
C ASN A 98 7.17 13.48 -10.28
N ASP A 99 6.94 12.25 -10.72
CA ASP A 99 7.04 11.97 -12.15
C ASP A 99 6.13 10.83 -12.58
N LEU A 100 6.26 9.72 -11.89
CA LEU A 100 5.55 8.46 -12.21
C LEU A 100 4.10 8.53 -11.71
N THR A 101 3.71 9.71 -11.33
CA THR A 101 2.41 10.06 -10.83
C THR A 101 1.35 9.88 -11.93
N PHE A 102 1.76 10.04 -13.17
CA PHE A 102 0.85 9.98 -14.30
C PHE A 102 1.32 8.93 -15.27
ZN ZN B . -7.82 -5.29 2.16
ZN ZN C . 1.22 3.78 -6.44
N MET A 1 8.57 -7.15 19.79
CA MET A 1 9.72 -8.00 20.14
C MET A 1 10.83 -7.83 19.13
N ALA A 2 12.05 -8.16 19.54
CA ALA A 2 13.24 -8.09 18.71
C ALA A 2 13.54 -6.67 18.21
N HIS A 3 14.47 -6.56 17.31
CA HIS A 3 14.86 -5.29 16.73
C HIS A 3 15.02 -5.52 15.25
N HIS A 4 14.39 -6.58 14.77
CA HIS A 4 14.60 -7.07 13.42
C HIS A 4 13.58 -6.50 12.44
N HIS A 5 12.57 -5.82 12.99
CA HIS A 5 11.47 -5.19 12.22
C HIS A 5 10.47 -6.26 11.69
N HIS A 6 11.00 -7.35 11.20
CA HIS A 6 10.21 -8.44 10.68
C HIS A 6 9.61 -9.23 11.84
N HIS A 7 8.34 -9.51 11.74
CA HIS A 7 7.67 -10.28 12.75
C HIS A 7 7.95 -11.77 12.51
N HIS A 8 7.96 -12.15 11.24
CA HIS A 8 8.26 -13.52 10.87
C HIS A 8 9.34 -13.53 9.80
N ASN A 9 8.92 -13.15 8.59
CA ASN A 9 9.73 -13.16 7.37
C ASN A 9 10.21 -14.59 7.08
N GLN A 10 9.34 -15.54 7.33
CA GLN A 10 9.64 -16.93 7.02
C GLN A 10 9.27 -17.16 5.57
N GLN A 11 8.04 -16.88 5.28
CA GLN A 11 7.53 -16.89 3.93
C GLN A 11 7.50 -15.45 3.48
N ASN A 12 6.55 -14.72 4.08
CA ASN A 12 6.30 -13.31 3.84
C ASN A 12 5.89 -13.04 2.41
N LYS A 13 4.60 -13.05 2.18
CA LYS A 13 4.02 -12.82 0.86
C LYS A 13 4.49 -11.53 0.22
N LYS A 14 4.49 -10.45 0.99
CA LYS A 14 4.90 -9.14 0.50
C LYS A 14 3.94 -8.58 -0.52
N VAL A 15 4.26 -7.41 -1.00
CA VAL A 15 3.47 -6.77 -1.97
C VAL A 15 3.86 -7.37 -3.34
N GLU A 16 2.90 -7.97 -4.00
CA GLU A 16 3.19 -8.64 -5.25
C GLU A 16 3.08 -7.72 -6.44
N GLY A 17 1.89 -7.52 -6.92
CA GLY A 17 1.74 -6.65 -8.07
C GLY A 17 0.50 -5.81 -7.99
N GLY A 18 -0.26 -6.01 -6.95
CA GLY A 18 -1.46 -5.26 -6.81
C GLY A 18 -1.43 -4.36 -5.62
N TYR A 19 -2.54 -4.21 -4.99
CA TYR A 19 -2.64 -3.30 -3.89
C TYR A 19 -2.86 -4.10 -2.66
N GLU A 20 -1.85 -4.14 -1.86
CA GLU A 20 -1.87 -4.83 -0.63
C GLU A 20 -2.39 -3.90 0.39
N CYS A 21 -3.32 -4.35 1.12
CA CYS A 21 -3.88 -3.57 2.18
C CYS A 21 -3.00 -3.63 3.43
N LYS A 22 -3.05 -2.57 4.19
CA LYS A 22 -2.43 -2.51 5.49
C LYS A 22 -3.23 -3.37 6.47
N TYR A 23 -4.53 -3.43 6.25
CA TYR A 23 -5.41 -4.02 7.20
C TYR A 23 -5.85 -5.43 6.80
N CYS A 24 -5.25 -5.97 5.76
CA CYS A 24 -5.53 -7.33 5.35
C CYS A 24 -4.42 -7.81 4.47
N THR A 25 -4.20 -9.08 4.42
CA THR A 25 -3.17 -9.65 3.59
C THR A 25 -3.77 -9.97 2.20
N PHE A 26 -5.03 -9.57 2.01
CA PHE A 26 -5.72 -9.77 0.76
C PHE A 26 -5.41 -8.62 -0.18
N GLN A 27 -4.63 -8.93 -1.18
CA GLN A 27 -4.17 -7.98 -2.14
C GLN A 27 -4.82 -8.21 -3.49
N THR A 28 -5.07 -7.15 -4.20
CA THR A 28 -5.63 -7.24 -5.53
C THR A 28 -5.09 -6.09 -6.36
N PRO A 29 -4.66 -6.38 -7.60
CA PRO A 29 -4.20 -5.35 -8.54
C PRO A 29 -5.33 -4.56 -9.15
N ASP A 30 -6.54 -4.88 -8.79
CA ASP A 30 -7.68 -4.18 -9.30
C ASP A 30 -8.04 -3.13 -8.31
N LEU A 31 -8.06 -1.91 -8.73
CA LEU A 31 -8.41 -0.83 -7.86
C LEU A 31 -9.88 -0.97 -7.44
N ASN A 32 -10.75 -1.36 -8.39
CA ASN A 32 -12.16 -1.49 -8.13
C ASN A 32 -12.36 -2.53 -7.05
N MET A 33 -11.67 -3.65 -7.20
CA MET A 33 -11.78 -4.74 -6.23
C MET A 33 -11.13 -4.36 -4.95
N PHE A 34 -10.05 -3.61 -5.06
CA PHE A 34 -9.35 -3.13 -3.89
C PHE A 34 -10.25 -2.24 -3.06
N THR A 35 -10.80 -1.20 -3.65
CA THR A 35 -11.62 -0.26 -2.92
C THR A 35 -12.93 -0.89 -2.51
N PHE A 36 -13.37 -1.89 -3.25
CA PHE A 36 -14.57 -2.61 -2.93
C PHE A 36 -14.37 -3.46 -1.69
N HIS A 37 -13.33 -4.29 -1.69
CA HIS A 37 -13.11 -5.15 -0.55
C HIS A 37 -12.70 -4.32 0.66
N VAL A 38 -12.06 -3.19 0.39
CA VAL A 38 -11.67 -2.29 1.46
C VAL A 38 -12.90 -1.70 2.08
N ASP A 39 -13.76 -1.09 1.29
CA ASP A 39 -14.98 -0.42 1.80
C ASP A 39 -15.88 -1.42 2.51
N SER A 40 -15.79 -2.64 2.09
CA SER A 40 -16.59 -3.71 2.64
C SER A 40 -15.98 -4.26 3.93
N GLU A 41 -14.70 -4.53 3.93
CA GLU A 41 -14.10 -5.25 5.06
C GLU A 41 -13.36 -4.33 6.03
N HIS A 42 -12.71 -3.33 5.50
CA HIS A 42 -11.88 -2.42 6.26
C HIS A 42 -11.94 -0.99 5.69
N PRO A 43 -13.14 -0.35 5.75
CA PRO A 43 -13.37 0.97 5.14
C PRO A 43 -12.61 2.14 5.78
N ASN A 44 -12.51 2.15 7.10
CA ASN A 44 -11.88 3.27 7.80
C ASN A 44 -10.61 2.82 8.46
N VAL A 45 -10.76 2.05 9.56
CA VAL A 45 -9.65 1.48 10.34
C VAL A 45 -8.79 2.55 11.01
N VAL A 46 -8.22 2.21 12.15
CA VAL A 46 -7.37 3.14 12.81
C VAL A 46 -5.92 2.65 12.82
N LEU A 47 -5.67 1.60 13.60
CA LEU A 47 -4.34 1.00 13.75
C LEU A 47 -3.29 2.00 14.24
N ASN A 48 -2.46 2.48 13.33
CA ASN A 48 -1.33 3.36 13.63
C ASN A 48 -0.95 4.08 12.35
N SER A 49 0.25 4.63 12.29
CA SER A 49 0.69 5.28 11.10
C SER A 49 1.46 4.26 10.22
N SER A 50 1.30 4.41 8.94
CA SER A 50 1.73 3.50 7.93
C SER A 50 1.91 4.28 6.67
N TYR A 51 2.36 3.65 5.62
CA TYR A 51 2.63 4.33 4.37
C TYR A 51 1.66 3.92 3.29
N VAL A 52 1.28 4.89 2.48
CA VAL A 52 0.36 4.69 1.38
C VAL A 52 0.91 5.34 0.10
N CYS A 53 0.70 4.70 -1.02
CA CYS A 53 1.04 5.29 -2.29
C CYS A 53 -0.11 6.15 -2.63
N VAL A 54 0.02 7.44 -2.50
CA VAL A 54 -1.06 8.39 -2.78
C VAL A 54 -1.55 8.22 -4.19
N GLU A 55 -0.63 7.87 -5.05
CA GLU A 55 -0.87 7.70 -6.47
C GLU A 55 -1.90 6.61 -6.69
N CYS A 56 -1.81 5.58 -5.89
CA CYS A 56 -2.73 4.45 -5.98
C CYS A 56 -3.75 4.45 -4.83
N ASN A 57 -3.51 5.31 -3.85
CA ASN A 57 -4.25 5.36 -2.60
C ASN A 57 -4.33 3.98 -1.92
N PHE A 58 -3.18 3.35 -1.75
CA PHE A 58 -3.12 2.01 -1.21
C PHE A 58 -2.17 1.98 -0.03
N LEU A 59 -2.68 1.56 1.09
CA LEU A 59 -1.95 1.49 2.33
C LEU A 59 -1.44 0.11 2.49
N THR A 60 -0.21 -0.04 2.88
CA THR A 60 0.37 -1.34 2.99
C THR A 60 0.95 -1.59 4.37
N LYS A 61 1.22 -2.85 4.65
CA LYS A 61 1.71 -3.33 5.92
C LYS A 61 3.20 -2.97 6.14
N ARG A 62 3.86 -2.54 5.09
CA ARG A 62 5.25 -2.16 5.18
C ARG A 62 5.50 -0.91 4.39
N TYR A 63 6.46 -0.14 4.79
CA TYR A 63 6.78 1.08 4.11
C TYR A 63 7.67 0.84 2.90
N ASP A 64 8.25 -0.35 2.84
CA ASP A 64 9.08 -0.73 1.71
C ASP A 64 8.28 -0.96 0.44
N ALA A 65 7.04 -1.42 0.57
CA ALA A 65 6.14 -1.64 -0.59
C ALA A 65 5.96 -0.35 -1.42
N LEU A 66 6.13 0.77 -0.76
CA LEU A 66 6.00 2.07 -1.40
C LEU A 66 7.28 2.45 -2.08
N SER A 67 8.36 1.96 -1.55
CA SER A 67 9.67 2.25 -2.07
C SER A 67 9.84 1.45 -3.34
N GLU A 68 9.53 0.17 -3.26
CA GLU A 68 9.63 -0.74 -4.40
C GLU A 68 8.59 -0.39 -5.44
N HIS A 69 7.59 0.31 -5.00
CA HIS A 69 6.48 0.70 -5.85
C HIS A 69 6.94 1.31 -7.17
N ASN A 70 7.77 2.32 -7.14
CA ASN A 70 8.33 2.92 -8.38
C ASN A 70 9.29 1.99 -9.10
N LEU A 71 9.72 1.01 -8.41
CA LEU A 71 10.60 0.01 -8.94
C LEU A 71 9.79 -0.98 -9.80
N LYS A 72 8.71 -1.51 -9.26
CA LYS A 72 7.91 -2.53 -9.95
C LYS A 72 6.58 -2.02 -10.48
N TYR A 73 5.93 -1.22 -9.70
CA TYR A 73 4.57 -0.74 -10.00
C TYR A 73 4.61 0.50 -10.86
N HIS A 74 5.38 1.49 -10.45
CA HIS A 74 5.50 2.72 -11.23
C HIS A 74 6.95 2.93 -11.68
N PRO A 75 7.46 2.09 -12.61
CA PRO A 75 8.85 2.13 -13.04
C PRO A 75 9.21 3.29 -13.96
N GLY A 76 10.45 3.75 -13.84
CA GLY A 76 10.93 4.81 -14.67
C GLY A 76 12.05 5.59 -13.98
N GLU A 77 11.85 5.90 -12.73
CA GLU A 77 12.79 6.69 -11.94
C GLU A 77 12.58 6.41 -10.48
N GLU A 78 13.40 6.96 -9.63
CA GLU A 78 13.25 6.73 -8.22
C GLU A 78 13.26 8.04 -7.48
N ASN A 79 12.07 8.59 -7.30
CA ASN A 79 11.89 9.85 -6.58
C ASN A 79 10.51 9.87 -5.97
N PHE A 80 10.44 9.46 -4.77
CA PHE A 80 9.21 9.46 -4.02
C PHE A 80 9.30 10.50 -2.93
N LYS A 81 8.22 11.14 -2.69
CA LYS A 81 8.15 12.16 -1.68
C LYS A 81 7.24 11.64 -0.57
N LEU A 82 7.28 12.28 0.57
CA LEU A 82 6.45 11.89 1.68
C LEU A 82 5.61 13.05 2.12
N THR A 83 4.37 12.79 2.32
CA THR A 83 3.43 13.78 2.75
C THR A 83 2.46 13.09 3.68
N MET A 84 2.39 13.47 4.93
CA MET A 84 1.49 12.71 5.77
C MET A 84 0.21 13.46 5.86
N VAL A 85 -0.75 12.97 5.16
CA VAL A 85 -2.08 13.47 5.17
C VAL A 85 -3.04 12.34 4.91
N LYS A 86 -3.81 11.91 5.83
CA LYS A 86 -4.79 10.93 5.46
C LYS A 86 -6.07 11.27 6.12
N ARG A 87 -7.03 11.56 5.32
CA ARG A 87 -8.27 12.05 5.80
C ARG A 87 -9.33 11.04 5.42
N ASN A 88 -10.38 10.94 6.26
CA ASN A 88 -11.48 9.96 6.07
C ASN A 88 -11.01 8.55 6.35
N ASN A 89 -9.83 8.46 6.88
CA ASN A 89 -9.14 7.23 7.23
C ASN A 89 -8.31 7.58 8.45
N GLN A 90 -7.24 6.87 8.68
CA GLN A 90 -6.38 7.12 9.79
C GLN A 90 -5.27 8.00 9.31
N THR A 91 -4.48 8.54 10.18
CA THR A 91 -3.43 9.40 9.75
C THR A 91 -2.14 8.62 9.56
N ILE A 92 -1.80 8.51 8.31
CA ILE A 92 -0.75 7.71 7.75
C ILE A 92 0.01 8.53 6.71
N PHE A 93 1.24 8.17 6.45
CA PHE A 93 2.11 8.95 5.59
C PHE A 93 1.92 8.51 4.15
N GLU A 94 1.63 9.46 3.30
CA GLU A 94 1.41 9.19 1.92
C GLU A 94 2.69 9.44 1.17
N GLN A 95 2.98 8.62 0.20
CA GLN A 95 4.19 8.73 -0.55
C GLN A 95 3.83 8.95 -2.02
N THR A 96 4.15 10.13 -2.55
CA THR A 96 3.80 10.51 -3.94
C THR A 96 5.05 10.65 -4.80
N ILE A 97 4.90 10.56 -6.08
CA ILE A 97 6.01 10.68 -7.01
C ILE A 97 5.87 11.98 -7.79
N ASN A 98 6.96 12.48 -8.25
CA ASN A 98 7.03 13.72 -9.00
C ASN A 98 7.11 13.46 -10.50
N ASP A 99 6.81 12.24 -10.90
CA ASP A 99 6.97 11.84 -12.30
C ASP A 99 6.06 10.69 -12.63
N LEU A 100 6.26 9.62 -11.91
CA LEU A 100 5.56 8.35 -12.08
C LEU A 100 4.20 8.40 -11.38
N THR A 101 3.75 9.61 -11.16
CA THR A 101 2.52 9.99 -10.50
C THR A 101 1.29 9.26 -11.11
N PHE A 102 1.38 8.96 -12.38
CA PHE A 102 0.37 8.20 -13.10
C PHE A 102 0.14 6.82 -12.46
ZN ZN B . -7.50 -5.65 1.63
ZN ZN C . 1.25 3.83 -6.76
N MET A 1 -9.92 -28.63 8.30
CA MET A 1 -9.21 -27.44 7.81
C MET A 1 -9.07 -26.46 8.94
N ALA A 2 -7.85 -26.11 9.23
CA ALA A 2 -7.57 -25.18 10.27
C ALA A 2 -6.71 -24.07 9.71
N HIS A 3 -7.33 -22.94 9.42
CA HIS A 3 -6.60 -21.84 8.88
C HIS A 3 -5.92 -21.05 9.97
N HIS A 4 -4.68 -21.36 10.17
CA HIS A 4 -3.84 -20.77 11.21
C HIS A 4 -3.53 -19.29 10.95
N HIS A 5 -4.10 -18.73 9.90
CA HIS A 5 -3.82 -17.35 9.51
C HIS A 5 -4.40 -16.36 10.51
N HIS A 6 -5.45 -16.77 11.22
CA HIS A 6 -6.06 -15.92 12.22
C HIS A 6 -5.33 -16.03 13.56
N HIS A 7 -4.62 -17.13 13.74
CA HIS A 7 -3.93 -17.36 14.97
C HIS A 7 -2.46 -17.04 14.77
N HIS A 8 -2.06 -15.89 15.28
CA HIS A 8 -0.72 -15.34 15.10
C HIS A 8 -0.50 -14.96 13.65
N ASN A 9 -0.98 -13.82 13.27
CA ASN A 9 -0.83 -13.34 11.92
C ASN A 9 0.38 -12.43 11.86
N GLN A 10 1.52 -13.03 11.69
CA GLN A 10 2.77 -12.31 11.67
C GLN A 10 3.45 -12.52 10.31
N GLN A 11 2.89 -13.40 9.51
CA GLN A 11 3.43 -13.70 8.22
C GLN A 11 3.08 -12.61 7.22
N ASN A 12 3.99 -11.70 7.05
CA ASN A 12 3.85 -10.67 6.06
C ASN A 12 4.31 -11.24 4.75
N LYS A 13 3.34 -11.68 3.94
CA LYS A 13 3.59 -12.35 2.67
C LYS A 13 4.51 -11.59 1.73
N LYS A 14 4.51 -10.26 1.87
CA LYS A 14 5.28 -9.32 1.07
C LYS A 14 4.52 -9.02 -0.24
N VAL A 15 4.24 -7.74 -0.42
CA VAL A 15 3.55 -7.19 -1.58
C VAL A 15 4.15 -7.73 -2.92
N GLU A 16 3.30 -8.26 -3.77
CA GLU A 16 3.74 -8.86 -5.02
C GLU A 16 3.67 -7.86 -6.16
N GLY A 17 2.49 -7.61 -6.66
CA GLY A 17 2.37 -6.67 -7.76
C GLY A 17 1.08 -5.88 -7.75
N GLY A 18 0.26 -6.17 -6.77
CA GLY A 18 -0.99 -5.49 -6.64
C GLY A 18 -1.05 -4.67 -5.38
N TYR A 19 -2.22 -4.40 -4.91
CA TYR A 19 -2.38 -3.55 -3.76
C TYR A 19 -2.62 -4.38 -2.53
N GLU A 20 -1.62 -4.38 -1.68
CA GLU A 20 -1.66 -5.06 -0.40
C GLU A 20 -2.37 -4.18 0.59
N CYS A 21 -3.44 -4.68 1.13
CA CYS A 21 -4.13 -3.98 2.21
C CYS A 21 -3.22 -3.84 3.45
N LYS A 22 -3.30 -2.71 4.13
CA LYS A 22 -2.64 -2.55 5.41
C LYS A 22 -3.47 -3.25 6.49
N TYR A 23 -4.70 -3.54 6.12
CA TYR A 23 -5.73 -3.93 7.07
C TYR A 23 -5.81 -5.42 7.21
N CYS A 24 -5.41 -6.06 6.17
CA CYS A 24 -5.51 -7.48 6.06
C CYS A 24 -4.39 -7.96 5.19
N THR A 25 -3.96 -9.18 5.36
CA THR A 25 -2.91 -9.69 4.53
C THR A 25 -3.51 -10.26 3.24
N PHE A 26 -3.94 -9.35 2.40
CA PHE A 26 -4.56 -9.66 1.15
C PHE A 26 -4.21 -8.59 0.16
N GLN A 27 -3.98 -8.99 -1.05
CA GLN A 27 -3.63 -8.12 -2.10
C GLN A 27 -4.42 -8.42 -3.35
N THR A 28 -4.74 -7.39 -4.06
CA THR A 28 -5.38 -7.49 -5.34
C THR A 28 -4.80 -6.40 -6.25
N PRO A 29 -4.25 -6.79 -7.40
CA PRO A 29 -3.75 -5.84 -8.41
C PRO A 29 -4.85 -5.07 -9.14
N ASP A 30 -6.08 -5.43 -8.88
CA ASP A 30 -7.19 -4.71 -9.44
C ASP A 30 -7.61 -3.65 -8.47
N LEU A 31 -7.46 -2.39 -8.87
CA LEU A 31 -7.82 -1.25 -8.06
C LEU A 31 -9.31 -1.34 -7.74
N ASN A 32 -10.11 -1.74 -8.74
CA ASN A 32 -11.55 -1.85 -8.62
C ASN A 32 -11.87 -2.80 -7.49
N MET A 33 -11.15 -3.89 -7.43
CA MET A 33 -11.38 -4.88 -6.41
C MET A 33 -10.82 -4.41 -5.11
N PHE A 34 -9.70 -3.72 -5.18
CA PHE A 34 -9.06 -3.19 -4.00
C PHE A 34 -9.97 -2.20 -3.30
N THR A 35 -10.43 -1.19 -4.02
CA THR A 35 -11.26 -0.18 -3.42
C THR A 35 -12.61 -0.76 -3.01
N PHE A 36 -13.05 -1.77 -3.72
CA PHE A 36 -14.27 -2.47 -3.38
C PHE A 36 -14.09 -3.23 -2.07
N HIS A 37 -13.08 -4.07 -2.03
CA HIS A 37 -12.73 -4.85 -0.86
C HIS A 37 -12.44 -3.94 0.33
N VAL A 38 -11.92 -2.79 0.06
CA VAL A 38 -11.67 -1.82 1.08
C VAL A 38 -12.97 -1.21 1.53
N ASP A 39 -13.74 -0.65 0.61
CA ASP A 39 -14.97 0.06 0.97
C ASP A 39 -15.97 -0.87 1.64
N SER A 40 -15.87 -2.12 1.30
CA SER A 40 -16.74 -3.13 1.84
C SER A 40 -16.23 -3.65 3.19
N GLU A 41 -14.97 -4.02 3.26
CA GLU A 41 -14.49 -4.74 4.43
C GLU A 41 -13.79 -3.83 5.45
N HIS A 42 -13.11 -2.82 4.95
CA HIS A 42 -12.34 -1.89 5.81
C HIS A 42 -12.45 -0.47 5.26
N PRO A 43 -13.68 0.14 5.25
CA PRO A 43 -13.90 1.45 4.61
C PRO A 43 -13.10 2.57 5.27
N ASN A 44 -13.09 2.56 6.57
CA ASN A 44 -12.31 3.49 7.33
C ASN A 44 -11.80 2.80 8.55
N VAL A 45 -10.55 2.94 8.82
CA VAL A 45 -9.90 2.25 9.93
C VAL A 45 -9.04 3.19 10.68
N VAL A 46 -8.40 2.69 11.70
CA VAL A 46 -7.51 3.47 12.48
C VAL A 46 -6.26 2.59 12.75
N LEU A 47 -5.16 3.17 13.24
CA LEU A 47 -3.96 2.42 13.61
C LEU A 47 -2.97 3.32 14.33
N ASN A 48 -2.03 3.91 13.57
CA ASN A 48 -1.02 4.83 14.08
C ASN A 48 -0.13 5.31 12.93
N SER A 49 0.74 4.46 12.44
CA SER A 49 1.64 4.84 11.37
C SER A 49 1.67 3.80 10.26
N SER A 50 1.60 4.25 9.04
CA SER A 50 1.69 3.42 7.87
C SER A 50 1.91 4.35 6.70
N TYR A 51 2.12 3.79 5.55
CA TYR A 51 2.39 4.53 4.36
C TYR A 51 1.39 4.15 3.29
N VAL A 52 1.02 5.11 2.49
CA VAL A 52 0.07 4.89 1.45
C VAL A 52 0.59 5.52 0.16
N CYS A 53 0.46 4.82 -0.94
CA CYS A 53 0.82 5.39 -2.22
C CYS A 53 -0.33 6.24 -2.59
N VAL A 54 -0.20 7.54 -2.44
CA VAL A 54 -1.29 8.49 -2.74
C VAL A 54 -1.79 8.30 -4.15
N GLU A 55 -0.86 7.93 -5.02
CA GLU A 55 -1.12 7.71 -6.42
C GLU A 55 -2.17 6.63 -6.60
N CYS A 56 -2.07 5.60 -5.78
CA CYS A 56 -3.03 4.48 -5.85
C CYS A 56 -4.05 4.56 -4.71
N ASN A 57 -3.73 5.41 -3.75
CA ASN A 57 -4.43 5.58 -2.48
C ASN A 57 -4.51 4.23 -1.77
N PHE A 58 -3.38 3.54 -1.72
CA PHE A 58 -3.36 2.21 -1.19
C PHE A 58 -2.44 2.13 0.01
N LEU A 59 -2.98 1.68 1.11
CA LEU A 59 -2.25 1.56 2.35
C LEU A 59 -1.74 0.16 2.47
N THR A 60 -0.50 0.01 2.83
CA THR A 60 0.16 -1.27 2.94
C THR A 60 0.70 -1.46 4.34
N LYS A 61 0.97 -2.69 4.73
CA LYS A 61 1.44 -2.92 6.06
C LYS A 61 2.96 -3.10 6.08
N ARG A 62 3.59 -2.74 4.97
CA ARG A 62 5.04 -2.74 4.88
C ARG A 62 5.53 -1.54 4.10
N TYR A 63 6.62 -0.95 4.56
CA TYR A 63 7.20 0.24 3.94
C TYR A 63 7.73 -0.08 2.53
N ASP A 64 8.08 -1.36 2.32
CA ASP A 64 8.67 -1.85 1.08
C ASP A 64 7.78 -1.56 -0.07
N ALA A 65 6.51 -1.79 0.12
CA ALA A 65 5.55 -1.70 -0.95
C ALA A 65 5.50 -0.34 -1.60
N LEU A 66 5.88 0.67 -0.85
CA LEU A 66 5.95 2.03 -1.36
C LEU A 66 7.27 2.31 -2.06
N SER A 67 8.30 1.72 -1.54
CA SER A 67 9.65 1.92 -2.03
C SER A 67 9.86 1.19 -3.31
N GLU A 68 9.42 -0.02 -3.36
CA GLU A 68 9.51 -0.81 -4.53
C GLU A 68 8.44 -0.41 -5.49
N HIS A 69 7.43 0.24 -4.98
CA HIS A 69 6.26 0.65 -5.76
C HIS A 69 6.67 1.27 -7.12
N ASN A 70 7.41 2.31 -7.10
CA ASN A 70 7.93 2.97 -8.33
C ASN A 70 8.95 2.11 -9.09
N LEU A 71 9.46 1.15 -8.42
CA LEU A 71 10.37 0.22 -8.99
C LEU A 71 9.59 -0.82 -9.85
N LYS A 72 8.59 -1.45 -9.27
CA LYS A 72 7.83 -2.53 -9.91
C LYS A 72 6.41 -2.11 -10.33
N TYR A 73 5.77 -1.37 -9.50
CA TYR A 73 4.36 -0.95 -9.66
C TYR A 73 4.24 0.28 -10.56
N HIS A 74 4.98 1.35 -10.25
CA HIS A 74 5.01 2.58 -11.09
C HIS A 74 6.43 2.78 -11.65
N PRO A 75 6.88 1.94 -12.59
CA PRO A 75 8.26 1.97 -13.10
C PRO A 75 8.60 3.15 -14.02
N GLY A 76 9.87 3.54 -13.96
CA GLY A 76 10.38 4.62 -14.77
C GLY A 76 11.56 5.30 -14.10
N GLU A 77 11.37 5.64 -12.85
CA GLU A 77 12.36 6.35 -12.05
C GLU A 77 12.13 6.00 -10.59
N GLU A 78 12.97 6.47 -9.70
CA GLU A 78 12.76 6.21 -8.31
C GLU A 78 12.89 7.49 -7.52
N ASN A 79 11.78 8.18 -7.33
CA ASN A 79 11.73 9.43 -6.60
C ASN A 79 10.36 9.60 -5.99
N PHE A 80 10.24 9.18 -4.77
CA PHE A 80 9.01 9.32 -4.03
C PHE A 80 9.15 10.41 -3.00
N LYS A 81 8.08 11.10 -2.73
CA LYS A 81 8.05 12.17 -1.75
C LYS A 81 7.15 11.67 -0.61
N LEU A 82 7.17 12.30 0.54
CA LEU A 82 6.35 11.84 1.63
C LEU A 82 5.58 12.99 2.23
N THR A 83 4.30 12.83 2.27
CA THR A 83 3.41 13.82 2.79
C THR A 83 2.45 13.12 3.74
N MET A 84 2.33 13.55 4.96
CA MET A 84 1.44 12.82 5.82
C MET A 84 0.16 13.58 5.92
N VAL A 85 -0.84 13.10 5.23
CA VAL A 85 -2.17 13.62 5.28
C VAL A 85 -3.18 12.50 5.04
N LYS A 86 -3.87 12.07 6.02
CA LYS A 86 -4.87 11.06 5.76
C LYS A 86 -6.05 11.38 6.59
N ARG A 87 -7.16 11.55 5.99
CA ARG A 87 -8.32 11.92 6.70
C ARG A 87 -9.31 10.79 6.63
N ASN A 88 -10.33 10.82 7.50
CA ASN A 88 -11.42 9.80 7.57
C ASN A 88 -10.94 8.47 8.17
N ASN A 89 -9.64 8.31 8.33
CA ASN A 89 -9.09 7.03 8.76
C ASN A 89 -8.14 7.22 9.93
N GLN A 90 -6.90 7.41 9.60
CA GLN A 90 -5.85 7.60 10.54
C GLN A 90 -4.87 8.45 9.85
N THR A 91 -3.99 9.04 10.56
CA THR A 91 -3.00 9.85 9.92
C THR A 91 -1.74 9.04 9.65
N ILE A 92 -1.55 8.81 8.39
CA ILE A 92 -0.54 7.97 7.80
C ILE A 92 0.19 8.71 6.71
N PHE A 93 1.38 8.30 6.43
CA PHE A 93 2.24 9.04 5.55
C PHE A 93 1.97 8.59 4.13
N GLU A 94 1.58 9.53 3.32
CA GLU A 94 1.28 9.26 1.98
C GLU A 94 2.53 9.52 1.18
N GLN A 95 2.77 8.73 0.22
CA GLN A 95 3.97 8.83 -0.54
C GLN A 95 3.59 9.02 -2.01
N THR A 96 3.91 10.19 -2.55
CA THR A 96 3.58 10.52 -3.94
C THR A 96 4.85 10.65 -4.76
N ILE A 97 4.72 10.54 -6.03
CA ILE A 97 5.84 10.61 -6.93
C ILE A 97 5.86 11.98 -7.59
N ASN A 98 6.99 12.38 -8.03
CA ASN A 98 7.16 13.65 -8.71
C ASN A 98 7.20 13.44 -10.24
N ASP A 99 6.82 12.26 -10.70
CA ASP A 99 6.96 11.92 -12.13
C ASP A 99 5.99 10.84 -12.56
N LEU A 100 6.05 9.72 -11.88
CA LEU A 100 5.30 8.48 -12.21
C LEU A 100 3.85 8.60 -11.74
N THR A 101 3.47 9.80 -11.43
CA THR A 101 2.17 10.18 -10.95
C THR A 101 1.12 10.09 -12.09
N PHE A 102 1.61 10.15 -13.31
CA PHE A 102 0.74 10.14 -14.48
C PHE A 102 0.48 8.70 -14.93
ZN ZN B . -7.92 -6.11 2.45
ZN ZN C . 0.92 3.78 -6.64
N MET A 1 14.48 -1.73 28.80
CA MET A 1 14.70 -1.80 27.37
C MET A 1 13.38 -1.78 26.63
N ALA A 2 13.41 -1.33 25.39
CA ALA A 2 12.22 -1.30 24.58
C ALA A 2 12.20 -2.52 23.69
N HIS A 3 11.30 -3.42 23.97
CA HIS A 3 11.23 -4.66 23.25
C HIS A 3 10.37 -4.50 22.00
N HIS A 4 10.90 -4.90 20.86
CA HIS A 4 10.16 -4.82 19.62
C HIS A 4 9.99 -6.21 19.04
N HIS A 5 9.18 -6.34 18.03
CA HIS A 5 8.95 -7.61 17.38
C HIS A 5 9.66 -7.60 16.04
N HIS A 6 10.03 -8.78 15.58
CA HIS A 6 10.75 -8.94 14.31
C HIS A 6 9.99 -8.36 13.12
N HIS A 7 10.62 -7.42 12.43
CA HIS A 7 10.01 -6.77 11.27
C HIS A 7 10.42 -7.47 9.99
N HIS A 8 11.58 -8.13 10.04
CA HIS A 8 12.13 -8.81 8.88
C HIS A 8 11.25 -9.99 8.51
N ASN A 9 11.09 -10.91 9.45
CA ASN A 9 10.15 -11.98 9.23
C ASN A 9 8.78 -11.42 9.46
N GLN A 10 8.15 -11.13 8.39
CA GLN A 10 6.89 -10.51 8.39
C GLN A 10 5.91 -11.42 7.67
N GLN A 11 6.09 -11.52 6.37
CA GLN A 11 5.34 -12.42 5.52
C GLN A 11 6.31 -12.86 4.46
N ASN A 12 6.29 -14.12 4.14
CA ASN A 12 7.28 -14.70 3.24
C ASN A 12 7.17 -14.17 1.81
N LYS A 13 5.95 -13.97 1.32
CA LYS A 13 5.76 -13.56 -0.07
C LYS A 13 6.08 -12.10 -0.31
N LYS A 14 5.98 -11.27 0.74
CA LYS A 14 6.13 -9.80 0.60
C LYS A 14 4.99 -9.24 -0.26
N VAL A 15 5.15 -8.04 -0.74
CA VAL A 15 4.14 -7.44 -1.56
C VAL A 15 4.36 -7.97 -3.01
N GLU A 16 3.32 -8.43 -3.65
CA GLU A 16 3.49 -9.05 -4.96
C GLU A 16 3.37 -8.04 -6.09
N GLY A 17 2.16 -7.84 -6.60
CA GLY A 17 2.02 -6.89 -7.70
C GLY A 17 0.74 -6.13 -7.64
N GLY A 18 0.07 -6.22 -6.54
CA GLY A 18 -1.15 -5.51 -6.38
C GLY A 18 -1.16 -4.63 -5.18
N TYR A 19 -2.31 -4.29 -4.73
CA TYR A 19 -2.42 -3.42 -3.60
C TYR A 19 -2.75 -4.24 -2.40
N GLU A 20 -1.81 -4.31 -1.51
CA GLU A 20 -1.97 -5.06 -0.29
C GLU A 20 -2.29 -4.11 0.82
N CYS A 21 -3.39 -4.34 1.45
CA CYS A 21 -3.82 -3.54 2.55
C CYS A 21 -2.91 -3.74 3.78
N LYS A 22 -2.72 -2.69 4.51
CA LYS A 22 -2.05 -2.69 5.79
C LYS A 22 -2.84 -3.54 6.80
N TYR A 23 -4.11 -3.69 6.54
CA TYR A 23 -5.04 -4.30 7.45
C TYR A 23 -5.49 -5.69 6.99
N CYS A 24 -4.87 -6.22 5.94
CA CYS A 24 -5.18 -7.56 5.49
C CYS A 24 -4.04 -8.11 4.66
N THR A 25 -4.18 -9.30 4.16
CA THR A 25 -3.22 -9.84 3.24
C THR A 25 -3.95 -10.17 1.91
N PHE A 26 -5.16 -9.64 1.78
CA PHE A 26 -5.88 -9.77 0.56
C PHE A 26 -5.45 -8.64 -0.34
N GLN A 27 -4.65 -8.99 -1.28
CA GLN A 27 -4.09 -8.06 -2.19
C GLN A 27 -4.68 -8.25 -3.56
N THR A 28 -4.85 -7.17 -4.25
CA THR A 28 -5.35 -7.21 -5.58
C THR A 28 -4.78 -6.05 -6.37
N PRO A 29 -4.22 -6.32 -7.55
CA PRO A 29 -3.72 -5.28 -8.47
C PRO A 29 -4.83 -4.50 -9.14
N ASP A 30 -6.05 -4.91 -8.90
CA ASP A 30 -7.19 -4.21 -9.41
C ASP A 30 -7.60 -3.22 -8.36
N LEU A 31 -7.37 -1.95 -8.65
CA LEU A 31 -7.72 -0.87 -7.78
C LEU A 31 -9.19 -0.96 -7.41
N ASN A 32 -10.03 -1.29 -8.40
CA ASN A 32 -11.44 -1.42 -8.21
C ASN A 32 -11.73 -2.44 -7.14
N MET A 33 -11.07 -3.58 -7.22
CA MET A 33 -11.29 -4.66 -6.27
C MET A 33 -10.68 -4.30 -4.95
N PHE A 34 -9.61 -3.52 -5.01
CA PHE A 34 -8.96 -3.07 -3.82
C PHE A 34 -9.87 -2.13 -3.05
N THR A 35 -10.33 -1.08 -3.69
CA THR A 35 -11.17 -0.12 -3.03
C THR A 35 -12.54 -0.71 -2.72
N PHE A 36 -12.94 -1.69 -3.51
CA PHE A 36 -14.18 -2.39 -3.26
C PHE A 36 -14.08 -3.15 -1.96
N HIS A 37 -13.05 -3.97 -1.82
CA HIS A 37 -12.91 -4.75 -0.62
C HIS A 37 -12.55 -3.85 0.55
N VAL A 38 -11.88 -2.75 0.28
CA VAL A 38 -11.54 -1.80 1.30
C VAL A 38 -12.80 -1.14 1.82
N ASP A 39 -13.61 -0.59 0.96
CA ASP A 39 -14.81 0.13 1.41
C ASP A 39 -15.80 -0.83 2.08
N SER A 40 -15.70 -2.08 1.69
CA SER A 40 -16.58 -3.08 2.21
C SER A 40 -16.01 -3.71 3.51
N GLU A 41 -14.75 -4.06 3.52
CA GLU A 41 -14.20 -4.83 4.62
C GLU A 41 -13.36 -3.98 5.57
N HIS A 42 -12.85 -2.87 5.08
CA HIS A 42 -12.02 -1.98 5.92
C HIS A 42 -12.44 -0.51 5.69
N PRO A 43 -13.73 -0.17 5.88
CA PRO A 43 -14.25 1.16 5.56
C PRO A 43 -13.59 2.29 6.38
N ASN A 44 -13.42 2.05 7.65
CA ASN A 44 -12.78 3.01 8.52
C ASN A 44 -11.66 2.33 9.24
N VAL A 45 -10.46 2.72 8.92
CA VAL A 45 -9.30 2.12 9.54
C VAL A 45 -8.49 3.12 10.30
N VAL A 46 -8.22 2.78 11.53
CA VAL A 46 -7.37 3.57 12.38
C VAL A 46 -6.48 2.61 13.14
N LEU A 47 -5.25 2.46 12.70
CA LEU A 47 -4.34 1.54 13.35
C LEU A 47 -3.17 2.26 14.05
N ASN A 48 -2.23 2.78 13.28
CA ASN A 48 -0.99 3.39 13.81
C ASN A 48 -0.35 4.17 12.64
N SER A 49 0.94 4.37 12.65
CA SER A 49 1.61 5.09 11.60
C SER A 49 2.08 4.08 10.55
N SER A 50 1.83 4.39 9.30
CA SER A 50 2.07 3.52 8.21
C SER A 50 2.22 4.35 6.95
N TYR A 51 2.54 3.71 5.84
CA TYR A 51 2.76 4.37 4.58
C TYR A 51 1.77 3.92 3.54
N VAL A 52 1.32 4.86 2.76
CA VAL A 52 0.36 4.62 1.71
C VAL A 52 0.85 5.25 0.40
N CYS A 53 0.65 4.58 -0.68
CA CYS A 53 0.95 5.13 -1.98
C CYS A 53 -0.23 5.95 -2.34
N VAL A 54 -0.12 7.26 -2.28
CA VAL A 54 -1.23 8.16 -2.60
C VAL A 54 -1.73 7.91 -3.99
N GLU A 55 -0.80 7.54 -4.85
CA GLU A 55 -1.07 7.25 -6.26
C GLU A 55 -2.14 6.18 -6.35
N CYS A 56 -2.01 5.20 -5.51
CA CYS A 56 -2.95 4.08 -5.53
C CYS A 56 -3.93 4.16 -4.36
N ASN A 57 -3.64 5.05 -3.42
CA ASN A 57 -4.33 5.16 -2.14
C ASN A 57 -4.36 3.82 -1.42
N PHE A 58 -3.18 3.21 -1.28
CA PHE A 58 -3.10 1.88 -0.71
C PHE A 58 -2.12 1.87 0.43
N LEU A 59 -2.60 1.48 1.57
CA LEU A 59 -1.80 1.41 2.77
C LEU A 59 -1.30 0.04 2.82
N THR A 60 -0.07 -0.11 3.12
CA THR A 60 0.50 -1.40 3.08
C THR A 60 1.18 -1.74 4.38
N LYS A 61 1.38 -3.02 4.59
CA LYS A 61 1.89 -3.54 5.83
C LYS A 61 3.44 -3.40 6.00
N ARG A 62 4.13 -2.79 5.03
CA ARG A 62 5.56 -2.50 5.20
C ARG A 62 5.99 -1.34 4.32
N TYR A 63 7.07 -0.67 4.71
CA TYR A 63 7.59 0.51 4.02
C TYR A 63 8.15 0.16 2.66
N ASP A 64 8.68 -1.05 2.55
CA ASP A 64 9.26 -1.57 1.29
C ASP A 64 8.32 -1.43 0.13
N ALA A 65 7.05 -1.75 0.34
CA ALA A 65 6.07 -1.81 -0.74
C ALA A 65 5.89 -0.46 -1.44
N LEU A 66 6.19 0.60 -0.74
CA LEU A 66 6.11 1.95 -1.30
C LEU A 66 7.38 2.30 -2.04
N SER A 67 8.47 1.81 -1.54
CA SER A 67 9.77 2.08 -2.10
C SER A 67 9.94 1.35 -3.41
N GLU A 68 9.63 0.08 -3.37
CA GLU A 68 9.71 -0.79 -4.50
C GLU A 68 8.57 -0.51 -5.45
N HIS A 69 7.56 0.15 -4.92
CA HIS A 69 6.37 0.50 -5.68
C HIS A 69 6.72 1.12 -7.05
N ASN A 70 7.47 2.18 -7.09
CA ASN A 70 7.90 2.80 -8.38
C ASN A 70 8.84 1.88 -9.17
N LEU A 71 9.38 0.91 -8.52
CA LEU A 71 10.24 -0.05 -9.13
C LEU A 71 9.41 -1.07 -9.93
N LYS A 72 8.43 -1.65 -9.28
CA LYS A 72 7.62 -2.70 -9.90
C LYS A 72 6.22 -2.27 -10.30
N TYR A 73 5.64 -1.45 -9.50
CA TYR A 73 4.25 -0.98 -9.69
C TYR A 73 4.17 0.28 -10.55
N HIS A 74 4.95 1.29 -10.23
CA HIS A 74 4.99 2.53 -11.05
C HIS A 74 6.39 2.73 -11.64
N PRO A 75 6.82 1.88 -12.58
CA PRO A 75 8.21 1.89 -13.11
C PRO A 75 8.54 3.07 -14.00
N GLY A 76 9.81 3.46 -13.95
CA GLY A 76 10.30 4.54 -14.75
C GLY A 76 11.48 5.21 -14.08
N GLU A 77 11.33 5.51 -12.82
CA GLU A 77 12.34 6.21 -12.03
C GLU A 77 12.10 5.91 -10.58
N GLU A 78 12.96 6.39 -9.71
CA GLU A 78 12.79 6.15 -8.31
C GLU A 78 12.86 7.46 -7.57
N ASN A 79 11.71 8.08 -7.37
CA ASN A 79 11.61 9.40 -6.71
C ASN A 79 10.24 9.55 -6.09
N PHE A 80 10.14 9.24 -4.84
CA PHE A 80 8.92 9.37 -4.09
C PHE A 80 9.04 10.47 -3.04
N LYS A 81 7.93 11.10 -2.75
CA LYS A 81 7.86 12.17 -1.78
C LYS A 81 6.96 11.69 -0.63
N LEU A 82 7.00 12.35 0.49
CA LEU A 82 6.18 11.96 1.61
C LEU A 82 5.30 13.11 2.06
N THR A 83 4.05 12.83 2.25
CA THR A 83 3.10 13.80 2.69
C THR A 83 2.11 13.11 3.65
N MET A 84 2.06 13.50 4.90
CA MET A 84 1.14 12.79 5.76
C MET A 84 -0.13 13.52 5.81
N VAL A 85 -1.09 12.98 5.15
CA VAL A 85 -2.45 13.45 5.15
C VAL A 85 -3.35 12.25 4.95
N LYS A 86 -4.09 11.83 5.92
CA LYS A 86 -4.99 10.74 5.65
C LYS A 86 -6.30 11.01 6.28
N ARG A 87 -7.26 11.26 5.48
CA ARG A 87 -8.52 11.70 5.94
C ARG A 87 -9.51 10.56 5.84
N ASN A 88 -10.47 10.50 6.76
CA ASN A 88 -11.52 9.41 6.87
C ASN A 88 -10.88 8.12 7.37
N ASN A 89 -9.64 8.23 7.79
CA ASN A 89 -8.84 7.12 8.27
C ASN A 89 -7.95 7.68 9.35
N GLN A 90 -6.81 7.07 9.58
CA GLN A 90 -5.86 7.54 10.54
C GLN A 90 -4.88 8.38 9.80
N THR A 91 -4.08 9.13 10.48
CA THR A 91 -3.13 9.94 9.81
C THR A 91 -1.80 9.19 9.68
N ILE A 92 -1.57 8.85 8.45
CA ILE A 92 -0.51 8.02 7.95
C ILE A 92 0.17 8.73 6.80
N PHE A 93 1.39 8.40 6.52
CA PHE A 93 2.16 9.15 5.58
C PHE A 93 1.93 8.61 4.20
N GLU A 94 1.50 9.48 3.32
CA GLU A 94 1.22 9.16 1.99
C GLU A 94 2.46 9.46 1.18
N GLN A 95 2.77 8.61 0.27
CA GLN A 95 3.96 8.75 -0.50
C GLN A 95 3.58 8.89 -1.98
N THR A 96 3.84 10.06 -2.55
CA THR A 96 3.49 10.34 -3.95
C THR A 96 4.74 10.49 -4.78
N ILE A 97 4.60 10.39 -6.04
CA ILE A 97 5.70 10.52 -6.95
C ILE A 97 5.65 11.90 -7.57
N ASN A 98 6.76 12.36 -8.02
CA ASN A 98 6.85 13.64 -8.67
C ASN A 98 6.80 13.49 -10.19
N ASP A 99 6.47 12.28 -10.67
CA ASP A 99 6.51 12.05 -12.12
C ASP A 99 5.68 10.86 -12.54
N LEU A 100 5.86 9.71 -11.86
CA LEU A 100 5.22 8.43 -12.21
C LEU A 100 3.74 8.45 -11.83
N THR A 101 3.34 9.60 -11.37
CA THR A 101 2.02 9.95 -10.97
C THR A 101 1.09 9.99 -12.18
N PHE A 102 1.68 10.20 -13.33
CA PHE A 102 0.92 10.34 -14.55
C PHE A 102 1.08 9.12 -15.41
ZN ZN B . -7.50 -5.53 2.07
ZN ZN C . 1.02 3.44 -6.35
N MET A 1 19.19 8.93 0.45
CA MET A 1 18.27 7.82 0.71
C MET A 1 18.84 6.52 0.19
N ALA A 2 18.36 5.43 0.75
CA ALA A 2 18.68 4.06 0.35
C ALA A 2 20.16 3.74 0.26
N HIS A 3 20.76 3.51 1.41
CA HIS A 3 22.13 3.00 1.46
C HIS A 3 22.02 1.50 1.50
N HIS A 4 20.88 1.07 1.95
CA HIS A 4 20.49 -0.28 1.94
C HIS A 4 19.36 -0.36 0.95
N HIS A 5 19.48 -1.21 -0.03
CA HIS A 5 18.46 -1.32 -1.05
C HIS A 5 17.37 -2.26 -0.55
N HIS A 6 17.75 -3.08 0.44
CA HIS A 6 16.86 -4.00 1.15
C HIS A 6 16.36 -5.12 0.28
N HIS A 7 17.10 -5.42 -0.78
CA HIS A 7 16.72 -6.53 -1.62
C HIS A 7 17.38 -7.78 -1.07
N HIS A 8 16.70 -8.36 -0.12
CA HIS A 8 17.16 -9.54 0.57
C HIS A 8 16.98 -10.76 -0.31
N ASN A 9 15.82 -10.86 -0.96
CA ASN A 9 15.48 -12.00 -1.86
C ASN A 9 14.06 -11.86 -2.38
N GLN A 10 13.26 -11.07 -1.64
CA GLN A 10 11.84 -10.85 -1.93
C GLN A 10 10.97 -11.97 -1.48
N GLN A 11 10.25 -11.72 -0.42
CA GLN A 11 9.35 -12.66 0.13
C GLN A 11 8.01 -12.37 -0.48
N ASN A 12 7.37 -13.39 -0.98
CA ASN A 12 6.13 -13.26 -1.75
C ASN A 12 4.96 -12.74 -0.93
N LYS A 13 5.12 -12.69 0.36
CA LYS A 13 4.11 -12.13 1.22
C LYS A 13 4.16 -10.61 1.13
N LYS A 14 5.33 -10.08 0.86
CA LYS A 14 5.50 -8.66 0.90
C LYS A 14 5.40 -7.99 -0.47
N VAL A 15 4.20 -7.91 -0.94
CA VAL A 15 3.86 -7.17 -2.12
C VAL A 15 4.37 -7.79 -3.45
N GLU A 16 3.43 -8.29 -4.22
CA GLU A 16 3.75 -8.87 -5.48
C GLU A 16 3.55 -7.89 -6.61
N GLY A 17 2.33 -7.72 -7.03
CA GLY A 17 2.07 -6.77 -8.07
C GLY A 17 0.82 -5.97 -7.84
N GLY A 18 0.06 -6.34 -6.83
CA GLY A 18 -1.14 -5.65 -6.56
C GLY A 18 -1.07 -4.75 -5.36
N TYR A 19 -2.19 -4.43 -4.82
CA TYR A 19 -2.27 -3.51 -3.72
C TYR A 19 -2.51 -4.28 -2.46
N GLU A 20 -1.52 -4.27 -1.60
CA GLU A 20 -1.59 -4.92 -0.33
C GLU A 20 -2.07 -3.94 0.70
N CYS A 21 -3.20 -4.22 1.30
CA CYS A 21 -3.72 -3.38 2.35
C CYS A 21 -2.86 -3.49 3.62
N LYS A 22 -2.87 -2.46 4.41
CA LYS A 22 -2.25 -2.47 5.70
C LYS A 22 -3.13 -3.26 6.67
N TYR A 23 -4.42 -3.25 6.41
CA TYR A 23 -5.38 -3.78 7.34
C TYR A 23 -5.83 -5.20 7.00
N CYS A 24 -5.25 -5.76 5.96
CA CYS A 24 -5.55 -7.12 5.61
C CYS A 24 -4.41 -7.68 4.81
N THR A 25 -4.26 -8.97 4.81
CA THR A 25 -3.20 -9.60 4.07
C THR A 25 -3.70 -9.97 2.65
N PHE A 26 -4.92 -9.54 2.35
CA PHE A 26 -5.47 -9.75 1.05
C PHE A 26 -5.02 -8.63 0.12
N GLN A 27 -4.26 -9.00 -0.86
CA GLN A 27 -3.75 -8.13 -1.87
C GLN A 27 -4.43 -8.42 -3.19
N THR A 28 -4.72 -7.38 -3.92
CA THR A 28 -5.29 -7.52 -5.22
C THR A 28 -4.75 -6.40 -6.10
N PRO A 29 -4.30 -6.72 -7.31
CA PRO A 29 -3.85 -5.73 -8.29
C PRO A 29 -5.00 -4.97 -8.93
N ASP A 30 -6.20 -5.32 -8.57
CA ASP A 30 -7.35 -4.67 -9.11
C ASP A 30 -7.73 -3.58 -8.19
N LEU A 31 -7.77 -2.38 -8.66
CA LEU A 31 -8.13 -1.27 -7.85
C LEU A 31 -9.58 -1.42 -7.42
N ASN A 32 -10.44 -1.87 -8.32
CA ASN A 32 -11.84 -2.01 -8.03
C ASN A 32 -12.01 -3.00 -6.93
N MET A 33 -11.34 -4.13 -7.06
CA MET A 33 -11.45 -5.19 -6.07
C MET A 33 -10.82 -4.74 -4.80
N PHE A 34 -9.75 -3.96 -4.92
CA PHE A 34 -9.10 -3.40 -3.77
C PHE A 34 -10.03 -2.50 -2.98
N THR A 35 -10.60 -1.51 -3.64
CA THR A 35 -11.45 -0.55 -2.97
C THR A 35 -12.81 -1.17 -2.60
N PHE A 36 -13.21 -2.19 -3.36
CA PHE A 36 -14.42 -2.93 -3.08
C PHE A 36 -14.27 -3.68 -1.79
N HIS A 37 -13.18 -4.41 -1.64
CA HIS A 37 -12.96 -5.16 -0.43
C HIS A 37 -12.67 -4.20 0.71
N VAL A 38 -12.13 -3.02 0.39
CA VAL A 38 -11.96 -1.97 1.38
C VAL A 38 -13.30 -1.64 1.94
N ASP A 39 -14.21 -1.20 1.08
CA ASP A 39 -15.54 -0.74 1.50
C ASP A 39 -16.33 -1.86 2.17
N SER A 40 -15.98 -3.07 1.84
CA SER A 40 -16.63 -4.22 2.37
C SER A 40 -16.03 -4.64 3.72
N GLU A 41 -14.72 -4.72 3.82
CA GLU A 41 -14.11 -5.32 5.00
C GLU A 41 -13.47 -4.31 5.94
N HIS A 42 -12.89 -3.28 5.39
CA HIS A 42 -12.22 -2.28 6.15
C HIS A 42 -12.54 -0.89 5.58
N PRO A 43 -13.84 -0.47 5.63
CA PRO A 43 -14.31 0.81 5.05
C PRO A 43 -13.77 2.01 5.80
N ASN A 44 -13.63 1.84 7.08
CA ASN A 44 -13.07 2.82 7.94
C ASN A 44 -12.13 2.13 8.85
N VAL A 45 -11.03 2.72 9.11
CA VAL A 45 -9.98 2.12 9.85
C VAL A 45 -9.07 3.22 10.35
N VAL A 46 -8.56 3.07 11.56
CA VAL A 46 -7.87 4.16 12.23
C VAL A 46 -6.59 3.63 12.98
N LEU A 47 -6.00 2.59 12.47
CA LEU A 47 -4.92 1.92 13.18
C LEU A 47 -3.51 2.39 12.81
N ASN A 48 -2.95 3.22 13.71
CA ASN A 48 -1.53 3.72 13.73
C ASN A 48 -1.02 4.33 12.41
N SER A 49 0.26 4.65 12.35
CA SER A 49 0.84 5.26 11.18
C SER A 49 1.46 4.19 10.25
N SER A 50 1.38 4.41 8.97
CA SER A 50 1.73 3.50 7.93
C SER A 50 1.94 4.31 6.67
N TYR A 51 2.34 3.68 5.59
CA TYR A 51 2.59 4.37 4.34
C TYR A 51 1.56 4.00 3.28
N VAL A 52 1.16 4.98 2.50
CA VAL A 52 0.21 4.80 1.43
C VAL A 52 0.76 5.42 0.14
N CYS A 53 0.56 4.78 -0.97
CA CYS A 53 0.93 5.35 -2.24
C CYS A 53 -0.20 6.21 -2.61
N VAL A 54 -0.06 7.52 -2.44
CA VAL A 54 -1.13 8.49 -2.75
C VAL A 54 -1.59 8.34 -4.17
N GLU A 55 -0.66 7.94 -5.02
CA GLU A 55 -0.91 7.77 -6.42
C GLU A 55 -1.98 6.71 -6.63
N CYS A 56 -1.86 5.65 -5.86
CA CYS A 56 -2.80 4.52 -5.98
C CYS A 56 -3.83 4.54 -4.86
N ASN A 57 -3.58 5.38 -3.86
CA ASN A 57 -4.36 5.45 -2.63
C ASN A 57 -4.47 4.07 -1.97
N PHE A 58 -3.31 3.45 -1.72
CA PHE A 58 -3.26 2.12 -1.15
C PHE A 58 -2.31 2.09 0.04
N LEU A 59 -2.82 1.67 1.16
CA LEU A 59 -2.07 1.60 2.40
C LEU A 59 -1.53 0.24 2.56
N THR A 60 -0.29 0.14 2.90
CA THR A 60 0.35 -1.13 3.09
C THR A 60 0.97 -1.18 4.49
N LYS A 61 1.33 -2.38 4.91
CA LYS A 61 1.84 -2.65 6.26
C LYS A 61 3.29 -2.27 6.35
N ARG A 62 3.90 -2.11 5.21
CA ARG A 62 5.32 -1.99 5.14
C ARG A 62 5.71 -0.80 4.30
N TYR A 63 6.87 -0.23 4.57
CA TYR A 63 7.31 0.93 3.78
C TYR A 63 7.93 0.44 2.47
N ASP A 64 8.31 -0.84 2.48
CA ASP A 64 8.96 -1.50 1.35
C ASP A 64 8.13 -1.43 0.11
N ALA A 65 6.86 -1.70 0.26
CA ALA A 65 5.95 -1.80 -0.85
C ALA A 65 5.85 -0.49 -1.63
N LEU A 66 6.12 0.61 -0.95
CA LEU A 66 6.12 1.94 -1.54
C LEU A 66 7.45 2.24 -2.20
N SER A 67 8.50 1.68 -1.66
CA SER A 67 9.84 1.93 -2.13
C SER A 67 10.07 1.13 -3.40
N GLU A 68 9.51 -0.05 -3.41
CA GLU A 68 9.57 -0.89 -4.59
C GLU A 68 8.52 -0.47 -5.58
N HIS A 69 7.54 0.22 -5.09
CA HIS A 69 6.39 0.64 -5.88
C HIS A 69 6.81 1.30 -7.21
N ASN A 70 7.60 2.31 -7.16
CA ASN A 70 8.13 2.99 -8.38
C ASN A 70 9.13 2.11 -9.14
N LEU A 71 9.60 1.12 -8.49
CA LEU A 71 10.49 0.16 -9.07
C LEU A 71 9.69 -0.84 -9.96
N LYS A 72 8.66 -1.42 -9.39
CA LYS A 72 7.86 -2.45 -10.07
C LYS A 72 6.48 -1.99 -10.52
N TYR A 73 5.83 -1.25 -9.68
CA TYR A 73 4.46 -0.79 -9.91
C TYR A 73 4.43 0.46 -10.79
N HIS A 74 5.19 1.49 -10.40
CA HIS A 74 5.28 2.73 -11.20
C HIS A 74 6.73 2.93 -11.69
N PRO A 75 7.20 2.09 -12.62
CA PRO A 75 8.58 2.14 -13.09
C PRO A 75 8.90 3.31 -14.02
N GLY A 76 10.09 3.83 -13.86
CA GLY A 76 10.55 4.91 -14.69
C GLY A 76 11.68 5.67 -14.04
N GLU A 77 11.56 5.89 -12.76
CA GLU A 77 12.54 6.64 -11.98
C GLU A 77 12.36 6.29 -10.53
N GLU A 78 13.21 6.79 -9.67
CA GLU A 78 13.02 6.50 -8.28
C GLU A 78 13.09 7.77 -7.48
N ASN A 79 11.95 8.39 -7.27
CA ASN A 79 11.85 9.62 -6.52
C ASN A 79 10.48 9.72 -5.92
N PHE A 80 10.36 9.28 -4.73
CA PHE A 80 9.15 9.37 -4.00
C PHE A 80 9.28 10.45 -2.96
N LYS A 81 8.21 11.11 -2.69
CA LYS A 81 8.17 12.16 -1.72
C LYS A 81 7.32 11.67 -0.55
N LEU A 82 7.39 12.33 0.56
CA LEU A 82 6.63 11.90 1.70
C LEU A 82 5.77 13.04 2.18
N THR A 83 4.52 12.79 2.36
CA THR A 83 3.61 13.76 2.83
C THR A 83 2.65 13.08 3.78
N MET A 84 2.62 13.45 5.04
CA MET A 84 1.74 12.73 5.89
C MET A 84 0.48 13.50 6.01
N VAL A 85 -0.52 13.03 5.33
CA VAL A 85 -1.84 13.55 5.38
C VAL A 85 -2.82 12.42 5.14
N LYS A 86 -3.54 12.00 6.08
CA LYS A 86 -4.55 11.03 5.76
C LYS A 86 -5.77 11.38 6.50
N ARG A 87 -6.81 11.56 5.81
CA ARG A 87 -7.99 12.10 6.37
C ARG A 87 -9.08 11.06 6.30
N ASN A 88 -9.96 11.04 7.32
CA ASN A 88 -11.12 10.11 7.40
C ASN A 88 -10.68 8.69 7.71
N ASN A 89 -9.44 8.52 8.04
CA ASN A 89 -8.88 7.21 8.32
C ASN A 89 -8.04 7.30 9.59
N GLN A 90 -6.77 7.51 9.38
CA GLN A 90 -5.79 7.72 10.41
C GLN A 90 -4.72 8.49 9.77
N THR A 91 -3.80 9.04 10.51
CA THR A 91 -2.78 9.78 9.89
C THR A 91 -1.58 8.92 9.63
N ILE A 92 -1.41 8.72 8.37
CA ILE A 92 -0.47 7.85 7.76
C ILE A 92 0.26 8.60 6.67
N PHE A 93 1.44 8.18 6.34
CA PHE A 93 2.30 8.92 5.46
C PHE A 93 2.01 8.51 4.05
N GLU A 94 1.66 9.49 3.26
CA GLU A 94 1.36 9.28 1.90
C GLU A 94 2.62 9.53 1.12
N GLN A 95 2.91 8.67 0.21
CA GLN A 95 4.12 8.78 -0.53
C GLN A 95 3.75 8.98 -2.01
N THR A 96 4.07 10.16 -2.52
CA THR A 96 3.73 10.54 -3.90
C THR A 96 4.99 10.67 -4.75
N ILE A 97 4.85 10.57 -6.02
CA ILE A 97 5.98 10.67 -6.92
C ILE A 97 5.91 12.01 -7.61
N ASN A 98 7.04 12.49 -8.05
CA ASN A 98 7.16 13.76 -8.74
C ASN A 98 7.23 13.55 -10.25
N ASP A 99 6.94 12.35 -10.69
CA ASP A 99 7.09 12.01 -12.10
C ASP A 99 6.14 10.92 -12.51
N LEU A 100 6.26 9.81 -11.84
CA LEU A 100 5.49 8.58 -12.11
C LEU A 100 4.10 8.70 -11.47
N THR A 101 3.72 9.92 -11.21
CA THR A 101 2.48 10.31 -10.59
C THR A 101 1.28 9.78 -11.39
N PHE A 102 1.42 9.71 -12.68
CA PHE A 102 0.37 9.22 -13.56
C PHE A 102 0.98 8.31 -14.59
ZN ZN B . -7.39 -5.36 1.85
ZN ZN C . 1.11 3.86 -6.75
N MET A 1 -10.26 -33.44 10.73
CA MET A 1 -9.51 -32.21 10.43
C MET A 1 -9.64 -31.21 11.55
N ALA A 2 -10.88 -30.71 11.78
CA ALA A 2 -11.19 -29.63 12.72
C ALA A 2 -10.58 -28.33 12.23
N HIS A 3 -11.41 -27.35 12.00
CA HIS A 3 -10.93 -26.10 11.42
C HIS A 3 -10.26 -25.22 12.46
N HIS A 4 -9.05 -25.56 12.74
CA HIS A 4 -8.19 -24.82 13.61
C HIS A 4 -6.92 -24.62 12.82
N HIS A 5 -6.28 -23.47 12.98
CA HIS A 5 -5.13 -23.07 12.15
C HIS A 5 -5.61 -22.78 10.75
N HIS A 6 -5.96 -21.54 10.51
CA HIS A 6 -6.53 -21.11 9.25
C HIS A 6 -5.49 -21.20 8.15
N HIS A 7 -4.22 -21.03 8.53
CA HIS A 7 -3.06 -21.03 7.62
C HIS A 7 -3.02 -19.77 6.78
N HIS A 8 -1.96 -19.01 6.95
CA HIS A 8 -1.78 -17.73 6.28
C HIS A 8 -1.76 -17.86 4.76
N ASN A 9 -1.99 -16.77 4.09
CA ASN A 9 -1.89 -16.75 2.65
C ASN A 9 -0.42 -16.75 2.25
N GLN A 10 -0.03 -17.80 1.58
CA GLN A 10 1.36 -18.17 1.35
C GLN A 10 2.10 -17.26 0.38
N GLN A 11 1.52 -17.02 -0.76
CA GLN A 11 2.21 -16.32 -1.81
C GLN A 11 2.07 -14.81 -1.66
N ASN A 12 0.85 -14.33 -1.58
CA ASN A 12 0.58 -12.88 -1.47
C ASN A 12 0.80 -12.34 -0.06
N LYS A 13 1.68 -12.96 0.69
CA LYS A 13 1.97 -12.54 2.05
C LYS A 13 2.87 -11.31 2.05
N LYS A 14 3.40 -10.99 0.89
CA LYS A 14 4.25 -9.87 0.68
C LYS A 14 3.82 -9.27 -0.64
N VAL A 15 3.86 -7.96 -0.75
CA VAL A 15 3.44 -7.25 -1.95
C VAL A 15 4.16 -7.82 -3.21
N GLU A 16 3.41 -8.15 -4.22
CA GLU A 16 3.99 -8.62 -5.45
C GLU A 16 3.53 -7.78 -6.62
N GLY A 17 2.23 -7.67 -6.79
CA GLY A 17 1.70 -6.90 -7.85
C GLY A 17 0.27 -6.59 -7.61
N GLY A 18 0.05 -5.46 -7.10
CA GLY A 18 -1.25 -4.99 -6.83
C GLY A 18 -1.31 -4.15 -5.59
N TYR A 19 -2.44 -4.10 -4.98
CA TYR A 19 -2.63 -3.28 -3.83
C TYR A 19 -2.81 -4.15 -2.63
N GLU A 20 -1.84 -4.10 -1.75
CA GLU A 20 -1.88 -4.82 -0.52
C GLU A 20 -2.31 -3.88 0.56
N CYS A 21 -3.40 -4.19 1.21
CA CYS A 21 -3.89 -3.38 2.31
C CYS A 21 -2.98 -3.44 3.54
N LYS A 22 -3.03 -2.38 4.29
CA LYS A 22 -2.42 -2.27 5.58
C LYS A 22 -3.10 -3.23 6.59
N TYR A 23 -4.37 -3.46 6.39
CA TYR A 23 -5.16 -4.18 7.36
C TYR A 23 -5.62 -5.56 6.88
N CYS A 24 -5.13 -6.00 5.75
CA CYS A 24 -5.40 -7.34 5.29
C CYS A 24 -4.21 -7.82 4.49
N THR A 25 -4.02 -9.10 4.40
CA THR A 25 -2.88 -9.63 3.71
C THR A 25 -3.29 -10.07 2.30
N PHE A 26 -4.52 -9.82 1.96
CA PHE A 26 -5.02 -10.13 0.65
C PHE A 26 -4.84 -8.95 -0.28
N GLN A 27 -4.13 -9.19 -1.34
CA GLN A 27 -3.80 -8.19 -2.31
C GLN A 27 -4.55 -8.39 -3.58
N THR A 28 -4.96 -7.30 -4.18
CA THR A 28 -5.57 -7.32 -5.46
C THR A 28 -5.05 -6.14 -6.26
N PRO A 29 -4.59 -6.37 -7.48
CA PRO A 29 -4.15 -5.30 -8.39
C PRO A 29 -5.32 -4.53 -8.98
N ASP A 30 -6.51 -4.91 -8.63
CA ASP A 30 -7.67 -4.22 -9.12
C ASP A 30 -8.02 -3.18 -8.15
N LEU A 31 -8.00 -1.94 -8.57
CA LEU A 31 -8.33 -0.85 -7.70
C LEU A 31 -9.77 -1.00 -7.22
N ASN A 32 -10.67 -1.36 -8.11
CA ASN A 32 -12.06 -1.50 -7.75
C ASN A 32 -12.18 -2.53 -6.69
N MET A 33 -11.55 -3.68 -6.90
CA MET A 33 -11.64 -4.76 -5.93
C MET A 33 -10.95 -4.38 -4.68
N PHE A 34 -9.89 -3.62 -4.82
CA PHE A 34 -9.16 -3.12 -3.66
C PHE A 34 -10.03 -2.23 -2.81
N THR A 35 -10.58 -1.21 -3.40
CA THR A 35 -11.35 -0.23 -2.67
C THR A 35 -12.71 -0.83 -2.26
N PHE A 36 -13.19 -1.79 -3.04
CA PHE A 36 -14.42 -2.50 -2.75
C PHE A 36 -14.26 -3.35 -1.52
N HIS A 37 -13.24 -4.19 -1.51
CA HIS A 37 -13.05 -5.10 -0.40
C HIS A 37 -12.70 -4.30 0.85
N VAL A 38 -12.07 -3.16 0.66
CA VAL A 38 -11.77 -2.29 1.75
C VAL A 38 -13.08 -1.75 2.33
N ASP A 39 -13.86 -1.11 1.49
CA ASP A 39 -15.12 -0.48 1.92
C ASP A 39 -16.09 -1.50 2.49
N SER A 40 -15.96 -2.71 2.05
CA SER A 40 -16.85 -3.74 2.47
C SER A 40 -16.32 -4.50 3.72
N GLU A 41 -15.03 -4.82 3.75
CA GLU A 41 -14.48 -5.67 4.82
C GLU A 41 -13.85 -4.85 5.94
N HIS A 42 -13.17 -3.78 5.59
CA HIS A 42 -12.44 -2.94 6.51
C HIS A 42 -12.55 -1.46 6.14
N PRO A 43 -13.77 -0.88 6.25
CA PRO A 43 -14.02 0.51 5.85
C PRO A 43 -13.38 1.53 6.81
N ASN A 44 -13.61 1.34 8.10
CA ASN A 44 -13.04 2.23 9.11
C ASN A 44 -12.03 1.46 9.92
N VAL A 45 -10.84 1.98 9.95
CA VAL A 45 -9.72 1.35 10.59
C VAL A 45 -8.60 2.40 10.73
N VAL A 46 -7.68 2.21 11.65
CA VAL A 46 -6.57 3.12 11.86
C VAL A 46 -5.25 2.34 12.08
N LEU A 47 -5.20 1.52 13.13
CA LEU A 47 -4.06 0.69 13.51
C LEU A 47 -2.84 1.54 13.98
N ASN A 48 -2.20 2.29 13.08
CA ASN A 48 -0.97 3.05 13.41
C ASN A 48 -0.57 3.89 12.17
N SER A 49 0.65 4.35 12.12
CA SER A 49 1.11 5.19 11.07
C SER A 49 1.71 4.30 9.99
N SER A 50 1.14 4.42 8.85
CA SER A 50 1.41 3.58 7.74
C SER A 50 1.68 4.44 6.54
N TYR A 51 2.05 3.82 5.45
CA TYR A 51 2.35 4.52 4.23
C TYR A 51 1.35 4.14 3.15
N VAL A 52 0.99 5.10 2.35
CA VAL A 52 0.07 4.90 1.27
C VAL A 52 0.66 5.53 0.01
N CYS A 53 0.55 4.84 -1.10
CA CYS A 53 0.95 5.42 -2.37
C CYS A 53 -0.17 6.28 -2.77
N VAL A 54 -0.03 7.59 -2.60
CA VAL A 54 -1.08 8.57 -2.94
C VAL A 54 -1.49 8.42 -4.38
N GLU A 55 -0.53 8.02 -5.18
CA GLU A 55 -0.70 7.83 -6.60
C GLU A 55 -1.77 6.78 -6.88
N CYS A 56 -1.76 5.75 -6.09
CA CYS A 56 -2.73 4.65 -6.29
C CYS A 56 -3.82 4.69 -5.21
N ASN A 57 -3.49 5.41 -4.18
CA ASN A 57 -4.15 5.44 -2.90
C ASN A 57 -4.33 4.08 -2.34
N PHE A 58 -3.22 3.50 -1.99
CA PHE A 58 -3.25 2.18 -1.42
C PHE A 58 -2.37 2.15 -0.17
N LEU A 59 -2.96 1.73 0.92
CA LEU A 59 -2.25 1.65 2.20
C LEU A 59 -1.74 0.26 2.35
N THR A 60 -0.52 0.13 2.76
CA THR A 60 0.10 -1.16 2.92
C THR A 60 0.65 -1.31 4.33
N LYS A 61 0.89 -2.55 4.72
CA LYS A 61 1.37 -2.89 6.04
C LYS A 61 2.86 -2.77 6.11
N ARG A 62 3.50 -2.76 4.97
CA ARG A 62 4.91 -2.74 4.92
C ARG A 62 5.34 -1.46 4.27
N TYR A 63 6.52 -1.04 4.54
CA TYR A 63 7.02 0.18 3.97
C TYR A 63 7.73 -0.14 2.65
N ASP A 64 8.04 -1.44 2.46
CA ASP A 64 8.68 -1.94 1.22
C ASP A 64 7.86 -1.62 0.03
N ALA A 65 6.57 -1.87 0.13
CA ALA A 65 5.67 -1.79 -0.99
C ALA A 65 5.64 -0.42 -1.63
N LEU A 66 6.00 0.60 -0.87
CA LEU A 66 6.07 1.96 -1.39
C LEU A 66 7.41 2.21 -2.05
N SER A 67 8.43 1.60 -1.50
CA SER A 67 9.78 1.74 -1.99
C SER A 67 9.96 0.97 -3.29
N GLU A 68 9.48 -0.22 -3.30
CA GLU A 68 9.56 -1.05 -4.48
C GLU A 68 8.52 -0.59 -5.49
N HIS A 69 7.54 0.14 -5.02
CA HIS A 69 6.43 0.61 -5.83
C HIS A 69 6.93 1.28 -7.13
N ASN A 70 7.71 2.30 -7.04
CA ASN A 70 8.30 2.96 -8.23
C ASN A 70 9.33 2.09 -8.95
N LEU A 71 9.77 1.08 -8.29
CA LEU A 71 10.70 0.15 -8.85
C LEU A 71 9.94 -0.80 -9.83
N LYS A 72 8.87 -1.39 -9.35
CA LYS A 72 8.11 -2.36 -10.14
C LYS A 72 6.75 -1.85 -10.64
N TYR A 73 6.07 -1.16 -9.77
CA TYR A 73 4.69 -0.68 -10.02
C TYR A 73 4.68 0.60 -10.84
N HIS A 74 5.46 1.60 -10.41
CA HIS A 74 5.62 2.84 -11.20
C HIS A 74 7.08 2.97 -11.67
N PRO A 75 7.53 2.13 -12.59
CA PRO A 75 8.93 2.12 -13.04
C PRO A 75 9.31 3.28 -13.96
N GLY A 76 10.54 3.74 -13.81
CA GLY A 76 11.07 4.80 -14.63
C GLY A 76 12.18 5.56 -13.91
N GLU A 77 11.97 5.81 -12.64
CA GLU A 77 12.89 6.55 -11.81
C GLU A 77 12.62 6.17 -10.38
N GLU A 78 13.41 6.66 -9.45
CA GLU A 78 13.17 6.32 -8.08
C GLU A 78 13.29 7.55 -7.22
N ASN A 79 12.17 8.23 -7.03
CA ASN A 79 12.10 9.45 -6.25
C ASN A 79 10.71 9.60 -5.67
N PHE A 80 10.54 9.15 -4.48
CA PHE A 80 9.28 9.26 -3.79
C PHE A 80 9.37 10.35 -2.73
N LYS A 81 8.30 11.03 -2.49
CA LYS A 81 8.23 12.08 -1.49
C LYS A 81 7.27 11.61 -0.40
N LEU A 82 7.28 12.25 0.74
CA LEU A 82 6.42 11.83 1.82
C LEU A 82 5.62 13.01 2.32
N THR A 83 4.34 12.84 2.41
CA THR A 83 3.46 13.85 2.85
C THR A 83 2.43 13.22 3.80
N MET A 84 2.23 13.75 4.99
CA MET A 84 1.27 13.07 5.83
C MET A 84 -0.02 13.82 5.75
N VAL A 85 -0.93 13.26 5.02
CA VAL A 85 -2.27 13.77 4.94
C VAL A 85 -3.23 12.63 4.69
N LYS A 86 -4.03 12.24 5.59
CA LYS A 86 -5.00 11.26 5.23
C LYS A 86 -6.29 11.64 5.87
N ARG A 87 -7.28 11.83 5.10
CA ARG A 87 -8.50 12.37 5.58
C ARG A 87 -9.61 11.37 5.41
N ASN A 88 -10.60 11.41 6.28
CA ASN A 88 -11.75 10.50 6.27
C ASN A 88 -11.36 9.04 6.50
N ASN A 89 -10.18 8.83 7.04
CA ASN A 89 -9.70 7.48 7.33
C ASN A 89 -8.97 7.49 8.66
N GLN A 90 -7.71 7.81 8.61
CA GLN A 90 -6.82 7.91 9.73
C GLN A 90 -5.68 8.74 9.23
N THR A 91 -4.79 9.17 10.07
CA THR A 91 -3.70 9.95 9.60
C THR A 91 -2.43 9.11 9.42
N ILE A 92 -2.08 8.95 8.17
CA ILE A 92 -1.04 8.09 7.65
C ILE A 92 -0.21 8.83 6.60
N PHE A 93 1.01 8.42 6.38
CA PHE A 93 1.92 9.15 5.51
C PHE A 93 1.71 8.68 4.09
N GLU A 94 1.44 9.62 3.24
CA GLU A 94 1.22 9.36 1.86
C GLU A 94 2.53 9.59 1.14
N GLN A 95 2.83 8.76 0.20
CA GLN A 95 4.06 8.85 -0.49
C GLN A 95 3.78 9.05 -1.99
N THR A 96 4.13 10.23 -2.51
CA THR A 96 3.87 10.57 -3.91
C THR A 96 5.16 10.68 -4.67
N ILE A 97 5.09 10.58 -5.95
CA ILE A 97 6.24 10.66 -6.80
C ILE A 97 6.27 12.04 -7.43
N ASN A 98 7.43 12.46 -7.83
CA ASN A 98 7.60 13.75 -8.48
C ASN A 98 7.68 13.57 -10.00
N ASP A 99 7.39 12.38 -10.48
CA ASP A 99 7.60 12.07 -11.89
C ASP A 99 6.62 11.02 -12.39
N LEU A 100 6.65 9.86 -11.72
CA LEU A 100 5.90 8.65 -12.11
C LEU A 100 4.43 8.78 -11.71
N THR A 101 4.07 10.00 -11.45
CA THR A 101 2.75 10.41 -11.12
C THR A 101 1.91 10.48 -12.41
N PHE A 102 2.61 10.58 -13.52
CA PHE A 102 1.98 10.63 -14.83
C PHE A 102 2.39 9.41 -15.63
ZN ZN B . -7.64 -5.32 1.86
ZN ZN C . 1.30 3.75 -6.79
N MET A 1 26.42 -21.29 -9.80
CA MET A 1 25.03 -21.73 -9.92
C MET A 1 24.97 -23.16 -10.38
N ALA A 2 24.18 -23.95 -9.70
CA ALA A 2 23.99 -25.34 -10.02
C ALA A 2 22.60 -25.78 -9.64
N HIS A 3 22.29 -25.70 -8.35
CA HIS A 3 21.02 -26.18 -7.83
C HIS A 3 20.42 -25.19 -6.84
N HIS A 4 20.70 -23.92 -7.02
CA HIS A 4 20.13 -22.92 -6.16
C HIS A 4 18.65 -22.77 -6.50
N HIS A 5 17.82 -23.17 -5.59
CA HIS A 5 16.39 -23.14 -5.78
C HIS A 5 15.85 -21.74 -5.59
N HIS A 6 15.34 -21.19 -6.66
CA HIS A 6 14.78 -19.86 -6.64
C HIS A 6 13.29 -19.98 -6.59
N HIS A 7 12.71 -19.59 -5.49
CA HIS A 7 11.28 -19.58 -5.38
C HIS A 7 10.79 -18.32 -6.04
N HIS A 8 10.27 -18.46 -7.26
CA HIS A 8 9.76 -17.31 -8.00
C HIS A 8 8.54 -16.82 -7.28
N ASN A 9 8.72 -15.72 -6.60
CA ASN A 9 7.73 -15.17 -5.68
C ASN A 9 7.43 -16.14 -4.57
N GLN A 10 6.36 -16.96 -4.76
CA GLN A 10 5.83 -17.87 -3.73
C GLN A 10 5.57 -16.98 -2.52
N GLN A 11 5.07 -15.81 -2.81
CA GLN A 11 4.98 -14.79 -1.85
C GLN A 11 3.55 -14.64 -1.40
N ASN A 12 3.39 -14.21 -0.18
CA ASN A 12 2.08 -14.02 0.43
C ASN A 12 2.23 -13.19 1.70
N LYS A 13 3.45 -13.18 2.23
CA LYS A 13 3.76 -12.44 3.44
C LYS A 13 4.29 -11.04 3.11
N LYS A 14 4.46 -10.77 1.84
CA LYS A 14 5.02 -9.51 1.38
C LYS A 14 4.32 -9.14 0.07
N VAL A 15 4.27 -7.84 -0.23
CA VAL A 15 3.63 -7.29 -1.43
C VAL A 15 4.27 -7.90 -2.73
N GLU A 16 3.46 -8.32 -3.70
CA GLU A 16 4.03 -8.86 -4.95
C GLU A 16 3.93 -7.87 -6.09
N GLY A 17 2.74 -7.76 -6.66
CA GLY A 17 2.55 -6.87 -7.79
C GLY A 17 1.21 -6.20 -7.77
N GLY A 18 0.59 -6.23 -6.65
CA GLY A 18 -0.69 -5.60 -6.51
C GLY A 18 -0.77 -4.77 -5.26
N TYR A 19 -1.95 -4.56 -4.79
CA TYR A 19 -2.14 -3.74 -3.64
C TYR A 19 -2.45 -4.59 -2.44
N GLU A 20 -1.52 -4.59 -1.53
CA GLU A 20 -1.65 -5.26 -0.26
C GLU A 20 -2.29 -4.29 0.70
N CYS A 21 -3.38 -4.68 1.28
CA CYS A 21 -4.01 -3.89 2.32
C CYS A 21 -3.09 -3.78 3.56
N LYS A 22 -3.18 -2.67 4.24
CA LYS A 22 -2.52 -2.53 5.52
C LYS A 22 -3.33 -3.26 6.59
N TYR A 23 -4.61 -3.45 6.29
CA TYR A 23 -5.56 -3.89 7.28
C TYR A 23 -5.81 -5.38 7.19
N CYS A 24 -5.18 -6.00 6.23
CA CYS A 24 -5.32 -7.42 6.01
C CYS A 24 -4.25 -7.83 5.04
N THR A 25 -3.68 -8.98 5.20
CA THR A 25 -2.68 -9.39 4.28
C THR A 25 -3.32 -10.14 3.11
N PHE A 26 -3.86 -9.37 2.21
CA PHE A 26 -4.48 -9.85 0.99
C PHE A 26 -4.13 -8.86 -0.07
N GLN A 27 -3.84 -9.33 -1.24
CA GLN A 27 -3.42 -8.47 -2.28
C GLN A 27 -4.21 -8.65 -3.56
N THR A 28 -4.54 -7.55 -4.17
CA THR A 28 -5.14 -7.55 -5.46
C THR A 28 -4.50 -6.42 -6.27
N PRO A 29 -3.94 -6.73 -7.43
CA PRO A 29 -3.38 -5.73 -8.36
C PRO A 29 -4.44 -4.89 -9.04
N ASP A 30 -5.68 -5.17 -8.74
CA ASP A 30 -6.78 -4.45 -9.31
C ASP A 30 -7.14 -3.36 -8.36
N LEU A 31 -7.05 -2.14 -8.81
CA LEU A 31 -7.42 -1.03 -8.00
C LEU A 31 -8.90 -1.11 -7.67
N ASN A 32 -9.74 -1.48 -8.64
CA ASN A 32 -11.16 -1.52 -8.42
C ASN A 32 -11.46 -2.52 -7.35
N MET A 33 -10.85 -3.69 -7.47
CA MET A 33 -11.09 -4.74 -6.50
C MET A 33 -10.51 -4.35 -5.19
N PHE A 34 -9.37 -3.67 -5.22
CA PHE A 34 -8.74 -3.19 -4.01
C PHE A 34 -9.64 -2.19 -3.29
N THR A 35 -10.04 -1.15 -3.99
CA THR A 35 -10.83 -0.11 -3.38
C THR A 35 -12.23 -0.62 -3.04
N PHE A 36 -12.68 -1.62 -3.78
CA PHE A 36 -13.93 -2.28 -3.48
C PHE A 36 -13.81 -3.01 -2.17
N HIS A 37 -12.81 -3.87 -2.09
CA HIS A 37 -12.51 -4.64 -0.91
C HIS A 37 -12.25 -3.72 0.29
N VAL A 38 -11.71 -2.57 0.01
CA VAL A 38 -11.49 -1.58 1.03
C VAL A 38 -12.80 -0.95 1.43
N ASP A 39 -13.55 -0.43 0.50
CA ASP A 39 -14.77 0.31 0.85
C ASP A 39 -15.82 -0.65 1.44
N SER A 40 -15.69 -1.90 1.10
CA SER A 40 -16.58 -2.91 1.58
C SER A 40 -16.13 -3.43 2.95
N GLU A 41 -14.86 -3.81 3.07
CA GLU A 41 -14.42 -4.53 4.25
C GLU A 41 -13.59 -3.67 5.20
N HIS A 42 -13.08 -2.58 4.70
CA HIS A 42 -12.26 -1.68 5.52
C HIS A 42 -12.65 -0.20 5.23
N PRO A 43 -13.94 0.17 5.36
CA PRO A 43 -14.45 1.50 4.96
C PRO A 43 -13.85 2.65 5.80
N ASN A 44 -13.61 2.38 7.05
CA ASN A 44 -13.05 3.35 7.98
C ASN A 44 -11.99 2.68 8.79
N VAL A 45 -10.78 3.12 8.62
CA VAL A 45 -9.68 2.51 9.30
C VAL A 45 -8.90 3.48 10.12
N VAL A 46 -8.83 3.21 11.39
CA VAL A 46 -8.02 4.00 12.26
C VAL A 46 -7.06 3.08 12.99
N LEU A 47 -5.91 2.85 12.39
CA LEU A 47 -4.91 1.96 12.94
C LEU A 47 -3.58 2.69 13.14
N ASN A 48 -2.47 1.93 13.34
CA ASN A 48 -1.13 2.51 13.58
C ASN A 48 -0.56 3.16 12.31
N SER A 49 0.72 3.45 12.30
CA SER A 49 1.30 4.21 11.22
C SER A 49 1.81 3.29 10.12
N SER A 50 1.59 3.72 8.91
CA SER A 50 1.84 2.99 7.74
C SER A 50 1.97 3.98 6.62
N TYR A 51 2.29 3.52 5.46
CA TYR A 51 2.45 4.37 4.32
C TYR A 51 1.42 4.01 3.28
N VAL A 52 0.99 4.98 2.53
CA VAL A 52 0.03 4.81 1.48
C VAL A 52 0.56 5.44 0.22
N CYS A 53 0.37 4.79 -0.86
CA CYS A 53 0.70 5.30 -2.13
C CYS A 53 -0.44 6.20 -2.49
N VAL A 54 -0.25 7.49 -2.37
CA VAL A 54 -1.31 8.47 -2.63
C VAL A 54 -1.78 8.40 -4.05
N GLU A 55 -0.92 7.92 -4.92
CA GLU A 55 -1.27 7.87 -6.32
C GLU A 55 -2.33 6.82 -6.51
N CYS A 56 -2.17 5.74 -5.78
CA CYS A 56 -3.07 4.62 -5.95
C CYS A 56 -4.07 4.53 -4.80
N ASN A 57 -3.81 5.32 -3.77
CA ASN A 57 -4.58 5.37 -2.54
C ASN A 57 -4.66 4.00 -1.88
N PHE A 58 -3.49 3.39 -1.73
CA PHE A 58 -3.40 2.04 -1.20
C PHE A 58 -2.47 2.02 -0.01
N LEU A 59 -2.99 1.57 1.09
CA LEU A 59 -2.26 1.48 2.31
C LEU A 59 -1.69 0.13 2.47
N THR A 60 -0.45 0.08 2.79
CA THR A 60 0.23 -1.16 3.03
C THR A 60 0.85 -1.11 4.42
N LYS A 61 1.02 -2.25 5.01
CA LYS A 61 1.51 -2.36 6.36
C LYS A 61 3.02 -2.56 6.39
N ARG A 62 3.68 -2.12 5.35
CA ARG A 62 5.10 -2.19 5.26
C ARG A 62 5.57 -0.95 4.54
N TYR A 63 6.83 -0.62 4.67
CA TYR A 63 7.38 0.55 4.02
C TYR A 63 7.86 0.18 2.62
N ASP A 64 8.20 -1.09 2.46
CA ASP A 64 8.78 -1.62 1.23
C ASP A 64 7.90 -1.39 0.05
N ALA A 65 6.63 -1.69 0.18
CA ALA A 65 5.70 -1.69 -0.94
C ALA A 65 5.63 -0.34 -1.64
N LEU A 66 5.94 0.71 -0.92
CA LEU A 66 5.94 2.06 -1.46
C LEU A 66 7.26 2.35 -2.15
N SER A 67 8.31 1.84 -1.59
CA SER A 67 9.66 2.04 -2.08
C SER A 67 9.89 1.28 -3.36
N GLU A 68 9.46 0.06 -3.35
CA GLU A 68 9.59 -0.79 -4.50
C GLU A 68 8.50 -0.45 -5.50
N HIS A 69 7.46 0.20 -5.03
CA HIS A 69 6.29 0.57 -5.85
C HIS A 69 6.72 1.16 -7.21
N ASN A 70 7.41 2.24 -7.21
CA ASN A 70 7.91 2.89 -8.46
C ASN A 70 8.99 2.04 -9.17
N LEU A 71 9.53 1.11 -8.45
CA LEU A 71 10.50 0.21 -8.99
C LEU A 71 9.80 -0.87 -9.86
N LYS A 72 8.80 -1.51 -9.29
CA LYS A 72 8.11 -2.62 -9.96
C LYS A 72 6.70 -2.27 -10.44
N TYR A 73 6.02 -1.53 -9.65
CA TYR A 73 4.61 -1.13 -9.86
C TYR A 73 4.51 0.08 -10.79
N HIS A 74 5.20 1.18 -10.44
CA HIS A 74 5.21 2.37 -11.31
C HIS A 74 6.61 2.65 -11.87
N PRO A 75 7.09 1.83 -12.80
CA PRO A 75 8.44 1.96 -13.34
C PRO A 75 8.62 3.15 -14.27
N GLY A 76 9.79 3.73 -14.22
CA GLY A 76 10.13 4.86 -15.04
C GLY A 76 11.26 5.64 -14.44
N GLU A 77 11.21 5.77 -13.13
CA GLU A 77 12.20 6.49 -12.36
C GLU A 77 11.99 6.15 -10.92
N GLU A 78 12.84 6.61 -10.07
CA GLU A 78 12.67 6.36 -8.67
C GLU A 78 12.73 7.67 -7.90
N ASN A 79 11.57 8.26 -7.69
CA ASN A 79 11.45 9.56 -7.01
C ASN A 79 10.10 9.65 -6.35
N PHE A 80 10.05 9.30 -5.10
CA PHE A 80 8.83 9.40 -4.32
C PHE A 80 8.99 10.48 -3.28
N LYS A 81 7.92 11.07 -2.89
CA LYS A 81 7.93 12.10 -1.89
C LYS A 81 7.05 11.60 -0.74
N LEU A 82 7.14 12.20 0.42
CA LEU A 82 6.34 11.78 1.53
C LEU A 82 5.54 12.94 2.08
N THR A 83 4.29 12.70 2.35
CA THR A 83 3.40 13.67 2.90
C THR A 83 2.44 12.97 3.86
N MET A 84 2.43 13.32 5.12
CA MET A 84 1.55 12.58 5.99
C MET A 84 0.27 13.34 6.14
N VAL A 85 -0.75 12.86 5.48
CA VAL A 85 -2.09 13.39 5.57
C VAL A 85 -3.09 12.26 5.32
N LYS A 86 -3.82 11.82 6.27
CA LYS A 86 -4.85 10.85 5.93
C LYS A 86 -6.08 11.22 6.68
N ARG A 87 -7.09 11.60 5.97
CA ARG A 87 -8.21 12.21 6.59
C ARG A 87 -9.40 11.28 6.69
N ASN A 88 -10.06 11.33 7.85
CA ASN A 88 -11.22 10.48 8.20
C ASN A 88 -10.82 9.04 8.40
N ASN A 89 -9.54 8.86 8.61
CA ASN A 89 -8.93 7.58 8.91
C ASN A 89 -7.83 7.88 9.90
N GLN A 90 -6.78 7.12 9.88
CA GLN A 90 -5.67 7.39 10.74
C GLN A 90 -4.71 8.21 9.98
N THR A 91 -3.81 8.84 10.63
CA THR A 91 -2.85 9.61 9.95
C THR A 91 -1.62 8.77 9.68
N ILE A 92 -1.48 8.49 8.45
CA ILE A 92 -0.51 7.64 7.85
C ILE A 92 0.22 8.41 6.77
N PHE A 93 1.41 8.01 6.45
CA PHE A 93 2.24 8.79 5.59
C PHE A 93 1.95 8.41 4.17
N GLU A 94 1.58 9.38 3.40
CA GLU A 94 1.25 9.16 2.04
C GLU A 94 2.51 9.43 1.24
N GLN A 95 2.75 8.62 0.27
CA GLN A 95 3.95 8.75 -0.50
C GLN A 95 3.54 8.96 -1.94
N THR A 96 3.85 10.13 -2.49
CA THR A 96 3.44 10.49 -3.85
C THR A 96 4.63 10.59 -4.76
N ILE A 97 4.44 10.36 -6.02
CA ILE A 97 5.48 10.51 -7.01
C ILE A 97 5.26 11.83 -7.70
N ASN A 98 6.30 12.38 -8.21
CA ASN A 98 6.25 13.64 -8.89
C ASN A 98 6.26 13.44 -10.40
N ASP A 99 5.96 12.22 -10.85
CA ASP A 99 5.98 11.93 -12.28
C ASP A 99 5.21 10.67 -12.61
N LEU A 100 5.57 9.56 -11.95
CA LEU A 100 4.95 8.22 -12.18
C LEU A 100 3.60 8.12 -11.45
N THR A 101 3.04 9.26 -11.16
CA THR A 101 1.81 9.48 -10.39
C THR A 101 0.60 8.67 -10.93
N PHE A 102 0.67 8.26 -12.18
CA PHE A 102 -0.38 7.46 -12.81
C PHE A 102 -0.46 6.04 -12.19
ZN ZN B . -7.78 -5.99 2.49
ZN ZN C . 0.95 4.26 -6.63
#